data_9K9N
#
_entry.id   9K9N
#
_cell.length_a   1.00
_cell.length_b   1.00
_cell.length_c   1.00
_cell.angle_alpha   90.00
_cell.angle_beta   90.00
_cell.angle_gamma   90.00
#
_symmetry.space_group_name_H-M   'P 1'
#
loop_
_entity.id
_entity.type
_entity.pdbx_description
1 polymer 'Dipeptidyl peptidase 4 soluble form'
2 polymer 'Spike protein S1'
3 branched 2-acetamido-2-deoxy-beta-D-glucopyranose-(1-4)-2-acetamido-2-deoxy-beta-D-glucopyranose
4 branched alpha-D-mannopyranose-(1-2)-alpha-D-mannopyranose-(1-3)-beta-D-mannopyranose-(1-4)-2-acetamido-2-deoxy-beta-D-glucopyranose-(1-4)-2-acetamido-2-deoxy-beta-D-glucopyranose
5 branched 2-acetamido-2-deoxy-beta-D-glucopyranose-(1-4)-[alpha-L-fucopyranose-(1-6)]2-acetamido-2-deoxy-beta-D-glucopyranose
6 non-polymer 2-acetamido-2-deoxy-beta-D-glucopyranose
#
loop_
_entity_poly.entity_id
_entity_poly.type
_entity_poly.pdbx_seq_one_letter_code
_entity_poly.pdbx_strand_id
1 'polypeptide(L)'
;MGILPSPGMPALLSLVSLLSVLLMGCVAETGTSRKTYTLTDYLKNTYRLKLYSLRWISDHEYLYKQENNILVFNAEYGNS
SVFLENSTFDEFGHSINDYSISPDGQFILLEYNYVKQWRHSYTASYDIYDLNKRQLITEERIPNNTQWVTWSPVGHKLAY
VWNNDIYVKIEPNLPSYRITWTGKEDIIYNGITDWVYEEEVFSAYSALWWSPNGTFLAYAQFNDTEVPLIEYSFYSDESL
QYPKTVRVPYPKAGAVNPTVKFFVVNTDSLSSVTNATSIQITAPASMLIGDHYLCDVTWATQERISLQWLRRIQNYSVMD
ICDYDESSGRWNCLVARQHIEMSTTGWVGRFRPSEPHFTLDGNSFYKIISNEEGYRHICYFQIDKKDCTFITKGTWEVIG
IEALTSDYLYYISNEYKGMPGGRNLYKIQLSDYTKVTCLSCELNPERCQYYSVSFSKEAKYYQLRCSGPGLPLYTLHSSV
NDKGLRVLEDNSALDKMLQNVQMPSKKLDFIILNETKFWYQMILPPHFDKSKKYPLLLDVYAGPCSQKADTVFRLNWATY
LASTENIIVASFDGRGSGYQGDKIMHAINRRLGTFEVEDQIEAARQFSKMGFVDNKRIAIWGWSYGGYVTSMVLGSGSGV
FKCGIAVAPVSRWEYYDSVYTERYMGLPTPEDNLDHYRNSTVMSRAENFKQVEYLLIHGTADDNVHFQQSAQISKALVDV
GVDFQAMWYTDEDHGIASSTAHQHIYTHMSHFIKQCFSLPHHHHHH
;
A,B
2 'polypeptide(L)'
;MHSSALLCCLVLLTGVRAKECDFTPMLVGVPPQVYNFKRLVFTNCNYNLTKLLSLFMVNEFSCNGISPDAIARGCYSSLT
VDYFAYPLSMRSYIQPGSAGDISLYNYKQSFANPTCRVLATAPANLTLTKPSAYGYFQKCSRVSGEHNSVETPLYINPGE
YSICRSFSPYGFSEDGEVFRRQLTQYEGGGILVGVGAKLAMTDKLEMGFIISVQYGTDTNSVCPMHHHHHH
;
C
#
# COMPACT_ATOMS: atom_id res chain seq x y z
N SER A 33 -2.93 -21.05 -49.36
CA SER A 33 -3.60 -22.35 -49.46
C SER A 33 -3.22 -23.24 -48.28
N ARG A 34 -1.92 -23.37 -48.03
CA ARG A 34 -1.42 -24.18 -46.93
C ARG A 34 -1.49 -23.38 -45.63
N LYS A 35 -1.00 -23.98 -44.54
CA LYS A 35 -1.04 -23.33 -43.24
C LYS A 35 0.10 -22.32 -43.11
N THR A 36 -0.05 -21.42 -42.16
CA THR A 36 0.92 -20.37 -41.90
C THR A 36 1.33 -20.39 -40.43
N TYR A 37 2.41 -19.67 -40.13
CA TYR A 37 2.89 -19.54 -38.77
C TYR A 37 1.89 -18.71 -37.96
N THR A 38 1.24 -19.33 -36.98
CA THR A 38 0.18 -18.69 -36.22
C THR A 38 0.67 -18.28 -34.85
N LEU A 39 -0.17 -17.51 -34.15
CA LEU A 39 0.18 -17.05 -32.81
C LEU A 39 0.25 -18.22 -31.83
N THR A 40 -0.59 -19.24 -32.04
CA THR A 40 -0.56 -20.41 -31.17
C THR A 40 0.75 -21.18 -31.35
N ASP A 41 1.28 -21.20 -32.57
CA ASP A 41 2.56 -21.86 -32.81
C ASP A 41 3.68 -21.18 -32.04
N TYR A 42 3.67 -19.84 -32.01
CA TYR A 42 4.70 -19.12 -31.26
C TYR A 42 4.52 -19.29 -29.75
N LEU A 43 3.28 -19.26 -29.28
CA LEU A 43 3.03 -19.30 -27.85
C LEU A 43 3.19 -20.72 -27.28
N LYS A 44 2.77 -21.74 -28.04
CA LYS A 44 2.84 -23.11 -27.57
C LYS A 44 4.14 -23.80 -27.97
N ASN A 45 5.00 -23.15 -28.76
CA ASN A 45 6.29 -23.69 -29.18
C ASN A 45 6.12 -25.02 -29.92
N THR A 46 5.36 -24.95 -31.02
CA THR A 46 5.14 -26.14 -31.83
C THR A 46 6.42 -26.56 -32.56
N TYR A 47 7.10 -25.61 -33.17
CA TYR A 47 8.34 -25.86 -33.90
C TYR A 47 9.51 -25.48 -33.01
N ARG A 48 10.41 -26.43 -32.77
CA ARG A 48 11.48 -26.29 -31.79
C ARG A 48 12.83 -26.38 -32.47
N LEU A 49 13.78 -25.57 -31.98
CA LEU A 49 15.17 -25.65 -32.39
C LEU A 49 15.93 -26.48 -31.38
N LYS A 50 16.64 -27.49 -31.85
CA LYS A 50 17.33 -28.41 -30.96
C LYS A 50 18.82 -28.13 -30.99
N LEU A 51 19.44 -28.17 -29.81
CA LEU A 51 20.78 -27.66 -29.60
C LEU A 51 21.74 -28.80 -29.30
N TYR A 52 22.97 -28.43 -28.91
CA TYR A 52 24.01 -29.39 -28.54
C TYR A 52 24.94 -28.71 -27.56
N SER A 53 24.75 -29.00 -26.27
CA SER A 53 25.56 -28.41 -25.20
C SER A 53 26.53 -29.45 -24.67
N LEU A 54 27.80 -29.07 -24.58
CA LEU A 54 28.84 -29.98 -24.11
C LEU A 54 29.76 -29.27 -23.13
N ARG A 55 30.35 -30.04 -22.22
CA ARG A 55 31.30 -29.53 -21.24
C ARG A 55 32.61 -30.28 -21.40
N TRP A 56 33.69 -29.55 -21.68
CA TRP A 56 35.00 -30.16 -21.80
C TRP A 56 35.54 -30.46 -20.40
N ILE A 57 35.85 -31.74 -20.15
CA ILE A 57 36.43 -32.15 -18.88
C ILE A 57 37.90 -32.48 -18.98
N SER A 58 38.44 -32.62 -20.19
CA SER A 58 39.85 -32.88 -20.39
C SER A 58 40.24 -32.33 -21.75
N ASP A 59 41.43 -32.71 -22.21
CA ASP A 59 41.92 -32.31 -23.51
C ASP A 59 41.33 -33.15 -24.63
N HIS A 60 40.83 -34.35 -24.30
CA HIS A 60 40.32 -35.27 -25.31
C HIS A 60 38.84 -35.60 -25.18
N GLU A 61 38.22 -35.38 -24.02
CA GLU A 61 36.88 -35.88 -23.76
C GLU A 61 35.96 -34.75 -23.30
N TYR A 62 34.66 -34.92 -23.58
CA TYR A 62 33.64 -33.97 -23.14
C TYR A 62 32.42 -34.75 -22.64
N LEU A 63 31.50 -34.03 -22.01
CA LEU A 63 30.31 -34.61 -21.41
C LEU A 63 29.06 -34.19 -22.18
N TYR A 64 28.04 -35.04 -22.11
CA TYR A 64 26.77 -34.82 -22.78
C TYR A 64 25.67 -35.51 -21.99
N LYS A 65 24.44 -35.04 -22.16
CA LYS A 65 23.30 -35.55 -21.40
C LYS A 65 22.18 -35.91 -22.36
N GLN A 66 21.79 -37.19 -22.38
CA GLN A 66 20.81 -37.69 -23.33
C GLN A 66 19.97 -38.77 -22.68
N GLU A 67 18.65 -38.63 -22.78
CA GLU A 67 17.67 -39.39 -21.99
C GLU A 67 18.03 -39.38 -20.51
N ASN A 68 18.42 -38.22 -20.00
CA ASN A 68 18.79 -38.04 -18.60
C ASN A 68 19.94 -38.98 -18.19
N ASN A 69 20.84 -39.27 -19.12
CA ASN A 69 22.05 -40.02 -18.85
C ASN A 69 23.26 -39.19 -19.24
N ILE A 70 24.27 -39.18 -18.38
CA ILE A 70 25.51 -38.46 -18.63
C ILE A 70 26.47 -39.41 -19.34
N LEU A 71 26.98 -38.99 -20.50
CA LEU A 71 27.84 -39.80 -21.32
C LEU A 71 29.19 -39.11 -21.53
N VAL A 72 30.23 -39.91 -21.69
CA VAL A 72 31.57 -39.42 -21.98
C VAL A 72 31.92 -39.78 -23.42
N PHE A 73 32.32 -38.78 -24.20
CA PHE A 73 32.60 -38.95 -25.62
C PHE A 73 34.08 -38.73 -25.87
N ASN A 74 34.65 -39.56 -26.74
CA ASN A 74 36.02 -39.36 -27.21
C ASN A 74 35.99 -38.53 -28.47
N ALA A 75 36.72 -37.40 -28.46
CA ALA A 75 36.64 -36.47 -29.56
C ALA A 75 37.29 -37.02 -30.83
N GLU A 76 38.29 -37.89 -30.69
CA GLU A 76 39.04 -38.34 -31.86
C GLU A 76 38.25 -39.33 -32.69
N TYR A 77 37.56 -40.28 -32.04
CA TYR A 77 36.91 -41.37 -32.76
C TYR A 77 35.39 -41.35 -32.69
N GLY A 78 34.81 -40.61 -31.76
CA GLY A 78 33.37 -40.59 -31.61
C GLY A 78 32.80 -41.67 -30.72
N ASN A 79 33.65 -42.52 -30.14
CA ASN A 79 33.20 -43.54 -29.21
C ASN A 79 32.64 -42.90 -27.94
N SER A 80 31.67 -43.57 -27.33
CA SER A 80 31.00 -43.05 -26.14
C SER A 80 30.87 -44.15 -25.09
N SER A 81 30.63 -43.70 -23.86
CA SER A 81 30.43 -44.60 -22.73
C SER A 81 29.57 -43.90 -21.70
N VAL A 82 29.01 -44.67 -20.77
CA VAL A 82 28.08 -44.16 -19.78
C VAL A 82 28.88 -43.75 -18.54
N PHE A 83 28.65 -42.53 -18.08
CA PHE A 83 29.30 -41.98 -16.89
C PHE A 83 28.41 -42.04 -15.65
N LEU A 84 27.12 -41.72 -15.81
CA LEU A 84 26.16 -41.84 -14.72
C LEU A 84 24.80 -42.17 -15.31
N GLU A 85 24.13 -43.15 -14.72
CA GLU A 85 22.85 -43.64 -15.22
C GLU A 85 21.70 -43.00 -14.45
N ASN A 86 20.53 -42.98 -15.09
CA ASN A 86 19.38 -42.27 -14.54
C ASN A 86 18.74 -43.00 -13.37
N SER A 87 19.02 -44.28 -13.18
CA SER A 87 18.43 -45.02 -12.06
C SER A 87 18.91 -44.45 -10.73
N THR A 88 20.16 -44.02 -10.66
CA THR A 88 20.68 -43.43 -9.43
C THR A 88 19.96 -42.13 -9.09
N PHE A 89 19.60 -41.35 -10.12
CA PHE A 89 18.90 -40.09 -9.88
C PHE A 89 17.53 -40.33 -9.26
N ASP A 90 16.89 -41.46 -9.57
CA ASP A 90 15.54 -41.71 -9.07
C ASP A 90 15.54 -41.93 -7.56
N GLU A 91 16.59 -42.54 -7.02
CA GLU A 91 16.63 -42.92 -5.61
C GLU A 91 17.04 -41.76 -4.71
N PHE A 92 17.42 -40.61 -5.25
CA PHE A 92 17.86 -39.50 -4.41
C PHE A 92 16.72 -38.98 -3.54
N GLY A 93 15.52 -38.88 -4.10
CA GLY A 93 14.36 -38.45 -3.34
C GLY A 93 13.92 -37.02 -3.58
N HIS A 94 14.57 -36.29 -4.49
CA HIS A 94 14.20 -34.92 -4.80
C HIS A 94 14.29 -34.72 -6.30
N SER A 95 13.94 -33.51 -6.73
CA SER A 95 14.10 -33.10 -8.12
C SER A 95 15.40 -32.32 -8.27
N ILE A 96 16.30 -32.82 -9.10
CA ILE A 96 17.61 -32.21 -9.28
C ILE A 96 17.52 -31.17 -10.39
N ASN A 97 18.02 -29.96 -10.11
CA ASN A 97 17.98 -28.88 -11.08
C ASN A 97 19.26 -28.82 -11.92
N ASP A 98 20.42 -29.00 -11.30
CA ASP A 98 21.68 -28.86 -12.02
C ASP A 98 22.73 -29.70 -11.29
N TYR A 99 23.86 -29.90 -11.95
CA TYR A 99 24.94 -30.73 -11.42
C TYR A 99 26.28 -30.09 -11.73
N SER A 100 27.30 -30.48 -10.97
CA SER A 100 28.67 -30.06 -11.18
C SER A 100 29.60 -31.21 -10.82
N ILE A 101 30.67 -31.36 -11.60
CA ILE A 101 31.59 -32.48 -11.47
C ILE A 101 32.98 -31.94 -11.18
N SER A 102 33.65 -32.53 -10.19
CA SER A 102 34.97 -32.07 -9.81
C SER A 102 35.99 -32.35 -10.92
N PRO A 103 37.05 -31.54 -11.00
CA PRO A 103 38.03 -31.75 -12.07
C PRO A 103 38.69 -33.12 -12.06
N ASP A 104 38.94 -33.69 -10.89
CA ASP A 104 39.58 -34.99 -10.83
C ASP A 104 38.60 -36.12 -11.19
N GLY A 105 37.30 -35.87 -11.08
CA GLY A 105 36.32 -36.86 -11.44
C GLY A 105 35.89 -37.78 -10.33
N GLN A 106 36.14 -37.43 -9.07
CA GLN A 106 35.83 -38.31 -7.95
C GLN A 106 34.50 -37.98 -7.27
N PHE A 107 34.04 -36.74 -7.37
CA PHE A 107 32.81 -36.32 -6.71
C PHE A 107 31.91 -35.59 -7.68
N ILE A 108 30.62 -35.58 -7.36
CA ILE A 108 29.61 -34.85 -8.11
C ILE A 108 28.78 -34.03 -7.14
N LEU A 109 28.37 -32.84 -7.58
CA LEU A 109 27.63 -31.90 -6.75
C LEU A 109 26.20 -31.78 -7.28
N LEU A 110 25.23 -31.96 -6.40
CA LEU A 110 23.82 -31.93 -6.76
C LEU A 110 23.15 -30.70 -6.16
N GLU A 111 22.24 -30.10 -6.93
CA GLU A 111 21.58 -28.86 -6.53
C GLU A 111 20.07 -29.03 -6.63
N TYR A 112 19.35 -28.64 -5.57
CA TYR A 112 17.90 -28.68 -5.56
C TYR A 112 17.39 -27.54 -4.67
N ASN A 113 16.07 -27.41 -4.60
CA ASN A 113 15.39 -26.35 -3.85
C ASN A 113 15.83 -24.97 -4.35
N TYR A 114 15.51 -24.71 -5.61
CA TYR A 114 15.95 -23.51 -6.30
C TYR A 114 14.95 -22.39 -6.10
N VAL A 115 15.43 -21.24 -5.63
CA VAL A 115 14.62 -20.04 -5.46
C VAL A 115 15.35 -18.89 -6.16
N LYS A 116 14.65 -18.21 -7.06
CA LYS A 116 15.25 -17.19 -7.91
C LYS A 116 15.29 -15.84 -7.21
N GLN A 117 16.33 -15.06 -7.49
CA GLN A 117 16.46 -13.71 -6.96
C GLN A 117 17.25 -12.87 -7.95
N TRP A 118 16.70 -11.74 -8.33
CA TRP A 118 17.29 -10.78 -9.29
C TRP A 118 17.52 -11.56 -10.60
N ARG A 119 18.59 -11.27 -11.34
CA ARG A 119 18.83 -11.91 -12.62
C ARG A 119 19.83 -13.05 -12.56
N HIS A 120 20.93 -12.91 -11.82
CA HIS A 120 21.97 -13.93 -11.76
C HIS A 120 22.11 -14.55 -10.37
N SER A 121 21.17 -14.28 -9.47
CA SER A 121 21.28 -14.73 -8.08
C SER A 121 20.21 -15.77 -7.79
N TYR A 122 20.50 -16.67 -6.85
CA TYR A 122 19.54 -17.66 -6.42
C TYR A 122 20.00 -18.28 -5.11
N THR A 123 19.12 -19.10 -4.53
CA THR A 123 19.37 -19.81 -3.29
C THR A 123 18.95 -21.27 -3.47
N ALA A 124 19.79 -22.20 -3.01
CA ALA A 124 19.54 -23.61 -3.23
C ALA A 124 20.16 -24.44 -2.11
N SER A 125 19.93 -25.75 -2.18
CA SER A 125 20.50 -26.73 -1.27
C SER A 125 21.33 -27.73 -2.06
N TYR A 126 22.38 -28.25 -1.43
CA TYR A 126 23.38 -29.05 -2.14
C TYR A 126 23.69 -30.32 -1.37
N ASP A 127 24.03 -31.37 -2.13
CA ASP A 127 24.51 -32.63 -1.58
C ASP A 127 25.67 -33.13 -2.44
N ILE A 128 26.52 -33.93 -1.83
CA ILE A 128 27.74 -34.43 -2.49
C ILE A 128 27.65 -35.94 -2.57
N TYR A 129 27.93 -36.49 -3.76
CA TYR A 129 27.86 -37.91 -4.03
C TYR A 129 29.22 -38.40 -4.51
N ASP A 130 29.71 -39.48 -3.91
CA ASP A 130 31.03 -40.03 -4.21
C ASP A 130 30.89 -41.10 -5.29
N LEU A 131 31.61 -40.93 -6.40
CA LEU A 131 31.51 -41.87 -7.52
C LEU A 131 32.29 -43.14 -7.29
N ASN A 132 33.43 -43.08 -6.59
CA ASN A 132 34.28 -44.25 -6.43
C ASN A 132 33.59 -45.34 -5.60
N LYS A 133 33.07 -44.98 -4.43
CA LYS A 133 32.39 -45.96 -3.58
C LYS A 133 30.88 -45.96 -3.77
N ARG A 134 30.35 -45.10 -4.64
CA ARG A 134 28.94 -45.12 -5.03
C ARG A 134 28.01 -45.00 -3.81
N GLN A 135 28.12 -43.86 -3.13
CA GLN A 135 27.27 -43.60 -1.99
C GLN A 135 27.19 -42.09 -1.77
N LEU A 136 26.34 -41.70 -0.82
CA LEU A 136 26.08 -40.30 -0.51
C LEU A 136 26.70 -39.95 0.84
N ILE A 137 27.33 -38.79 0.92
CA ILE A 137 28.00 -38.36 2.14
C ILE A 137 26.97 -37.73 3.08
N THR A 138 27.05 -38.11 4.37
CA THR A 138 26.10 -37.63 5.36
C THR A 138 26.79 -37.02 6.58
N GLU A 139 28.06 -36.63 6.45
CA GLU A 139 28.79 -36.01 7.54
C GLU A 139 29.26 -34.63 7.12
N GLU A 140 28.98 -33.63 7.95
CA GLU A 140 29.38 -32.24 7.71
C GLU A 140 28.82 -31.74 6.37
N ARG A 141 27.50 -31.72 6.29
CA ARG A 141 26.81 -31.35 5.07
C ARG A 141 26.87 -29.84 4.84
N ILE A 142 26.67 -29.44 3.59
CA ILE A 142 26.57 -28.02 3.25
C ILE A 142 25.23 -27.49 3.75
N PRO A 143 25.20 -26.36 4.46
CA PRO A 143 23.95 -25.89 5.05
C PRO A 143 22.95 -25.42 4.00
N ASN A 144 21.70 -25.36 4.42
CA ASN A 144 20.62 -24.87 3.57
C ASN A 144 20.79 -23.37 3.31
N ASN A 145 20.05 -22.89 2.31
CA ASN A 145 20.04 -21.47 1.94
C ASN A 145 21.44 -20.96 1.62
N THR A 146 22.16 -21.72 0.80
CA THR A 146 23.50 -21.33 0.35
C THR A 146 23.40 -20.44 -0.87
N GLN A 147 24.28 -19.45 -0.94
CA GLN A 147 24.20 -18.43 -1.97
C GLN A 147 25.13 -18.68 -3.15
N TRP A 148 26.26 -19.36 -2.94
CA TRP A 148 27.19 -19.64 -4.02
C TRP A 148 28.08 -20.81 -3.62
N VAL A 149 28.57 -21.55 -4.62
CA VAL A 149 29.45 -22.68 -4.39
C VAL A 149 30.28 -22.90 -5.65
N THR A 150 31.55 -23.24 -5.47
CA THR A 150 32.45 -23.44 -6.60
C THR A 150 33.51 -24.47 -6.26
N TRP A 151 34.03 -25.14 -7.30
CA TRP A 151 35.14 -26.08 -7.17
C TRP A 151 36.46 -25.37 -7.45
N SER A 152 37.54 -26.02 -7.07
CA SER A 152 38.87 -25.52 -7.40
C SER A 152 39.27 -25.99 -8.79
N PRO A 153 40.18 -25.27 -9.46
CA PRO A 153 40.59 -25.70 -10.81
C PRO A 153 41.23 -27.09 -10.83
N VAL A 154 42.00 -27.45 -9.81
CA VAL A 154 42.58 -28.77 -9.67
C VAL A 154 42.26 -29.30 -8.28
N GLY A 155 41.99 -30.60 -8.19
CA GLY A 155 41.68 -31.21 -6.92
C GLY A 155 40.19 -31.29 -6.64
N HIS A 156 39.82 -31.33 -5.36
CA HIS A 156 38.42 -31.41 -4.97
C HIS A 156 38.12 -30.49 -3.80
N LYS A 157 38.67 -29.27 -3.82
CA LYS A 157 38.37 -28.29 -2.79
C LYS A 157 37.04 -27.60 -3.08
N LEU A 158 36.45 -27.04 -2.03
CA LEU A 158 35.16 -26.37 -2.11
C LEU A 158 35.22 -25.03 -1.40
N ALA A 159 34.46 -24.06 -1.90
CA ALA A 159 34.28 -22.77 -1.25
C ALA A 159 32.85 -22.31 -1.49
N TYR A 160 32.13 -22.02 -0.41
CA TYR A 160 30.74 -21.60 -0.49
C TYR A 160 30.49 -20.39 0.38
N VAL A 161 29.41 -19.67 0.06
CA VAL A 161 29.03 -18.46 0.77
C VAL A 161 27.69 -18.70 1.45
N TRP A 162 27.66 -18.52 2.77
CA TRP A 162 26.45 -18.70 3.56
C TRP A 162 26.33 -17.56 4.56
N ASN A 163 25.19 -16.86 4.53
CA ASN A 163 24.94 -15.71 5.39
C ASN A 163 26.04 -14.65 5.22
N ASN A 164 26.39 -14.37 3.97
CA ASN A 164 27.35 -13.33 3.61
C ASN A 164 28.72 -13.57 4.26
N ASP A 165 29.14 -14.83 4.28
CA ASP A 165 30.46 -15.21 4.79
C ASP A 165 31.01 -16.35 3.95
N ILE A 166 32.33 -16.51 3.99
CA ILE A 166 33.04 -17.45 3.13
C ILE A 166 33.53 -18.62 3.95
N TYR A 167 33.33 -19.84 3.44
CA TYR A 167 33.81 -21.06 4.07
C TYR A 167 34.57 -21.89 3.05
N VAL A 168 35.53 -22.68 3.54
CA VAL A 168 36.38 -23.51 2.69
C VAL A 168 36.39 -24.93 3.27
N LYS A 169 36.23 -25.93 2.41
CA LYS A 169 36.33 -27.33 2.80
C LYS A 169 37.41 -28.00 1.97
N ILE A 170 38.45 -28.50 2.66
CA ILE A 170 39.53 -29.18 1.96
C ILE A 170 39.06 -30.53 1.43
N GLU A 171 38.33 -31.29 2.24
CA GLU A 171 37.77 -32.55 1.82
C GLU A 171 36.26 -32.54 2.08
N PRO A 172 35.47 -33.20 1.24
CA PRO A 172 34.03 -33.25 1.46
C PRO A 172 33.63 -33.88 2.78
N ASN A 173 34.43 -34.81 3.30
CA ASN A 173 34.11 -35.45 4.58
C ASN A 173 34.41 -34.54 5.77
N LEU A 174 35.49 -33.77 5.70
CA LEU A 174 35.99 -33.02 6.84
C LEU A 174 35.16 -31.75 7.08
N PRO A 175 35.20 -31.21 8.30
CA PRO A 175 34.48 -29.97 8.58
C PRO A 175 35.11 -28.78 7.86
N SER A 176 34.41 -27.66 7.93
CA SER A 176 34.76 -26.45 7.19
C SER A 176 35.43 -25.42 8.08
N TYR A 177 36.10 -24.47 7.43
CA TYR A 177 36.77 -23.37 8.09
C TYR A 177 36.09 -22.06 7.72
N ARG A 178 36.08 -21.12 8.66
CA ARG A 178 35.45 -19.82 8.47
C ARG A 178 36.53 -18.77 8.19
N ILE A 179 36.31 -17.98 7.14
CA ILE A 179 37.28 -16.98 6.70
C ILE A 179 36.90 -15.58 7.15
N THR A 180 35.63 -15.22 7.03
CA THR A 180 35.16 -13.87 7.31
C THR A 180 34.17 -13.88 8.46
N TRP A 181 34.21 -12.83 9.28
CA TRP A 181 33.34 -12.70 10.44
C TRP A 181 32.52 -11.42 10.45
N THR A 182 32.48 -10.67 9.34
CA THR A 182 31.87 -9.34 9.33
C THR A 182 30.66 -9.25 8.41
N GLY A 183 30.05 -10.38 8.05
CA GLY A 183 28.91 -10.34 7.15
C GLY A 183 27.65 -9.85 7.83
N LYS A 184 26.82 -9.14 7.05
CA LYS A 184 25.56 -8.61 7.56
C LYS A 184 24.60 -8.45 6.38
N GLU A 185 23.31 -8.49 6.69
CA GLU A 185 22.28 -8.48 5.67
C GLU A 185 22.04 -7.07 5.16
N ASP A 186 22.16 -6.90 3.84
CA ASP A 186 21.95 -5.62 3.14
C ASP A 186 22.95 -4.55 3.56
N ILE A 187 24.04 -4.93 4.23
CA ILE A 187 25.05 -3.97 4.64
C ILE A 187 26.42 -4.37 4.10
N ILE A 188 26.88 -5.56 4.45
CA ILE A 188 28.23 -6.03 4.11
C ILE A 188 28.12 -7.34 3.33
N TYR A 189 28.79 -7.40 2.18
CA TYR A 189 28.78 -8.57 1.32
C TYR A 189 30.20 -9.12 1.20
N ASN A 190 30.36 -10.42 1.41
CA ASN A 190 31.63 -11.10 1.24
C ASN A 190 31.47 -12.21 0.21
N GLY A 191 32.26 -12.14 -0.86
CA GLY A 191 32.25 -13.15 -1.89
C GLY A 191 31.10 -13.06 -2.88
N ILE A 192 30.16 -12.14 -2.67
CA ILE A 192 29.03 -11.94 -3.56
C ILE A 192 28.87 -10.45 -3.82
N THR A 193 28.12 -10.14 -4.88
CA THR A 193 27.96 -8.79 -5.35
C THR A 193 26.62 -8.19 -4.92
N ASP A 194 26.58 -6.87 -4.90
CA ASP A 194 25.35 -6.12 -4.65
C ASP A 194 24.61 -5.89 -5.97
N TRP A 195 23.60 -5.01 -5.96
CA TRP A 195 22.78 -4.83 -7.15
C TRP A 195 23.57 -4.23 -8.32
N VAL A 196 24.26 -3.11 -8.08
CA VAL A 196 24.89 -2.41 -9.19
C VAL A 196 26.04 -3.23 -9.77
N TYR A 197 26.80 -3.93 -8.92
CA TYR A 197 27.91 -4.72 -9.42
C TYR A 197 27.43 -5.97 -10.15
N GLU A 198 26.30 -6.55 -9.71
CA GLU A 198 25.77 -7.72 -10.38
C GLU A 198 25.17 -7.37 -11.74
N GLU A 199 24.54 -6.21 -11.85
CA GLU A 199 23.80 -5.85 -13.05
C GLU A 199 24.63 -5.06 -14.05
N GLU A 200 25.54 -4.19 -13.60
CA GLU A 200 26.17 -3.23 -14.47
C GLU A 200 27.67 -3.38 -14.63
N VAL A 201 28.36 -4.05 -13.70
CA VAL A 201 29.82 -4.17 -13.74
C VAL A 201 30.25 -5.60 -14.09
N PHE A 202 29.91 -6.57 -13.25
CA PHE A 202 30.42 -7.92 -13.42
C PHE A 202 29.50 -8.82 -14.23
N SER A 203 28.21 -8.51 -14.29
CA SER A 203 27.20 -9.37 -14.94
C SER A 203 27.22 -10.77 -14.35
N ALA A 204 27.47 -10.87 -13.05
CA ALA A 204 27.54 -12.15 -12.36
C ALA A 204 27.33 -11.92 -10.88
N TYR A 205 27.06 -13.01 -10.16
CA TYR A 205 26.84 -12.96 -8.72
C TYR A 205 28.07 -13.31 -7.91
N SER A 206 29.07 -13.91 -8.54
CA SER A 206 30.25 -14.39 -7.82
C SER A 206 31.31 -13.30 -7.71
N ALA A 207 32.01 -13.31 -6.58
CA ALA A 207 33.15 -12.44 -6.34
C ALA A 207 34.29 -13.23 -5.72
N LEU A 208 34.44 -14.48 -6.14
CA LEU A 208 35.50 -15.36 -5.68
C LEU A 208 36.35 -15.79 -6.86
N TRP A 209 37.67 -15.83 -6.67
CA TRP A 209 38.61 -16.19 -7.72
C TRP A 209 39.67 -17.14 -7.16
N TRP A 210 39.80 -18.31 -7.78
CA TRP A 210 40.76 -19.31 -7.37
C TRP A 210 42.08 -19.12 -8.10
N SER A 211 43.17 -19.54 -7.45
CA SER A 211 44.47 -19.55 -8.10
C SER A 211 44.53 -20.68 -9.13
N PRO A 212 45.45 -20.59 -10.10
CA PRO A 212 45.50 -21.62 -11.15
C PRO A 212 45.71 -23.03 -10.64
N ASN A 213 46.47 -23.22 -9.56
CA ASN A 213 46.68 -24.57 -9.02
C ASN A 213 46.08 -24.74 -7.63
N GLY A 214 45.17 -23.84 -7.23
CA GLY A 214 44.40 -24.05 -6.02
C GLY A 214 45.08 -23.71 -4.72
N THR A 215 46.03 -22.80 -4.73
CA THR A 215 46.73 -22.43 -3.49
C THR A 215 46.12 -21.22 -2.81
N PHE A 216 45.79 -20.19 -3.57
CA PHE A 216 45.28 -18.94 -3.03
C PHE A 216 43.79 -18.76 -3.38
N LEU A 217 43.12 -17.92 -2.60
CA LEU A 217 41.75 -17.53 -2.84
C LEU A 217 41.63 -16.03 -2.68
N ALA A 218 41.03 -15.37 -3.68
CA ALA A 218 40.84 -13.93 -3.66
C ALA A 218 39.35 -13.60 -3.67
N TYR A 219 38.98 -12.55 -2.93
CA TYR A 219 37.58 -12.16 -2.84
C TYR A 219 37.49 -10.64 -2.64
N ALA A 220 36.28 -10.11 -2.80
CA ALA A 220 36.01 -8.70 -2.65
C ALA A 220 34.90 -8.48 -1.64
N GLN A 221 34.95 -7.33 -0.96
CA GLN A 221 33.98 -6.97 0.06
C GLN A 221 33.32 -5.65 -0.30
N PHE A 222 32.00 -5.61 -0.18
CA PHE A 222 31.22 -4.41 -0.51
C PHE A 222 30.50 -3.89 0.73
N ASN A 223 30.45 -2.56 0.84
CA ASN A 223 29.90 -1.87 2.00
C ASN A 223 28.79 -0.94 1.52
N ASP A 224 27.57 -1.14 2.02
CA ASP A 224 26.41 -0.40 1.56
C ASP A 224 25.74 0.37 2.69
N THR A 225 26.51 1.04 3.53
CA THR A 225 25.95 1.65 4.73
C THR A 225 25.12 2.89 4.38
N GLU A 226 25.64 3.75 3.51
CA GLU A 226 24.99 5.02 3.22
C GLU A 226 24.21 5.04 1.91
N VAL A 227 24.04 3.91 1.25
CA VAL A 227 23.30 3.87 -0.01
C VAL A 227 21.80 3.95 0.29
N PRO A 228 21.04 4.81 -0.41
CA PRO A 228 19.59 4.89 -0.17
C PRO A 228 18.85 3.64 -0.59
N LEU A 229 17.56 3.57 -0.27
CA LEU A 229 16.75 2.38 -0.48
C LEU A 229 15.54 2.71 -1.36
N ILE A 230 15.14 1.74 -2.18
CA ILE A 230 13.93 1.84 -3.00
C ILE A 230 12.90 0.87 -2.44
N GLU A 231 11.66 1.33 -2.34
CA GLU A 231 10.58 0.56 -1.72
C GLU A 231 9.41 0.41 -2.67
N TYR A 232 8.92 -0.83 -2.82
CA TYR A 232 7.73 -1.10 -3.60
C TYR A 232 6.98 -2.25 -2.93
N SER A 233 5.69 -2.35 -3.25
CA SER A 233 4.81 -3.29 -2.57
C SER A 233 4.69 -4.61 -3.35
N PHE A 234 4.64 -5.70 -2.61
CA PHE A 234 4.47 -7.04 -3.15
C PHE A 234 3.22 -7.65 -2.54
N TYR A 235 2.35 -8.20 -3.39
CA TYR A 235 1.05 -8.67 -2.93
C TYR A 235 0.99 -10.17 -2.67
N SER A 236 1.76 -10.96 -3.39
CA SER A 236 1.92 -12.40 -3.13
C SER A 236 0.58 -13.11 -3.35
N ASP A 237 0.34 -14.18 -2.59
CA ASP A 237 -0.80 -15.05 -2.80
C ASP A 237 -2.09 -14.39 -2.30
N GLU A 238 -3.21 -15.00 -2.67
CA GLU A 238 -4.53 -14.49 -2.30
C GLU A 238 -4.73 -14.52 -0.80
N SER A 239 -4.08 -15.43 -0.09
CA SER A 239 -4.33 -15.61 1.33
C SER A 239 -3.67 -14.53 2.19
N LEU A 240 -2.72 -13.78 1.64
CA LEU A 240 -2.01 -12.76 2.40
C LEU A 240 -2.91 -11.56 2.63
N GLN A 241 -3.20 -11.25 3.89
CA GLN A 241 -4.12 -10.18 4.20
C GLN A 241 -3.48 -8.80 4.03
N TYR A 242 -2.21 -8.67 4.42
CA TYR A 242 -1.51 -7.40 4.37
C TYR A 242 -0.34 -7.48 3.39
N PRO A 243 -0.24 -6.57 2.43
CA PRO A 243 0.91 -6.59 1.52
C PRO A 243 2.19 -6.26 2.25
N LYS A 244 3.31 -6.73 1.68
CA LYS A 244 4.63 -6.51 2.24
C LYS A 244 5.45 -5.61 1.33
N THR A 245 6.32 -4.81 1.93
CA THR A 245 7.17 -3.87 1.20
C THR A 245 8.56 -4.46 1.04
N VAL A 246 9.14 -4.27 -0.15
CA VAL A 246 10.50 -4.75 -0.46
C VAL A 246 11.44 -3.56 -0.46
N ARG A 247 12.53 -3.66 0.29
CA ARG A 247 13.53 -2.61 0.38
C ARG A 247 14.85 -3.10 -0.20
N VAL A 248 15.38 -2.35 -1.16
CA VAL A 248 16.61 -2.73 -1.85
C VAL A 248 17.57 -1.54 -1.92
N PRO A 249 18.84 -1.72 -1.54
CA PRO A 249 19.82 -0.64 -1.73
C PRO A 249 20.07 -0.34 -3.19
N TYR A 250 19.68 0.85 -3.65
CA TYR A 250 19.70 1.20 -5.06
C TYR A 250 20.15 2.64 -5.23
N PRO A 251 21.32 2.87 -5.83
CA PRO A 251 21.76 4.25 -6.06
C PRO A 251 21.26 4.79 -7.38
N LYS A 252 20.62 5.95 -7.35
CA LYS A 252 20.19 6.62 -8.57
C LYS A 252 21.27 7.63 -8.98
N ALA A 253 21.00 8.43 -9.99
CA ALA A 253 22.02 9.32 -10.54
C ALA A 253 22.39 10.39 -9.53
N GLY A 254 23.69 10.50 -9.24
CA GLY A 254 24.20 11.49 -8.32
C GLY A 254 24.12 11.13 -6.86
N ALA A 255 23.80 9.88 -6.53
CA ALA A 255 23.65 9.46 -5.15
C ALA A 255 24.97 8.90 -4.61
N VAL A 256 24.90 8.33 -3.41
CA VAL A 256 26.08 7.75 -2.77
C VAL A 256 26.25 6.32 -3.26
N ASN A 257 27.48 5.95 -3.57
CA ASN A 257 27.82 4.65 -4.13
C ASN A 257 28.53 3.78 -3.12
N PRO A 258 28.49 2.46 -3.29
CA PRO A 258 29.17 1.55 -2.37
C PRO A 258 30.69 1.66 -2.48
N THR A 259 31.35 1.06 -1.50
CA THR A 259 32.81 0.99 -1.43
C THR A 259 33.27 -0.45 -1.52
N VAL A 260 34.49 -0.64 -2.01
CA VAL A 260 35.00 -1.97 -2.34
C VAL A 260 36.40 -2.15 -1.74
N LYS A 261 36.72 -3.39 -1.36
CA LYS A 261 38.04 -3.77 -0.89
C LYS A 261 38.41 -5.12 -1.49
N PHE A 262 39.70 -5.44 -1.45
CA PHE A 262 40.22 -6.66 -2.05
C PHE A 262 41.12 -7.39 -1.08
N PHE A 263 40.96 -8.72 -0.98
CA PHE A 263 41.72 -9.54 -0.05
C PHE A 263 42.21 -10.81 -0.75
N VAL A 264 43.30 -11.38 -0.24
CA VAL A 264 43.84 -12.65 -0.71
C VAL A 264 44.20 -13.50 0.50
N VAL A 265 43.83 -14.78 0.46
CA VAL A 265 44.06 -15.72 1.55
C VAL A 265 44.79 -16.95 1.02
N ASN A 266 45.51 -17.63 1.91
CA ASN A 266 46.27 -18.83 1.59
C ASN A 266 45.61 -20.03 2.26
N THR A 267 45.24 -21.03 1.45
CA THR A 267 44.45 -22.15 1.93
C THR A 267 45.29 -23.35 2.36
N ASP A 268 46.58 -23.37 2.06
CA ASP A 268 47.42 -24.49 2.48
C ASP A 268 47.91 -24.37 3.91
N SER A 269 47.75 -23.21 4.54
CA SER A 269 48.21 -22.98 5.90
C SER A 269 47.06 -22.87 6.91
N LEU A 270 45.88 -23.37 6.56
CA LEU A 270 44.74 -23.27 7.46
C LEU A 270 44.87 -24.24 8.62
N SER A 271 44.57 -23.76 9.82
CA SER A 271 44.57 -24.57 11.02
C SER A 271 43.33 -24.25 11.84
N SER A 272 42.84 -25.26 12.57
CA SER A 272 41.65 -25.08 13.39
C SER A 272 41.93 -24.40 14.72
N VAL A 273 43.19 -24.32 15.13
CA VAL A 273 43.52 -23.68 16.40
C VAL A 273 43.33 -22.18 16.34
N THR A 274 43.68 -21.56 15.21
CA THR A 274 43.69 -20.11 15.10
C THR A 274 42.92 -19.66 13.86
N ASN A 275 42.46 -18.41 13.89
CA ASN A 275 41.74 -17.83 12.78
C ASN A 275 42.66 -17.60 11.58
N ALA A 276 42.05 -17.52 10.40
CA ALA A 276 42.79 -17.30 9.18
C ALA A 276 43.12 -15.82 9.00
N THR A 277 44.16 -15.56 8.21
CA THR A 277 44.67 -14.21 7.98
C THR A 277 44.48 -13.84 6.51
N SER A 278 44.04 -12.60 6.28
CA SER A 278 43.82 -12.07 4.94
C SER A 278 44.72 -10.86 4.73
N ILE A 279 45.29 -10.77 3.53
CA ILE A 279 46.17 -9.67 3.14
C ILE A 279 45.42 -8.78 2.17
N GLN A 280 45.45 -7.48 2.41
CA GLN A 280 44.72 -6.51 1.61
C GLN A 280 45.63 -5.89 0.55
N ILE A 281 45.07 -5.68 -0.64
CA ILE A 281 45.75 -4.99 -1.73
C ILE A 281 45.05 -3.65 -1.93
N THR A 282 45.83 -2.58 -1.89
CA THR A 282 45.28 -1.22 -1.88
C THR A 282 45.26 -0.65 -3.29
N ALA A 283 44.25 0.17 -3.56
CA ALA A 283 44.12 0.82 -4.85
C ALA A 283 45.25 1.83 -5.05
N PRO A 284 45.63 2.09 -6.30
CA PRO A 284 46.73 3.05 -6.55
C PRO A 284 46.35 4.46 -6.13
N ALA A 285 47.37 5.28 -5.95
CA ALA A 285 47.18 6.63 -5.43
C ALA A 285 46.30 7.49 -6.34
N SER A 286 46.34 7.22 -7.65
CA SER A 286 45.56 8.02 -8.59
C SER A 286 44.05 7.76 -8.49
N MET A 287 43.64 6.70 -7.79
CA MET A 287 42.22 6.39 -7.61
C MET A 287 41.69 6.66 -6.22
N LEU A 288 42.57 6.93 -5.25
CA LEU A 288 42.13 7.15 -3.88
C LEU A 288 41.73 8.59 -3.61
N ILE A 289 41.89 9.50 -4.59
CA ILE A 289 41.45 10.87 -4.40
C ILE A 289 39.93 10.96 -4.34
N GLY A 290 39.24 10.12 -5.11
CA GLY A 290 37.80 10.13 -5.13
C GLY A 290 37.18 8.76 -5.27
N ASP A 291 35.95 8.70 -5.77
CA ASP A 291 35.25 7.43 -5.93
C ASP A 291 35.86 6.62 -7.06
N HIS A 292 35.72 5.30 -6.97
CA HIS A 292 36.29 4.40 -7.97
C HIS A 292 35.56 3.06 -7.91
N TYR A 293 35.77 2.27 -8.96
CA TYR A 293 35.18 0.94 -9.09
C TYR A 293 36.27 -0.11 -9.23
N LEU A 294 35.86 -1.37 -9.14
CA LEU A 294 36.70 -2.52 -9.46
C LEU A 294 36.09 -3.22 -10.67
N CYS A 295 36.89 -3.39 -11.72
CA CYS A 295 36.37 -3.83 -13.01
C CYS A 295 36.69 -5.29 -13.32
N ASP A 296 37.94 -5.71 -13.21
CA ASP A 296 38.32 -7.04 -13.66
C ASP A 296 39.40 -7.61 -12.75
N VAL A 297 39.35 -8.92 -12.54
CA VAL A 297 40.36 -9.66 -11.79
C VAL A 297 40.80 -10.85 -12.63
N THR A 298 42.10 -10.99 -12.84
CA THR A 298 42.65 -12.06 -13.65
C THR A 298 43.97 -12.55 -13.04
N TRP A 299 44.16 -13.86 -13.07
CA TRP A 299 45.38 -14.48 -12.57
C TRP A 299 46.35 -14.69 -13.72
N ALA A 300 47.60 -14.27 -13.53
CA ALA A 300 48.63 -14.41 -14.55
C ALA A 300 49.39 -15.73 -14.41
N THR A 301 49.96 -15.97 -13.24
CA THR A 301 50.70 -17.19 -12.94
C THR A 301 50.30 -17.64 -11.54
N GLN A 302 51.07 -18.57 -10.98
CA GLN A 302 50.77 -19.07 -9.64
C GLN A 302 50.94 -17.99 -8.58
N GLU A 303 51.85 -17.05 -8.79
CA GLU A 303 52.14 -16.01 -7.80
C GLU A 303 52.10 -14.62 -8.44
N ARG A 304 51.10 -14.36 -9.28
CA ARG A 304 50.95 -13.05 -9.90
C ARG A 304 49.49 -12.83 -10.24
N ILE A 305 49.00 -11.62 -9.94
CA ILE A 305 47.60 -11.26 -10.16
C ILE A 305 47.55 -9.87 -10.80
N SER A 306 46.44 -9.61 -11.49
CA SER A 306 46.22 -8.34 -12.17
C SER A 306 44.84 -7.80 -11.79
N LEU A 307 44.77 -6.50 -11.54
CA LEU A 307 43.53 -5.82 -11.18
C LEU A 307 43.35 -4.57 -12.03
N GLN A 308 42.10 -4.21 -12.28
CA GLN A 308 41.78 -3.02 -13.05
C GLN A 308 40.80 -2.14 -12.26
N TRP A 309 41.09 -0.85 -12.24
CA TRP A 309 40.29 0.13 -11.50
C TRP A 309 39.80 1.20 -12.46
N LEU A 310 38.63 1.76 -12.16
CA LEU A 310 37.98 2.76 -13.00
C LEU A 310 37.45 3.89 -12.12
N ARG A 311 37.61 5.12 -12.60
CA ARG A 311 37.14 6.28 -11.87
C ARG A 311 35.62 6.40 -12.00
N ARG A 312 35.03 7.23 -11.14
CA ARG A 312 33.60 7.50 -11.23
C ARG A 312 33.27 8.23 -12.53
N ILE A 313 34.12 9.18 -12.93
CA ILE A 313 34.06 9.74 -14.28
C ILE A 313 34.74 8.73 -15.19
N GLN A 314 33.93 7.99 -15.96
CA GLN A 314 34.42 6.78 -16.62
C GLN A 314 35.11 7.13 -17.94
N ASN A 315 36.24 7.82 -17.82
CA ASN A 315 37.10 8.01 -18.98
C ASN A 315 38.58 7.87 -18.61
N TYR A 316 38.88 7.19 -17.49
CA TYR A 316 40.25 7.00 -17.02
C TYR A 316 40.32 5.69 -16.27
N SER A 317 41.28 4.84 -16.64
CA SER A 317 41.44 3.52 -16.03
C SER A 317 42.91 3.20 -15.83
N VAL A 318 43.21 2.39 -14.82
CA VAL A 318 44.56 1.99 -14.47
C VAL A 318 44.57 0.50 -14.19
N MET A 319 45.55 -0.21 -14.75
CA MET A 319 45.73 -1.64 -14.54
C MET A 319 47.01 -1.88 -13.74
N ASP A 320 46.91 -2.72 -12.71
CA ASP A 320 48.03 -2.98 -11.80
C ASP A 320 48.34 -4.47 -11.78
N ILE A 321 49.63 -4.79 -11.69
CA ILE A 321 50.12 -6.16 -11.64
C ILE A 321 50.90 -6.34 -10.34
N CYS A 322 50.57 -7.39 -9.59
CA CYS A 322 51.05 -7.56 -8.23
C CYS A 322 51.71 -8.91 -8.06
N ASP A 323 52.68 -8.99 -7.16
CA ASP A 323 53.47 -10.20 -6.94
C ASP A 323 53.46 -10.58 -5.47
N TYR A 324 53.97 -11.77 -5.18
CA TYR A 324 53.97 -12.35 -3.85
C TYR A 324 55.40 -12.46 -3.33
N ASP A 325 55.62 -12.02 -2.10
CA ASP A 325 56.93 -12.06 -1.46
C ASP A 325 56.96 -13.18 -0.44
N GLU A 326 57.91 -14.11 -0.61
CA GLU A 326 57.99 -15.25 0.30
C GLU A 326 58.59 -14.85 1.65
N SER A 327 59.51 -13.87 1.66
CA SER A 327 60.15 -13.48 2.89
C SER A 327 59.16 -12.89 3.90
N SER A 328 58.24 -12.05 3.42
CA SER A 328 57.31 -11.35 4.29
C SER A 328 55.89 -11.87 4.21
N GLY A 329 55.55 -12.68 3.21
CA GLY A 329 54.18 -13.12 3.04
C GLY A 329 53.21 -11.99 2.73
N ARG A 330 53.62 -11.06 1.88
CA ARG A 330 52.82 -9.91 1.52
C ARG A 330 52.85 -9.70 0.02
N TRP A 331 51.87 -8.95 -0.48
CA TRP A 331 51.73 -8.69 -1.90
C TRP A 331 52.21 -7.28 -2.22
N ASN A 332 53.12 -7.16 -3.18
CA ASN A 332 53.74 -5.89 -3.54
C ASN A 332 53.32 -5.50 -4.95
N CYS A 333 52.99 -4.22 -5.12
CA CYS A 333 52.54 -3.69 -6.41
C CYS A 333 53.31 -2.41 -6.68
N LEU A 334 54.23 -2.46 -7.63
CA LEU A 334 55.15 -1.34 -7.86
C LEU A 334 54.72 -0.53 -9.08
N VAL A 335 55.22 0.71 -9.13
CA VAL A 335 54.69 1.70 -10.06
C VAL A 335 55.04 1.36 -11.51
N ALA A 336 56.23 0.82 -11.75
CA ALA A 336 56.68 0.59 -13.12
C ALA A 336 55.85 -0.43 -13.87
N ARG A 337 54.99 -1.19 -13.19
CA ARG A 337 54.15 -2.18 -13.84
C ARG A 337 52.78 -1.65 -14.23
N GLN A 338 52.46 -0.41 -13.88
CA GLN A 338 51.12 0.13 -14.13
C GLN A 338 50.94 0.55 -15.57
N HIS A 339 49.71 0.39 -16.06
CA HIS A 339 49.32 0.81 -17.41
C HIS A 339 48.06 1.65 -17.31
N ILE A 340 47.97 2.66 -18.18
CA ILE A 340 46.91 3.65 -18.13
C ILE A 340 46.15 3.65 -19.46
N GLU A 341 44.83 3.65 -19.38
CA GLU A 341 43.96 3.74 -20.55
C GLU A 341 42.99 4.90 -20.37
N MET A 342 42.88 5.74 -21.39
CA MET A 342 42.02 6.91 -21.29
C MET A 342 41.41 7.20 -22.67
N SER A 343 40.32 7.97 -22.65
CA SER A 343 39.62 8.37 -23.85
C SER A 343 39.32 9.86 -23.80
N THR A 344 39.43 10.52 -24.94
CA THR A 344 39.15 11.95 -25.04
C THR A 344 37.82 12.26 -25.69
N THR A 345 37.21 11.30 -26.38
CA THR A 345 35.94 11.51 -27.06
C THR A 345 34.78 10.77 -26.40
N GLY A 346 35.02 10.06 -25.30
CA GLY A 346 33.97 9.30 -24.65
C GLY A 346 34.42 8.46 -23.49
N TRP A 347 33.88 7.26 -23.37
CA TRP A 347 34.16 6.36 -22.26
C TRP A 347 35.14 5.27 -22.69
N VAL A 348 35.62 4.53 -21.69
CA VAL A 348 36.63 3.51 -21.91
C VAL A 348 35.94 2.18 -22.19
N GLY A 349 36.24 1.58 -23.33
CA GLY A 349 35.67 0.30 -23.69
C GLY A 349 34.27 0.42 -24.26
N ARG A 350 33.70 -0.73 -24.59
CA ARG A 350 32.32 -0.78 -25.06
C ARG A 350 31.35 -0.60 -23.89
N PHE A 351 31.41 -1.50 -22.92
CA PHE A 351 30.73 -1.35 -21.65
C PHE A 351 31.70 -1.24 -20.49
N ARG A 352 32.77 -2.05 -20.50
CA ARG A 352 33.79 -2.04 -19.47
C ARG A 352 35.12 -2.32 -20.14
N PRO A 353 36.24 -1.96 -19.51
CA PRO A 353 37.54 -2.29 -20.09
C PRO A 353 37.72 -3.79 -20.27
N SER A 354 38.37 -4.17 -21.36
CA SER A 354 38.54 -5.57 -21.70
C SER A 354 39.55 -6.24 -20.78
N GLU A 355 39.59 -7.59 -20.86
CA GLU A 355 40.45 -8.40 -20.01
C GLU A 355 41.71 -8.83 -20.75
N PRO A 356 42.83 -8.96 -20.03
CA PRO A 356 44.07 -9.39 -20.68
C PRO A 356 44.19 -10.91 -20.76
N HIS A 357 45.02 -11.34 -21.71
CA HIS A 357 45.32 -12.75 -21.92
C HIS A 357 46.84 -12.92 -21.82
N PHE A 358 47.29 -13.51 -20.71
CA PHE A 358 48.71 -13.63 -20.43
C PHE A 358 49.30 -14.87 -21.09
N THR A 359 50.61 -14.81 -21.34
CA THR A 359 51.35 -15.96 -21.84
C THR A 359 51.64 -16.91 -20.68
N LEU A 360 52.26 -18.05 -21.01
CA LEU A 360 52.52 -19.07 -20.00
C LEU A 360 53.48 -18.58 -18.93
N ASP A 361 54.55 -17.89 -19.35
CA ASP A 361 55.54 -17.41 -18.38
C ASP A 361 55.06 -16.19 -17.62
N GLY A 362 54.13 -15.43 -18.18
CA GLY A 362 53.55 -14.30 -17.48
C GLY A 362 54.29 -12.99 -17.60
N ASN A 363 55.13 -12.82 -18.63
CA ASN A 363 55.85 -11.58 -18.84
C ASN A 363 55.28 -10.73 -19.96
N SER A 364 54.15 -11.11 -20.55
CA SER A 364 53.54 -10.33 -21.62
C SER A 364 52.08 -10.76 -21.75
N PHE A 365 51.29 -9.90 -22.39
CA PHE A 365 49.86 -10.19 -22.53
C PHE A 365 49.31 -9.48 -23.77
N TYR A 366 48.13 -9.92 -24.18
CA TYR A 366 47.41 -9.38 -25.32
C TYR A 366 46.09 -8.78 -24.84
N LYS A 367 45.65 -7.72 -25.52
CA LYS A 367 44.48 -6.98 -25.08
C LYS A 367 43.92 -6.19 -26.26
N ILE A 368 42.62 -5.91 -26.21
CA ILE A 368 41.93 -5.20 -27.27
C ILE A 368 41.74 -3.74 -26.87
N ILE A 369 42.27 -2.82 -27.68
CA ILE A 369 42.15 -1.39 -27.45
C ILE A 369 41.86 -0.70 -28.77
N SER A 370 41.48 0.57 -28.70
CA SER A 370 41.16 1.37 -29.87
C SER A 370 42.40 2.08 -30.39
N ASN A 371 42.54 2.14 -31.71
CA ASN A 371 43.68 2.76 -32.34
C ASN A 371 43.39 4.24 -32.62
N GLU A 372 44.26 4.88 -33.41
CA GLU A 372 44.11 6.31 -33.67
C GLU A 372 42.90 6.59 -34.54
N GLU A 373 42.60 5.71 -35.49
CA GLU A 373 41.46 5.90 -36.37
C GLU A 373 40.12 5.60 -35.72
N GLY A 374 40.12 4.98 -34.54
CA GLY A 374 38.90 4.68 -33.84
C GLY A 374 38.37 3.27 -33.95
N TYR A 375 39.18 2.32 -34.40
CA TYR A 375 38.78 0.94 -34.53
C TYR A 375 39.53 0.07 -33.53
N ARG A 376 38.83 -0.91 -32.96
CA ARG A 376 39.39 -1.74 -31.91
C ARG A 376 40.14 -2.93 -32.50
N HIS A 377 41.40 -3.09 -32.09
CA HIS A 377 42.26 -4.15 -32.58
C HIS A 377 43.08 -4.69 -31.41
N ILE A 378 43.90 -5.69 -31.69
CA ILE A 378 44.71 -6.37 -30.68
C ILE A 378 46.08 -5.72 -30.63
N CYS A 379 46.56 -5.40 -29.44
CA CYS A 379 47.92 -4.93 -29.27
C CYS A 379 48.65 -5.82 -28.28
N TYR A 380 49.98 -5.84 -28.38
CA TYR A 380 50.83 -6.73 -27.61
C TYR A 380 51.68 -5.93 -26.62
N PHE A 381 51.59 -6.28 -25.35
CA PHE A 381 52.19 -5.51 -24.27
C PHE A 381 53.35 -6.25 -23.61
N GLN A 382 54.19 -5.50 -22.92
CA GLN A 382 55.18 -6.02 -21.98
C GLN A 382 54.92 -5.43 -20.60
N ILE A 383 55.21 -6.21 -19.57
CA ILE A 383 54.84 -5.80 -18.21
C ILE A 383 55.69 -4.63 -17.74
N ASP A 384 56.86 -4.43 -18.34
CA ASP A 384 57.75 -3.36 -17.91
C ASP A 384 57.61 -2.10 -18.76
N LYS A 385 57.58 -2.23 -20.08
CA LYS A 385 57.54 -1.09 -20.97
C LYS A 385 56.16 -0.43 -20.95
N LYS A 386 56.09 0.77 -21.52
CA LYS A 386 54.86 1.56 -21.56
C LYS A 386 54.17 1.50 -22.91
N ASP A 387 54.91 1.55 -24.01
CA ASP A 387 54.31 1.44 -25.33
C ASP A 387 53.98 -0.01 -25.66
N CYS A 388 53.04 -0.20 -26.58
CA CYS A 388 52.75 -1.54 -27.06
C CYS A 388 52.60 -1.47 -28.58
N THR A 389 52.73 -2.62 -29.23
CA THR A 389 52.74 -2.72 -30.68
C THR A 389 51.49 -3.42 -31.20
N PHE A 390 50.77 -2.76 -32.10
CA PHE A 390 49.58 -3.34 -32.70
C PHE A 390 49.94 -4.46 -33.66
N ILE A 391 49.05 -5.46 -33.76
CA ILE A 391 49.25 -6.58 -34.66
C ILE A 391 48.15 -6.71 -35.70
N THR A 392 47.08 -5.92 -35.61
CA THR A 392 45.99 -5.95 -36.59
C THR A 392 45.59 -4.52 -36.92
N LYS A 393 45.14 -4.31 -38.17
CA LYS A 393 44.71 -3.00 -38.61
C LYS A 393 43.68 -3.15 -39.72
N GLY A 394 42.87 -2.11 -39.90
CA GLY A 394 41.86 -2.11 -40.94
C GLY A 394 40.57 -1.42 -40.54
N THR A 395 39.61 -1.37 -41.45
CA THR A 395 38.31 -0.73 -41.20
C THR A 395 37.28 -1.75 -40.71
N TRP A 396 37.62 -2.45 -39.63
CA TRP A 396 36.75 -3.43 -39.02
C TRP A 396 37.20 -3.62 -37.58
N GLU A 397 36.40 -4.35 -36.80
CA GLU A 397 36.64 -4.50 -35.38
C GLU A 397 36.80 -5.97 -35.00
N VAL A 398 37.55 -6.20 -33.92
CA VAL A 398 37.73 -7.52 -33.34
C VAL A 398 36.80 -7.67 -32.16
N ILE A 399 36.00 -8.73 -32.15
CA ILE A 399 34.98 -8.89 -31.12
C ILE A 399 35.57 -9.49 -29.85
N GLY A 400 36.42 -10.51 -29.97
CA GLY A 400 37.01 -11.12 -28.80
C GLY A 400 38.16 -12.02 -29.14
N ILE A 401 38.90 -12.39 -28.10
CA ILE A 401 40.02 -13.31 -28.19
C ILE A 401 39.61 -14.61 -27.51
N GLU A 402 39.73 -15.73 -28.23
CA GLU A 402 39.15 -17.00 -27.79
C GLU A 402 40.18 -17.96 -27.22
N ALA A 403 41.34 -18.09 -27.84
CA ALA A 403 42.34 -19.03 -27.37
C ALA A 403 43.73 -18.53 -27.68
N LEU A 404 44.69 -18.91 -26.84
CA LEU A 404 46.10 -18.55 -27.00
C LEU A 404 46.96 -19.78 -26.76
N THR A 405 47.80 -20.09 -27.73
CA THR A 405 48.78 -21.17 -27.64
C THR A 405 50.18 -20.59 -27.77
N SER A 406 51.17 -21.48 -27.85
CA SER A 406 52.55 -21.04 -27.98
C SER A 406 52.91 -20.58 -29.39
N ASP A 407 52.04 -20.83 -30.38
CA ASP A 407 52.34 -20.47 -31.76
C ASP A 407 51.23 -19.74 -32.49
N TYR A 408 49.98 -19.79 -32.00
CA TYR A 408 48.87 -19.18 -32.72
C TYR A 408 47.95 -18.46 -31.74
N LEU A 409 47.21 -17.48 -32.26
CA LEU A 409 46.18 -16.76 -31.54
C LEU A 409 44.88 -16.83 -32.32
N TYR A 410 43.77 -17.08 -31.63
CA TYR A 410 42.46 -17.22 -32.24
C TYR A 410 41.55 -16.08 -31.81
N TYR A 411 40.84 -15.50 -32.77
CA TYR A 411 39.97 -14.37 -32.50
C TYR A 411 38.80 -14.39 -33.47
N ILE A 412 37.77 -13.60 -33.15
CA ILE A 412 36.56 -13.47 -33.95
C ILE A 412 36.44 -12.03 -34.43
N SER A 413 36.20 -11.86 -35.73
CA SER A 413 36.12 -10.54 -36.35
C SER A 413 34.94 -10.49 -37.30
N ASN A 414 34.69 -9.31 -37.86
CA ASN A 414 33.65 -9.09 -38.86
C ASN A 414 34.24 -8.47 -40.13
N GLU A 415 35.40 -8.97 -40.56
CA GLU A 415 36.06 -8.44 -41.73
C GLU A 415 35.43 -8.89 -43.04
N TYR A 416 34.85 -10.10 -43.06
CA TYR A 416 34.47 -10.74 -44.30
C TYR A 416 33.36 -9.97 -45.01
N LYS A 417 33.60 -9.64 -46.28
CA LYS A 417 32.66 -8.94 -47.17
C LYS A 417 32.23 -7.57 -46.64
N GLY A 418 32.88 -7.06 -45.61
CA GLY A 418 32.52 -5.76 -45.08
C GLY A 418 31.12 -5.68 -44.53
N MET A 419 30.63 -6.76 -43.93
CA MET A 419 29.30 -6.79 -43.33
C MET A 419 29.44 -6.73 -41.82
N PRO A 420 29.02 -5.65 -41.16
CA PRO A 420 29.14 -5.58 -39.70
C PRO A 420 28.34 -6.64 -38.96
N GLY A 421 27.32 -7.22 -39.59
CA GLY A 421 26.52 -8.23 -38.93
C GLY A 421 27.07 -9.64 -38.97
N GLY A 422 28.20 -9.85 -39.65
CA GLY A 422 28.77 -11.18 -39.72
C GLY A 422 29.77 -11.46 -38.61
N ARG A 423 30.04 -12.75 -38.43
CA ARG A 423 31.02 -13.22 -37.45
C ARG A 423 31.78 -14.39 -38.05
N ASN A 424 33.10 -14.41 -37.86
CA ASN A 424 33.93 -15.48 -38.39
C ASN A 424 35.15 -15.67 -37.51
N LEU A 425 35.79 -16.83 -37.66
CA LEU A 425 36.93 -17.22 -36.84
C LEU A 425 38.21 -17.15 -37.67
N TYR A 426 39.25 -16.55 -37.09
CA TYR A 426 40.54 -16.39 -37.73
C TYR A 426 41.64 -16.85 -36.78
N LYS A 427 42.80 -17.15 -37.35
CA LYS A 427 43.99 -17.45 -36.56
C LYS A 427 45.19 -16.72 -37.16
N ILE A 428 46.12 -16.33 -36.28
CA ILE A 428 47.28 -15.53 -36.67
C ILE A 428 48.53 -16.17 -36.07
N GLN A 429 49.60 -16.22 -36.87
CA GLN A 429 50.87 -16.79 -36.43
C GLN A 429 51.68 -15.74 -35.68
N LEU A 430 52.23 -16.15 -34.53
CA LEU A 430 52.92 -15.20 -33.66
C LEU A 430 54.29 -14.80 -34.19
N SER A 431 54.95 -15.68 -34.93
CA SER A 431 56.27 -15.35 -35.46
C SER A 431 56.18 -14.28 -36.54
N ASP A 432 55.27 -14.47 -37.50
CA ASP A 432 55.06 -13.53 -38.61
C ASP A 432 53.60 -13.12 -38.61
N TYR A 433 53.35 -11.82 -38.52
CA TYR A 433 51.99 -11.31 -38.38
C TYR A 433 51.27 -11.17 -39.71
N THR A 434 51.97 -11.27 -40.84
CA THR A 434 51.34 -11.17 -42.14
C THR A 434 50.47 -12.38 -42.47
N LYS A 435 50.76 -13.54 -41.88
CA LYS A 435 50.07 -14.78 -42.19
C LYS A 435 48.81 -14.88 -41.33
N VAL A 436 47.66 -14.63 -41.95
CA VAL A 436 46.36 -14.74 -41.29
C VAL A 436 45.51 -15.70 -42.11
N THR A 437 44.84 -16.63 -41.43
CA THR A 437 44.03 -17.66 -42.07
C THR A 437 42.62 -17.63 -41.51
N CYS A 438 41.63 -17.79 -42.39
CA CYS A 438 40.23 -17.91 -41.99
C CYS A 438 39.85 -19.37 -41.94
N LEU A 439 39.20 -19.78 -40.85
CA LEU A 439 38.84 -21.17 -40.65
C LEU A 439 37.38 -21.47 -40.88
N SER A 440 36.53 -20.45 -40.99
CA SER A 440 35.10 -20.65 -41.15
C SER A 440 34.49 -19.84 -42.29
N CYS A 441 35.33 -19.26 -43.15
CA CYS A 441 34.80 -18.39 -44.20
C CYS A 441 34.03 -19.17 -45.25
N GLU A 442 34.55 -20.33 -45.68
CA GLU A 442 34.06 -21.03 -46.86
C GLU A 442 33.53 -22.43 -46.55
N LEU A 443 33.19 -22.71 -45.30
CA LEU A 443 32.61 -24.02 -44.98
C LEU A 443 31.25 -24.20 -45.64
N ASN A 444 30.42 -23.16 -45.59
CA ASN A 444 29.07 -23.20 -46.16
C ASN A 444 28.59 -21.77 -46.40
N PRO A 445 28.97 -21.15 -47.51
CA PRO A 445 28.72 -19.71 -47.69
C PRO A 445 27.27 -19.30 -47.69
N GLU A 446 26.41 -20.11 -48.31
CA GLU A 446 25.01 -19.70 -48.47
C GLU A 446 24.20 -19.91 -47.20
N ARG A 447 24.62 -20.82 -46.33
CA ARG A 447 23.83 -21.17 -45.15
C ARG A 447 24.35 -20.56 -43.87
N CYS A 448 25.67 -20.39 -43.72
CA CYS A 448 26.26 -19.99 -42.45
C CYS A 448 27.07 -18.71 -42.61
N GLN A 449 26.74 -17.70 -41.80
CA GLN A 449 27.50 -16.46 -41.76
C GLN A 449 27.74 -15.93 -40.34
N TYR A 450 27.15 -16.53 -39.31
CA TYR A 450 27.28 -16.10 -37.93
C TYR A 450 27.81 -17.27 -37.12
N TYR A 451 28.94 -17.09 -36.45
CA TYR A 451 29.68 -18.21 -35.86
C TYR A 451 30.06 -17.93 -34.41
N SER A 452 30.26 -19.02 -33.67
CA SER A 452 30.81 -19.00 -32.32
C SER A 452 31.58 -20.28 -32.10
N VAL A 453 32.53 -20.26 -31.15
CA VAL A 453 33.45 -21.37 -30.96
C VAL A 453 33.59 -21.68 -29.48
N SER A 454 33.98 -22.92 -29.20
CA SER A 454 34.28 -23.40 -27.86
C SER A 454 35.47 -24.33 -27.93
N PHE A 455 36.54 -24.00 -27.22
CA PHE A 455 37.82 -24.70 -27.30
C PHE A 455 37.98 -25.67 -26.13
N SER A 456 38.96 -26.57 -26.28
CA SER A 456 39.28 -27.55 -25.26
C SER A 456 40.32 -26.97 -24.30
N LYS A 457 40.91 -27.83 -23.46
CA LYS A 457 41.83 -27.36 -22.44
C LYS A 457 43.10 -26.78 -23.05
N GLU A 458 43.74 -27.51 -23.96
CA GLU A 458 44.96 -27.05 -24.60
C GLU A 458 44.74 -26.69 -26.06
N ALA A 459 43.49 -26.49 -26.46
CA ALA A 459 43.13 -26.06 -27.82
C ALA A 459 43.59 -27.07 -28.87
N LYS A 460 43.33 -28.35 -28.63
CA LYS A 460 43.56 -29.34 -29.68
C LYS A 460 42.28 -29.60 -30.48
N TYR A 461 41.12 -29.42 -29.86
CA TYR A 461 39.84 -29.57 -30.54
C TYR A 461 38.97 -28.35 -30.25
N TYR A 462 38.10 -28.03 -31.20
CA TYR A 462 37.15 -26.93 -30.99
C TYR A 462 35.84 -27.25 -31.68
N GLN A 463 34.78 -26.64 -31.17
CA GLN A 463 33.42 -26.83 -31.67
C GLN A 463 32.91 -25.52 -32.25
N LEU A 464 32.36 -25.57 -33.45
CA LEU A 464 31.83 -24.39 -34.13
C LEU A 464 30.31 -24.41 -34.07
N ARG A 465 29.73 -23.28 -33.68
CA ARG A 465 28.29 -23.11 -33.62
C ARG A 465 27.87 -22.09 -34.67
N CYS A 466 26.92 -22.44 -35.53
CA CYS A 466 26.49 -21.52 -36.56
C CYS A 466 25.03 -21.16 -36.42
N SER A 467 24.69 -19.98 -35.89
CA SER A 467 23.28 -19.61 -35.88
C SER A 467 22.87 -19.44 -37.31
N GLY A 468 23.62 -18.66 -38.08
CA GLY A 468 23.40 -18.55 -39.51
C GLY A 468 22.19 -17.89 -40.09
N PRO A 469 22.25 -17.54 -41.38
CA PRO A 469 21.04 -17.06 -42.03
C PRO A 469 20.06 -18.22 -42.10
N GLY A 470 20.57 -19.42 -42.39
CA GLY A 470 19.73 -20.61 -42.47
C GLY A 470 19.65 -21.36 -41.16
N LEU A 471 19.36 -22.66 -41.20
CA LEU A 471 19.18 -23.40 -39.96
C LEU A 471 20.48 -23.61 -39.10
N PRO A 472 20.41 -23.60 -37.72
CA PRO A 472 21.66 -23.78 -36.98
C PRO A 472 22.32 -25.12 -37.28
N LEU A 473 23.66 -25.10 -37.29
CA LEU A 473 24.48 -26.25 -37.59
C LEU A 473 25.61 -26.34 -36.57
N TYR A 474 25.90 -27.56 -36.11
CA TYR A 474 26.93 -27.80 -35.11
C TYR A 474 27.92 -28.82 -35.65
N THR A 475 29.21 -28.51 -35.54
CA THR A 475 30.27 -29.36 -36.07
C THR A 475 31.44 -29.39 -35.10
N LEU A 476 32.31 -30.39 -35.28
CA LEU A 476 33.51 -30.56 -34.46
C LEU A 476 34.72 -30.66 -35.37
N HIS A 477 35.82 -30.04 -34.95
CA HIS A 477 37.03 -29.94 -35.77
C HIS A 477 38.25 -30.24 -34.92
N SER A 478 39.36 -30.52 -35.61
CA SER A 478 40.66 -30.74 -34.99
C SER A 478 41.64 -29.69 -35.46
N SER A 479 42.43 -29.17 -34.52
CA SER A 479 43.26 -27.99 -34.78
C SER A 479 44.64 -28.32 -35.35
N VAL A 480 44.99 -29.59 -35.49
CA VAL A 480 46.31 -29.93 -36.04
C VAL A 480 46.39 -29.54 -37.50
N ASN A 481 45.37 -29.88 -38.28
CA ASN A 481 45.36 -29.53 -39.71
C ASN A 481 44.04 -28.90 -40.14
N ASP A 482 43.24 -28.42 -39.19
CA ASP A 482 41.94 -27.81 -39.49
C ASP A 482 41.04 -28.76 -40.26
N LYS A 483 41.00 -30.02 -39.84
CA LYS A 483 40.20 -31.03 -40.51
C LYS A 483 38.88 -31.23 -39.80
N GLY A 484 37.80 -31.24 -40.58
CA GLY A 484 36.47 -31.45 -40.02
C GLY A 484 36.20 -32.91 -39.71
N LEU A 485 35.94 -33.20 -38.44
CA LEU A 485 35.77 -34.59 -38.03
C LEU A 485 34.38 -35.12 -38.39
N ARG A 486 33.33 -34.48 -37.88
CA ARG A 486 31.98 -34.98 -38.10
C ARG A 486 30.98 -33.86 -37.85
N VAL A 487 29.70 -34.20 -37.99
CA VAL A 487 28.59 -33.28 -37.78
C VAL A 487 27.82 -33.73 -36.55
N LEU A 488 27.58 -32.81 -35.62
CA LEU A 488 26.91 -33.13 -34.36
C LEU A 488 25.41 -32.86 -34.42
N GLU A 489 24.99 -31.85 -35.16
CA GLU A 489 23.58 -31.47 -35.24
C GLU A 489 23.34 -30.75 -36.56
N ASP A 490 22.24 -31.09 -37.23
CA ASP A 490 21.88 -30.44 -38.48
C ASP A 490 20.45 -29.92 -38.54
N ASN A 491 19.62 -30.18 -37.54
CA ASN A 491 18.23 -29.73 -37.52
C ASN A 491 17.47 -30.19 -38.77
N SER A 492 17.61 -31.48 -39.07
CA SER A 492 16.90 -32.08 -40.19
C SER A 492 15.43 -32.33 -39.88
N ALA A 493 15.10 -32.57 -38.61
CA ALA A 493 13.71 -32.79 -38.23
C ALA A 493 12.87 -31.54 -38.44
N LEU A 494 13.41 -30.37 -38.08
CA LEU A 494 12.66 -29.13 -38.23
C LEU A 494 12.48 -28.76 -39.69
N ASP A 495 13.47 -29.06 -40.53
CA ASP A 495 13.39 -28.70 -41.94
C ASP A 495 12.23 -29.41 -42.62
N LYS A 496 12.01 -30.69 -42.30
CA LYS A 496 10.92 -31.44 -42.91
C LYS A 496 9.56 -30.83 -42.55
N MET A 497 9.39 -30.41 -41.30
CA MET A 497 8.12 -29.83 -40.87
C MET A 497 7.84 -28.50 -41.57
N LEU A 498 8.87 -27.68 -41.75
CA LEU A 498 8.68 -26.33 -42.27
C LEU A 498 8.45 -26.29 -43.77
N GLN A 499 8.61 -27.41 -44.48
CA GLN A 499 8.34 -27.42 -45.91
C GLN A 499 6.85 -27.25 -46.20
N ASN A 500 5.98 -27.60 -45.26
CA ASN A 500 4.54 -27.47 -45.45
C ASN A 500 3.99 -26.14 -44.95
N VAL A 501 4.83 -25.28 -44.40
CA VAL A 501 4.40 -24.02 -43.80
C VAL A 501 4.95 -22.86 -44.62
N GLN A 502 4.12 -21.84 -44.82
CA GLN A 502 4.51 -20.63 -45.53
C GLN A 502 5.29 -19.73 -44.57
N MET A 503 6.52 -19.40 -44.94
CA MET A 503 7.45 -18.72 -44.06
C MET A 503 7.93 -17.42 -44.68
N PRO A 504 8.27 -16.43 -43.86
CA PRO A 504 8.77 -15.16 -44.39
C PRO A 504 10.22 -15.24 -44.87
N SER A 505 10.74 -14.11 -45.34
CA SER A 505 12.13 -14.01 -45.77
C SER A 505 12.76 -12.78 -45.13
N LYS A 506 14.09 -12.72 -45.18
CA LYS A 506 14.86 -11.66 -44.57
C LYS A 506 15.74 -10.99 -45.62
N LYS A 507 15.84 -9.66 -45.52
CA LYS A 507 16.63 -8.87 -46.46
C LYS A 507 17.53 -7.93 -45.68
N LEU A 508 18.80 -7.84 -46.10
CA LEU A 508 19.80 -7.00 -45.45
C LEU A 508 20.40 -6.07 -46.48
N ASP A 509 20.42 -4.77 -46.19
CA ASP A 509 20.94 -3.77 -47.11
C ASP A 509 21.30 -2.53 -46.31
N PHE A 510 21.66 -1.45 -47.02
CA PHE A 510 22.12 -0.23 -46.39
C PHE A 510 21.65 0.98 -47.17
N ILE A 511 21.65 2.14 -46.50
CA ILE A 511 21.38 3.43 -47.11
C ILE A 511 22.49 4.38 -46.72
N ILE A 512 22.62 5.48 -47.47
CA ILE A 512 23.70 6.43 -47.31
C ILE A 512 23.13 7.77 -46.86
N LEU A 513 23.62 8.28 -45.73
CA LEU A 513 23.28 9.60 -45.23
C LEU A 513 24.56 10.34 -44.89
N ASN A 514 24.72 11.55 -45.43
CA ASN A 514 25.92 12.36 -45.25
C ASN A 514 27.18 11.59 -45.61
N GLU A 515 27.13 10.87 -46.74
CA GLU A 515 28.23 10.04 -47.20
C GLU A 515 28.69 9.04 -46.13
N THR A 516 27.73 8.45 -45.43
CA THR A 516 28.01 7.42 -44.43
C THR A 516 26.98 6.30 -44.59
N LYS A 517 27.45 5.06 -44.47
CA LYS A 517 26.62 3.90 -44.71
C LYS A 517 25.99 3.41 -43.41
N PHE A 518 24.66 3.26 -43.43
CA PHE A 518 23.92 2.75 -42.28
C PHE A 518 23.08 1.56 -42.72
N TRP A 519 23.07 0.51 -41.91
CA TRP A 519 22.49 -0.77 -42.28
C TRP A 519 21.10 -0.96 -41.68
N TYR A 520 20.28 -1.74 -42.38
CA TYR A 520 18.92 -2.03 -41.94
C TYR A 520 18.54 -3.44 -42.37
N GLN A 521 17.49 -3.97 -41.75
CA GLN A 521 16.97 -5.29 -42.08
C GLN A 521 15.45 -5.22 -42.22
N MET A 522 14.90 -6.16 -43.00
CA MET A 522 13.47 -6.22 -43.27
C MET A 522 13.01 -7.67 -43.29
N ILE A 523 11.85 -7.93 -42.70
CA ILE A 523 11.19 -9.23 -42.76
C ILE A 523 9.99 -9.11 -43.68
N LEU A 524 9.98 -9.88 -44.76
CA LEU A 524 9.01 -9.67 -45.83
C LEU A 524 7.98 -10.79 -45.85
N PRO A 525 6.74 -10.48 -46.18
CA PRO A 525 5.69 -11.50 -46.21
C PRO A 525 5.90 -12.48 -47.36
N PRO A 526 5.31 -13.66 -47.28
CA PRO A 526 5.42 -14.62 -48.39
C PRO A 526 4.78 -14.09 -49.66
N HIS A 527 5.34 -14.51 -50.80
CA HIS A 527 4.89 -14.07 -52.12
C HIS A 527 4.92 -12.55 -52.22
N PHE A 528 6.09 -11.98 -51.91
CA PHE A 528 6.23 -10.53 -51.88
C PHE A 528 6.16 -9.95 -53.28
N ASP A 529 5.46 -8.82 -53.41
CA ASP A 529 5.29 -8.13 -54.69
C ASP A 529 5.69 -6.67 -54.53
N LYS A 530 6.44 -6.16 -55.51
CA LYS A 530 6.91 -4.79 -55.46
C LYS A 530 5.80 -3.78 -55.77
N SER A 531 4.78 -4.20 -56.52
CA SER A 531 3.74 -3.26 -56.93
C SER A 531 2.77 -2.97 -55.79
N LYS A 532 2.47 -3.96 -54.96
CA LYS A 532 1.46 -3.79 -53.93
C LYS A 532 1.97 -2.93 -52.78
N LYS A 533 1.04 -2.52 -51.93
CA LYS A 533 1.33 -1.70 -50.76
C LYS A 533 1.13 -2.52 -49.49
N TYR A 534 2.07 -2.41 -48.56
CA TYR A 534 2.02 -3.13 -47.30
C TYR A 534 2.18 -2.16 -46.14
N PRO A 535 1.52 -2.42 -45.02
CA PRO A 535 1.79 -1.65 -43.80
C PRO A 535 3.15 -2.02 -43.22
N LEU A 536 3.71 -1.09 -42.44
CA LEU A 536 5.06 -1.23 -41.92
C LEU A 536 5.07 -1.01 -40.41
N LEU A 537 5.79 -1.88 -39.71
CA LEU A 537 5.99 -1.77 -38.27
C LEU A 537 7.48 -1.70 -38.00
N LEU A 538 7.89 -0.80 -37.11
CA LEU A 538 9.30 -0.53 -36.84
C LEU A 538 9.65 -1.01 -35.44
N ASP A 539 10.67 -1.85 -35.34
CA ASP A 539 11.18 -2.35 -34.08
C ASP A 539 12.48 -1.64 -33.74
N VAL A 540 12.56 -1.04 -32.56
CA VAL A 540 13.67 -0.18 -32.20
C VAL A 540 14.18 -0.54 -30.81
N TYR A 541 15.50 -0.61 -30.66
CA TYR A 541 16.16 -0.59 -29.36
C TYR A 541 17.08 0.62 -29.23
N ALA A 542 18.02 0.78 -30.16
CA ALA A 542 18.78 2.02 -30.34
C ALA A 542 19.63 2.38 -29.13
N GLY A 543 20.00 1.39 -28.32
CA GLY A 543 20.86 1.64 -27.19
C GLY A 543 22.30 1.84 -27.63
N PRO A 544 23.11 2.44 -26.75
CA PRO A 544 24.54 2.62 -27.08
C PRO A 544 25.23 1.27 -27.26
N CYS A 545 25.95 1.14 -28.37
CA CYS A 545 26.64 -0.09 -28.75
C CYS A 545 25.66 -1.27 -28.83
N SER A 546 24.71 -1.15 -29.74
CA SER A 546 23.71 -2.18 -29.98
C SER A 546 23.66 -2.51 -31.46
N GLN A 547 23.17 -3.70 -31.77
CA GLN A 547 23.03 -4.14 -33.15
C GLN A 547 21.68 -4.83 -33.33
N LYS A 548 20.87 -4.30 -34.24
CA LYS A 548 19.60 -4.90 -34.59
C LYS A 548 19.56 -5.47 -36.00
N ALA A 549 20.52 -5.13 -36.84
CA ALA A 549 20.63 -5.68 -38.19
C ALA A 549 21.77 -6.69 -38.22
N ASP A 550 21.43 -7.97 -38.26
CA ASP A 550 22.42 -9.03 -38.26
C ASP A 550 21.93 -10.17 -39.15
N THR A 551 22.60 -11.31 -39.08
CA THR A 551 22.32 -12.46 -39.92
C THR A 551 21.94 -13.69 -39.09
N VAL A 552 21.06 -13.50 -38.11
CA VAL A 552 20.66 -14.57 -37.20
C VAL A 552 19.26 -15.04 -37.58
N PHE A 553 19.05 -16.35 -37.52
CA PHE A 553 17.75 -16.96 -37.80
C PHE A 553 16.94 -17.03 -36.51
N ARG A 554 15.74 -16.46 -36.53
CA ARG A 554 14.90 -16.39 -35.33
C ARG A 554 13.47 -16.78 -35.66
N LEU A 555 12.77 -17.28 -34.66
CA LEU A 555 11.33 -17.55 -34.72
C LEU A 555 10.69 -16.84 -33.53
N ASN A 556 10.02 -15.73 -33.79
CA ASN A 556 9.53 -14.88 -32.71
C ASN A 556 8.23 -14.21 -33.15
N TRP A 557 7.83 -13.16 -32.43
CA TRP A 557 6.58 -12.47 -32.71
C TRP A 557 6.58 -11.84 -34.10
N ALA A 558 7.74 -11.43 -34.60
CA ALA A 558 7.81 -10.82 -35.92
C ALA A 558 7.44 -11.82 -37.01
N THR A 559 7.74 -13.10 -36.79
CA THR A 559 7.39 -14.12 -37.78
C THR A 559 5.89 -14.27 -37.92
N TYR A 560 5.16 -14.18 -36.80
CA TYR A 560 3.71 -14.21 -36.86
C TYR A 560 3.14 -13.06 -37.67
N LEU A 561 3.67 -11.85 -37.46
CA LEU A 561 3.08 -10.67 -38.10
C LEU A 561 3.25 -10.72 -39.61
N ALA A 562 4.41 -11.17 -40.09
CA ALA A 562 4.66 -11.23 -41.52
C ALA A 562 3.95 -12.40 -42.19
N SER A 563 3.92 -13.56 -41.53
CA SER A 563 3.41 -14.76 -42.18
C SER A 563 1.89 -14.74 -42.29
N THR A 564 1.20 -14.31 -41.24
CA THR A 564 -0.25 -14.38 -41.20
C THR A 564 -0.91 -13.04 -41.53
N GLU A 565 -0.46 -11.95 -40.93
CA GLU A 565 -1.09 -10.65 -41.08
C GLU A 565 -0.53 -9.83 -42.24
N ASN A 566 0.54 -10.29 -42.88
CA ASN A 566 1.15 -9.60 -44.01
C ASN A 566 1.58 -8.18 -43.64
N ILE A 567 2.49 -8.10 -42.67
CA ILE A 567 3.03 -6.85 -42.16
C ILE A 567 4.54 -6.88 -42.27
N ILE A 568 5.13 -5.81 -42.80
CA ILE A 568 6.58 -5.69 -42.89
C ILE A 568 7.13 -5.20 -41.56
N VAL A 569 8.15 -5.89 -41.06
CA VAL A 569 8.84 -5.50 -39.83
C VAL A 569 10.28 -5.16 -40.18
N ALA A 570 10.74 -3.99 -39.74
CA ALA A 570 12.05 -3.48 -40.10
C ALA A 570 12.77 -2.93 -38.88
N SER A 571 14.10 -2.96 -38.93
CA SER A 571 14.95 -2.41 -37.89
C SER A 571 16.08 -1.62 -38.54
N PHE A 572 16.60 -0.63 -37.81
CA PHE A 572 17.60 0.28 -38.34
C PHE A 572 18.67 0.54 -37.29
N ASP A 573 19.92 0.62 -37.74
CA ASP A 573 21.05 0.96 -36.89
C ASP A 573 21.60 2.31 -37.32
N GLY A 574 21.60 3.28 -36.41
CA GLY A 574 22.05 4.62 -36.73
C GLY A 574 23.18 5.09 -35.84
N ARG A 575 23.21 6.38 -35.54
CA ARG A 575 24.25 6.92 -34.68
C ARG A 575 24.09 6.41 -33.26
N GLY A 576 25.20 6.04 -32.65
CA GLY A 576 25.21 5.41 -31.35
C GLY A 576 25.37 3.91 -31.38
N SER A 577 25.17 3.29 -32.54
CA SER A 577 25.34 1.84 -32.66
C SER A 577 26.82 1.46 -32.61
N GLY A 578 27.08 0.17 -32.38
CA GLY A 578 28.41 -0.32 -32.18
C GLY A 578 28.92 -1.21 -33.30
N TYR A 579 30.16 -1.65 -33.11
CA TYR A 579 30.87 -2.54 -34.05
C TYR A 579 31.08 -1.90 -35.42
N GLN A 580 31.15 -0.57 -35.45
CA GLN A 580 31.42 0.15 -36.70
C GLN A 580 32.46 1.25 -36.56
N GLY A 581 32.89 1.60 -35.35
CA GLY A 581 33.87 2.66 -35.17
C GLY A 581 33.52 3.62 -34.06
N ASP A 582 34.54 4.29 -33.51
CA ASP A 582 34.30 5.22 -32.41
C ASP A 582 33.63 6.50 -32.87
N LYS A 583 33.79 6.86 -34.14
CA LYS A 583 33.14 8.08 -34.65
C LYS A 583 31.62 7.94 -34.62
N ILE A 584 31.10 6.79 -35.03
CA ILE A 584 29.66 6.56 -35.00
C ILE A 584 29.18 6.34 -33.57
N MET A 585 29.94 5.58 -32.78
CA MET A 585 29.48 5.17 -31.46
C MET A 585 29.44 6.34 -30.49
N HIS A 586 30.43 7.21 -30.52
CA HIS A 586 30.57 8.29 -29.55
C HIS A 586 29.86 9.56 -29.97
N ALA A 587 28.94 9.49 -30.93
CA ALA A 587 28.23 10.68 -31.38
C ALA A 587 27.16 11.13 -30.40
N ILE A 588 26.75 10.27 -29.46
CA ILE A 588 25.68 10.59 -28.53
C ILE A 588 26.24 10.78 -27.12
N ASN A 589 27.52 11.16 -27.03
CA ASN A 589 28.12 11.39 -25.73
C ASN A 589 27.56 12.65 -25.09
N ARG A 590 27.08 12.52 -23.86
CA ARG A 590 26.48 13.59 -23.07
C ARG A 590 25.24 14.20 -23.73
N ARG A 591 24.70 13.56 -24.76
CA ARG A 591 23.53 14.08 -25.48
C ARG A 591 22.54 12.96 -25.76
N LEU A 592 22.23 12.16 -24.74
CA LEU A 592 21.28 11.07 -24.90
C LEU A 592 19.89 11.60 -25.23
N GLY A 593 19.19 10.89 -26.10
CA GLY A 593 17.85 11.28 -26.48
C GLY A 593 17.75 12.32 -27.56
N THR A 594 18.84 12.57 -28.31
CA THR A 594 18.82 13.56 -29.36
C THR A 594 19.04 12.96 -30.74
N PHE A 595 20.17 12.29 -30.98
CA PHE A 595 20.52 11.85 -32.32
C PHE A 595 19.89 10.52 -32.71
N GLU A 596 19.71 9.60 -31.76
CA GLU A 596 19.09 8.32 -32.09
C GLU A 596 17.60 8.48 -32.35
N VAL A 597 16.98 9.49 -31.75
CA VAL A 597 15.56 9.75 -32.00
C VAL A 597 15.35 10.28 -33.42
N GLU A 598 16.21 11.21 -33.85
CA GLU A 598 16.06 11.78 -35.19
C GLU A 598 16.38 10.75 -36.26
N ASP A 599 17.33 9.85 -35.99
CA ASP A 599 17.71 8.86 -37.00
C ASP A 599 16.56 7.93 -37.34
N GLN A 600 15.78 7.52 -36.34
CA GLN A 600 14.67 6.62 -36.59
C GLN A 600 13.62 7.27 -37.48
N ILE A 601 13.35 8.56 -37.28
CA ILE A 601 12.37 9.26 -38.10
C ILE A 601 12.84 9.35 -39.54
N GLU A 602 14.13 9.64 -39.75
CA GLU A 602 14.64 9.77 -41.11
C GLU A 602 14.59 8.46 -41.86
N ALA A 603 14.83 7.34 -41.17
CA ALA A 603 14.76 6.03 -41.81
C ALA A 603 13.34 5.74 -42.29
N ALA A 604 12.33 6.11 -41.51
CA ALA A 604 10.95 5.88 -41.90
C ALA A 604 10.60 6.66 -43.16
N ARG A 605 11.09 7.90 -43.28
CA ARG A 605 10.87 8.67 -44.49
C ARG A 605 11.51 8.01 -45.70
N GLN A 606 12.72 7.47 -45.53
CA GLN A 606 13.38 6.78 -46.62
C GLN A 606 12.60 5.53 -47.03
N PHE A 607 12.07 4.80 -46.05
CA PHE A 607 11.28 3.61 -46.37
C PHE A 607 10.01 3.97 -47.13
N SER A 608 9.38 5.09 -46.76
CA SER A 608 8.16 5.50 -47.44
C SER A 608 8.41 5.89 -48.90
N LYS A 609 9.62 6.33 -49.21
CA LYS A 609 9.95 6.66 -50.59
C LYS A 609 9.97 5.43 -51.49
N MET A 610 10.21 4.25 -50.91
CA MET A 610 10.13 3.01 -51.68
C MET A 610 8.68 2.74 -52.07
N GLY A 611 8.51 1.97 -53.15
CA GLY A 611 7.20 1.85 -53.75
C GLY A 611 6.21 1.03 -52.96
N PHE A 612 6.71 0.12 -52.11
CA PHE A 612 5.86 -0.91 -51.52
C PHE A 612 5.45 -0.61 -50.08
N VAL A 613 5.62 0.61 -49.60
CA VAL A 613 5.28 0.97 -48.22
C VAL A 613 4.11 1.95 -48.25
N ASP A 614 3.10 1.66 -47.44
CA ASP A 614 1.93 2.53 -47.32
C ASP A 614 2.22 3.68 -46.36
N ASN A 615 1.93 4.91 -46.81
CA ASN A 615 2.23 6.08 -46.01
C ASN A 615 1.31 6.21 -44.79
N LYS A 616 0.07 5.73 -44.91
CA LYS A 616 -0.91 5.96 -43.86
C LYS A 616 -0.69 5.03 -42.66
N ARG A 617 -0.20 3.83 -42.89
CA ARG A 617 -0.12 2.80 -41.86
C ARG A 617 1.33 2.51 -41.50
N ILE A 618 1.85 3.23 -40.50
CA ILE A 618 3.19 3.04 -39.97
C ILE A 618 3.13 3.11 -38.46
N ALA A 619 3.79 2.16 -37.78
CA ALA A 619 3.78 2.09 -36.32
C ALA A 619 5.19 1.83 -35.80
N ILE A 620 5.32 1.80 -34.48
CA ILE A 620 6.60 1.67 -33.80
C ILE A 620 6.36 1.07 -32.42
N TRP A 621 7.32 0.28 -31.92
CA TRP A 621 7.21 -0.25 -30.56
C TRP A 621 8.60 -0.59 -30.06
N GLY A 622 8.71 -0.80 -28.75
CA GLY A 622 10.00 -1.10 -28.17
C GLY A 622 9.88 -1.50 -26.72
N TRP A 623 11.02 -1.91 -26.16
CA TRP A 623 11.12 -2.44 -24.80
C TRP A 623 12.29 -1.76 -24.09
N SER A 624 12.09 -1.42 -22.81
CA SER A 624 13.11 -0.79 -21.99
C SER A 624 13.62 0.51 -22.60
N TYR A 625 14.89 0.53 -23.02
CA TYR A 625 15.42 1.69 -23.72
C TYR A 625 14.65 1.96 -25.00
N GLY A 626 14.14 0.91 -25.65
CA GLY A 626 13.31 1.10 -26.82
C GLY A 626 12.02 1.81 -26.52
N GLY A 627 11.44 1.57 -25.34
CA GLY A 627 10.25 2.30 -24.95
C GLY A 627 10.52 3.79 -24.79
N TYR A 628 11.70 4.14 -24.29
CA TYR A 628 12.08 5.55 -24.19
C TYR A 628 12.16 6.19 -25.57
N VAL A 629 12.76 5.50 -26.54
CA VAL A 629 12.88 6.05 -27.88
C VAL A 629 11.52 6.14 -28.55
N THR A 630 10.66 5.14 -28.32
CA THR A 630 9.32 5.15 -28.90
C THR A 630 8.51 6.33 -28.38
N SER A 631 8.61 6.62 -27.09
CA SER A 631 7.85 7.72 -26.51
C SER A 631 8.29 9.06 -27.07
N MET A 632 9.60 9.28 -27.23
CA MET A 632 10.07 10.55 -27.74
C MET A 632 9.77 10.71 -29.23
N VAL A 633 9.71 9.60 -29.98
CA VAL A 633 9.37 9.68 -31.39
C VAL A 633 7.91 10.05 -31.58
N LEU A 634 7.02 9.46 -30.78
CA LEU A 634 5.61 9.78 -30.88
C LEU A 634 5.33 11.22 -30.49
N GLY A 635 6.04 11.73 -29.48
CA GLY A 635 5.89 13.09 -29.02
C GLY A 635 6.72 14.12 -29.76
N SER A 636 7.40 13.73 -30.83
CA SER A 636 8.25 14.67 -31.57
C SER A 636 7.44 15.61 -32.46
N GLY A 637 6.22 15.22 -32.84
CA GLY A 637 5.42 16.06 -33.70
C GLY A 637 5.74 15.95 -35.18
N SER A 638 6.33 14.84 -35.61
CA SER A 638 6.73 14.70 -37.01
C SER A 638 5.53 14.41 -37.90
N GLY A 639 4.55 13.68 -37.40
CA GLY A 639 3.40 13.31 -38.21
C GLY A 639 3.59 12.13 -39.11
N VAL A 640 4.66 11.35 -38.92
CA VAL A 640 4.93 10.20 -39.77
C VAL A 640 4.24 8.95 -39.25
N PHE A 641 4.17 8.78 -37.94
CA PHE A 641 3.66 7.57 -37.32
C PHE A 641 2.20 7.74 -36.88
N LYS A 642 1.54 6.62 -36.65
CA LYS A 642 0.12 6.58 -36.30
C LYS A 642 -0.13 6.03 -34.91
N CYS A 643 0.44 4.87 -34.58
CA CYS A 643 0.24 4.25 -33.27
C CYS A 643 1.56 3.69 -32.77
N GLY A 644 1.65 3.51 -31.46
CA GLY A 644 2.88 3.02 -30.85
C GLY A 644 2.62 2.34 -29.52
N ILE A 645 3.57 1.47 -29.15
CA ILE A 645 3.50 0.70 -27.92
C ILE A 645 4.82 0.85 -27.17
N ALA A 646 4.75 1.09 -25.86
CA ALA A 646 5.93 1.21 -25.01
C ALA A 646 5.78 0.26 -23.84
N VAL A 647 6.75 -0.64 -23.67
CA VAL A 647 6.75 -1.63 -22.60
C VAL A 647 7.91 -1.34 -21.67
N ALA A 648 7.60 -1.06 -20.40
CA ALA A 648 8.56 -0.74 -19.35
C ALA A 648 9.56 0.32 -19.80
N PRO A 649 9.12 1.56 -20.03
CA PRO A 649 10.01 2.59 -20.56
C PRO A 649 10.74 3.36 -19.47
N VAL A 650 11.74 4.12 -19.91
CA VAL A 650 12.44 5.08 -19.07
C VAL A 650 11.93 6.47 -19.42
N SER A 651 11.56 7.25 -18.40
CA SER A 651 11.01 8.59 -18.61
C SER A 651 11.99 9.69 -18.24
N ARG A 652 12.65 9.59 -17.10
CA ARG A 652 13.60 10.58 -16.62
C ARG A 652 14.91 9.88 -16.28
N TRP A 653 16.03 10.47 -16.69
CA TRP A 653 17.31 9.82 -16.46
C TRP A 653 17.81 9.96 -15.03
N GLU A 654 17.15 10.77 -14.20
CA GLU A 654 17.50 10.84 -12.79
C GLU A 654 16.86 9.72 -11.99
N TYR A 655 15.97 8.92 -12.59
CA TYR A 655 15.36 7.78 -11.92
C TYR A 655 16.14 6.48 -12.12
N TYR A 656 17.18 6.48 -12.96
CA TYR A 656 17.92 5.27 -13.26
C TYR A 656 19.21 5.21 -12.44
N ASP A 657 19.87 4.05 -12.49
CA ASP A 657 21.03 3.80 -11.66
C ASP A 657 22.23 4.64 -12.12
N SER A 658 23.21 4.77 -11.22
CA SER A 658 24.31 5.69 -11.45
C SER A 658 25.30 5.16 -12.48
N VAL A 659 25.63 3.87 -12.41
CA VAL A 659 26.70 3.33 -13.25
C VAL A 659 26.35 3.45 -14.73
N TYR A 660 25.11 3.11 -15.09
CA TYR A 660 24.71 3.18 -16.49
C TYR A 660 24.54 4.62 -16.95
N THR A 661 23.88 5.45 -16.15
CA THR A 661 23.53 6.80 -16.59
C THR A 661 24.74 7.72 -16.63
N GLU A 662 25.57 7.68 -15.58
CA GLU A 662 26.73 8.57 -15.52
C GLU A 662 27.79 8.23 -16.55
N ARG A 663 27.75 7.02 -17.12
CA ARG A 663 28.71 6.65 -18.13
C ARG A 663 28.54 7.49 -19.39
N TYR A 664 27.30 7.78 -19.77
CA TYR A 664 27.03 8.52 -21.00
C TYR A 664 26.56 9.95 -20.76
N MET A 665 26.19 10.32 -19.53
CA MET A 665 25.57 11.62 -19.28
C MET A 665 26.30 12.51 -18.29
N GLY A 666 27.13 11.96 -17.42
CA GLY A 666 27.76 12.75 -16.39
C GLY A 666 26.89 12.96 -15.17
N LEU A 667 27.36 13.80 -14.27
CA LEU A 667 26.68 14.06 -13.01
C LEU A 667 25.51 15.01 -13.23
N PRO A 668 24.45 14.91 -12.42
CA PRO A 668 23.32 15.86 -12.50
C PRO A 668 23.50 17.06 -11.59
N THR A 669 24.55 17.81 -11.85
CA THR A 669 25.00 18.88 -10.97
C THR A 669 25.21 20.14 -11.81
N PRO A 670 24.90 21.32 -11.27
CA PRO A 670 24.93 22.54 -12.11
C PRO A 670 26.24 22.82 -12.82
N GLU A 671 27.40 22.56 -12.19
CA GLU A 671 28.65 22.85 -12.89
C GLU A 671 29.02 21.77 -13.90
N ASP A 672 28.22 20.70 -14.03
CA ASP A 672 28.52 19.66 -15.02
C ASP A 672 27.21 19.03 -15.47
N ASN A 673 26.71 19.48 -16.63
CA ASN A 673 25.66 18.80 -17.39
C ASN A 673 24.41 18.51 -16.54
N LEU A 674 23.77 19.60 -16.12
CA LEU A 674 22.45 19.52 -15.51
C LEU A 674 21.33 19.97 -16.44
N ASP A 675 21.64 20.86 -17.38
CA ASP A 675 20.60 21.35 -18.29
C ASP A 675 20.06 20.24 -19.18
N HIS A 676 20.93 19.35 -19.67
CA HIS A 676 20.46 18.30 -20.57
C HIS A 676 19.66 17.23 -19.85
N TYR A 677 19.87 17.04 -18.55
CA TYR A 677 19.02 16.12 -17.80
C TYR A 677 17.57 16.58 -17.85
N ARG A 678 17.34 17.89 -17.87
CA ARG A 678 15.99 18.44 -17.84
C ARG A 678 15.35 18.48 -19.22
N ASN A 679 16.15 18.63 -20.28
CA ASN A 679 15.63 18.74 -21.64
C ASN A 679 15.32 17.40 -22.28
N SER A 680 15.72 16.29 -21.66
CA SER A 680 15.53 14.96 -22.23
C SER A 680 14.43 14.18 -21.53
N THR A 681 13.38 14.86 -21.07
CA THR A 681 12.32 14.23 -20.32
C THR A 681 11.11 13.96 -21.20
N VAL A 682 10.53 12.76 -21.06
CA VAL A 682 9.34 12.41 -21.83
C VAL A 682 8.16 13.27 -21.41
N MET A 683 8.06 13.61 -20.12
CA MET A 683 6.89 14.34 -19.64
C MET A 683 6.81 15.75 -20.22
N SER A 684 7.91 16.27 -20.75
CA SER A 684 7.90 17.61 -21.32
C SER A 684 7.26 17.66 -22.70
N ARG A 685 6.94 16.51 -23.30
CA ARG A 685 6.35 16.44 -24.63
C ARG A 685 4.93 15.89 -24.62
N ALA A 686 4.21 16.03 -23.51
CA ALA A 686 2.91 15.38 -23.38
C ALA A 686 1.88 15.98 -24.33
N GLU A 687 2.03 17.26 -24.68
CA GLU A 687 1.01 17.94 -25.47
C GLU A 687 0.91 17.35 -26.88
N ASN A 688 2.03 16.91 -27.45
CA ASN A 688 2.03 16.44 -28.82
C ASN A 688 1.38 15.07 -28.97
N PHE A 689 1.06 14.39 -27.88
CA PHE A 689 0.49 13.06 -27.95
C PHE A 689 -0.95 13.05 -28.45
N LYS A 690 -1.58 14.22 -28.59
CA LYS A 690 -2.97 14.27 -29.02
C LYS A 690 -3.16 13.78 -30.45
N GLN A 691 -2.10 13.72 -31.24
CA GLN A 691 -2.20 13.37 -32.65
C GLN A 691 -1.97 11.88 -32.92
N VAL A 692 -1.62 11.09 -31.91
CA VAL A 692 -1.26 9.68 -32.10
C VAL A 692 -1.96 8.83 -31.04
N GLU A 693 -2.01 7.53 -31.30
CA GLU A 693 -2.47 6.56 -30.33
C GLU A 693 -1.30 5.99 -29.54
N TYR A 694 -1.58 5.52 -28.32
CA TYR A 694 -0.52 5.16 -27.39
C TYR A 694 -1.00 4.03 -26.49
N LEU A 695 -0.11 3.08 -26.23
CA LEU A 695 -0.37 1.98 -25.30
C LEU A 695 0.82 1.84 -24.37
N LEU A 696 0.55 1.74 -23.07
CA LEU A 696 1.59 1.71 -22.05
C LEU A 696 1.41 0.48 -21.17
N ILE A 697 2.50 -0.27 -20.97
CA ILE A 697 2.50 -1.50 -20.20
C ILE A 697 3.70 -1.49 -19.25
N HIS A 698 3.47 -1.90 -18.00
CA HIS A 698 4.56 -1.98 -17.04
C HIS A 698 4.15 -2.91 -15.91
N GLY A 699 5.12 -3.59 -15.32
CA GLY A 699 4.89 -4.53 -14.23
C GLY A 699 5.15 -3.87 -12.89
N THR A 700 4.32 -4.23 -11.90
CA THR A 700 4.33 -3.51 -10.63
C THR A 700 5.54 -3.85 -9.77
N ALA A 701 6.04 -5.08 -9.86
CA ALA A 701 7.19 -5.50 -9.08
C ALA A 701 8.50 -5.37 -9.86
N ASP A 702 8.53 -4.45 -10.82
CA ASP A 702 9.72 -4.27 -11.66
C ASP A 702 10.83 -3.65 -10.83
N ASP A 703 12.01 -4.25 -10.93
CA ASP A 703 13.16 -3.90 -10.09
C ASP A 703 14.28 -3.21 -10.86
N ASN A 704 14.34 -3.36 -12.18
CA ASN A 704 15.34 -2.65 -12.98
C ASN A 704 14.86 -1.25 -13.31
N VAL A 705 13.76 -1.13 -14.05
CA VAL A 705 13.12 0.14 -14.33
C VAL A 705 11.87 0.20 -13.49
N HIS A 706 11.86 1.08 -12.49
CA HIS A 706 10.82 1.04 -11.48
C HIS A 706 9.48 1.50 -12.04
N PHE A 707 8.41 1.07 -11.36
CA PHE A 707 7.06 1.45 -11.74
C PHE A 707 6.83 2.96 -11.61
N GLN A 708 7.70 3.65 -10.89
CA GLN A 708 7.59 5.09 -10.75
C GLN A 708 7.67 5.80 -12.09
N GLN A 709 8.44 5.25 -13.02
CA GLN A 709 8.69 5.94 -14.28
C GLN A 709 7.45 5.97 -15.17
N SER A 710 6.70 4.86 -15.19
CA SER A 710 5.47 4.84 -15.98
C SER A 710 4.35 5.60 -15.28
N ALA A 711 4.37 5.63 -13.95
CA ALA A 711 3.35 6.37 -13.21
C ALA A 711 3.44 7.87 -13.48
N GLN A 712 4.66 8.37 -13.68
CA GLN A 712 4.82 9.80 -13.94
C GLN A 712 4.43 10.16 -15.36
N ILE A 713 4.60 9.23 -16.31
CA ILE A 713 4.17 9.48 -17.69
C ILE A 713 2.66 9.65 -17.74
N SER A 714 1.93 8.79 -17.05
CA SER A 714 0.47 8.83 -17.11
C SER A 714 -0.06 10.10 -16.45
N LYS A 715 0.57 10.55 -15.37
CA LYS A 715 0.12 11.76 -14.69
C LYS A 715 0.27 12.99 -15.59
N ALA A 716 1.35 13.05 -16.36
CA ALA A 716 1.55 14.19 -17.26
C ALA A 716 0.52 14.21 -18.38
N LEU A 717 0.16 13.04 -18.90
CA LEU A 717 -0.82 12.98 -19.99
C LEU A 717 -2.21 13.34 -19.50
N VAL A 718 -2.54 12.97 -18.27
CA VAL A 718 -3.85 13.31 -17.71
C VAL A 718 -3.97 14.81 -17.50
N ASP A 719 -2.88 15.47 -17.10
CA ASP A 719 -2.92 16.89 -16.81
C ASP A 719 -3.24 17.71 -18.05
N VAL A 720 -2.73 17.28 -19.21
CA VAL A 720 -2.99 18.03 -20.44
C VAL A 720 -4.27 17.57 -21.11
N GLY A 721 -4.70 16.34 -20.86
CA GLY A 721 -5.95 15.83 -21.41
C GLY A 721 -5.84 14.93 -22.62
N VAL A 722 -4.88 14.01 -22.64
CA VAL A 722 -4.70 13.12 -23.77
C VAL A 722 -5.34 11.77 -23.44
N ASP A 723 -5.93 11.15 -24.45
CA ASP A 723 -6.58 9.84 -24.31
C ASP A 723 -5.59 8.76 -24.72
N PHE A 724 -5.41 7.77 -23.85
CA PHE A 724 -4.46 6.68 -24.10
C PHE A 724 -4.96 5.43 -23.38
N GLN A 725 -4.25 4.33 -23.61
CA GLN A 725 -4.57 3.05 -22.99
C GLN A 725 -3.40 2.58 -22.13
N ALA A 726 -3.72 1.86 -21.07
CA ALA A 726 -2.72 1.43 -20.10
C ALA A 726 -3.01 0.00 -19.65
N MET A 727 -2.00 -0.63 -19.07
CA MET A 727 -2.11 -1.99 -18.58
C MET A 727 -0.99 -2.25 -17.57
N TRP A 728 -1.34 -2.89 -16.46
CA TRP A 728 -0.37 -3.25 -15.43
C TRP A 728 -0.43 -4.75 -15.17
N TYR A 729 0.72 -5.31 -14.79
CA TYR A 729 0.82 -6.73 -14.46
C TYR A 729 1.31 -6.87 -13.03
N THR A 730 0.55 -7.62 -12.22
CA THR A 730 0.82 -7.72 -10.80
C THR A 730 1.92 -8.74 -10.53
N ASP A 731 2.89 -8.32 -9.71
CA ASP A 731 4.00 -9.19 -9.29
C ASP A 731 4.77 -9.74 -10.48
N GLU A 732 5.12 -8.84 -11.40
CA GLU A 732 5.91 -9.19 -12.57
C GLU A 732 7.16 -8.32 -12.63
N ASP A 733 8.28 -8.93 -12.99
CA ASP A 733 9.56 -8.26 -13.05
C ASP A 733 9.77 -7.64 -14.43
N HIS A 734 11.02 -7.26 -14.72
CA HIS A 734 11.33 -6.56 -15.95
C HIS A 734 11.04 -7.41 -17.18
N GLY A 735 11.31 -8.71 -17.10
CA GLY A 735 11.16 -9.57 -18.27
C GLY A 735 9.73 -9.98 -18.58
N ILE A 736 8.87 -10.03 -17.57
CA ILE A 736 7.52 -10.56 -17.69
C ILE A 736 7.61 -11.97 -18.29
N ALA A 737 8.36 -12.83 -17.64
CA ALA A 737 8.70 -14.15 -18.19
C ALA A 737 7.81 -15.28 -17.67
N SER A 738 6.82 -14.97 -16.83
CA SER A 738 5.91 -16.01 -16.36
C SER A 738 5.11 -16.57 -17.54
N SER A 739 4.79 -17.87 -17.46
CA SER A 739 4.15 -18.54 -18.58
C SER A 739 2.80 -17.92 -18.90
N THR A 740 2.02 -17.60 -17.88
CA THR A 740 0.71 -16.99 -18.11
C THR A 740 0.83 -15.54 -18.55
N ALA A 741 1.76 -14.80 -17.96
CA ALA A 741 1.91 -13.38 -18.30
C ALA A 741 2.52 -13.21 -19.68
N HIS A 742 3.39 -14.14 -20.09
CA HIS A 742 3.98 -14.07 -21.43
C HIS A 742 2.92 -14.21 -22.51
N GLN A 743 1.97 -15.13 -22.32
CA GLN A 743 0.92 -15.34 -23.31
C GLN A 743 -0.07 -14.19 -23.33
N HIS A 744 -0.32 -13.58 -22.18
CA HIS A 744 -1.33 -12.52 -22.10
C HIS A 744 -0.85 -11.25 -22.81
N ILE A 745 0.41 -10.88 -22.63
CA ILE A 745 0.88 -9.60 -23.13
C ILE A 745 0.92 -9.60 -24.67
N TYR A 746 1.27 -10.74 -25.27
CA TYR A 746 1.38 -10.76 -26.72
C TYR A 746 0.02 -10.87 -27.41
N THR A 747 -0.97 -11.48 -26.75
CA THR A 747 -2.32 -11.46 -27.28
C THR A 747 -2.90 -10.05 -27.22
N HIS A 748 -2.65 -9.32 -26.13
CA HIS A 748 -3.14 -7.95 -26.01
C HIS A 748 -2.50 -7.04 -27.05
N MET A 749 -1.19 -7.19 -27.29
CA MET A 749 -0.51 -6.33 -28.25
C MET A 749 -0.97 -6.64 -29.67
N SER A 750 -1.31 -7.89 -29.96
CA SER A 750 -1.73 -8.26 -31.31
C SER A 750 -3.05 -7.59 -31.69
N HIS A 751 -3.98 -7.51 -30.75
CA HIS A 751 -5.28 -6.88 -31.04
C HIS A 751 -5.10 -5.39 -31.30
N PHE A 752 -4.19 -4.75 -30.58
CA PHE A 752 -3.98 -3.31 -30.74
C PHE A 752 -3.47 -2.96 -32.14
N ILE A 753 -2.57 -3.79 -32.68
CA ILE A 753 -2.02 -3.50 -34.00
C ILE A 753 -3.08 -3.71 -35.08
N LYS A 754 -3.90 -4.75 -34.93
CA LYS A 754 -4.91 -5.05 -35.95
C LYS A 754 -5.92 -3.93 -36.11
N GLN A 755 -6.36 -3.34 -34.99
CA GLN A 755 -7.33 -2.24 -35.08
C GLN A 755 -6.67 -0.96 -35.58
N CYS A 756 -5.37 -0.77 -35.30
CA CYS A 756 -4.68 0.42 -35.79
C CYS A 756 -4.54 0.36 -37.31
N PHE A 757 -4.37 -0.84 -37.86
CA PHE A 757 -4.23 -1.00 -39.31
C PHE A 757 -5.53 -1.42 -39.97
N SER B 33 -32.13 21.80 -35.68
CA SER B 33 -32.96 21.62 -34.50
C SER B 33 -32.32 22.28 -33.28
N ARG B 34 -32.96 22.12 -32.12
CA ARG B 34 -32.45 22.70 -30.90
C ARG B 34 -31.23 21.93 -30.41
N LYS B 35 -30.49 22.55 -29.49
CA LYS B 35 -29.31 21.94 -28.93
C LYS B 35 -29.68 20.91 -27.87
N THR B 36 -28.72 20.04 -27.55
CA THR B 36 -28.90 18.99 -26.56
C THR B 36 -27.80 19.08 -25.52
N TYR B 37 -28.09 18.50 -24.35
CA TYR B 37 -27.09 18.39 -23.30
C TYR B 37 -25.89 17.60 -23.79
N THR B 38 -24.70 18.15 -23.60
CA THR B 38 -23.46 17.57 -24.11
C THR B 38 -22.52 17.23 -22.97
N LEU B 39 -21.44 16.53 -23.32
CA LEU B 39 -20.44 16.15 -22.33
C LEU B 39 -19.65 17.36 -21.84
N THR B 40 -19.43 18.33 -22.72
CA THR B 40 -18.71 19.53 -22.32
C THR B 40 -19.49 20.32 -21.28
N ASP B 41 -20.82 20.36 -21.41
CA ASP B 41 -21.64 21.06 -20.44
C ASP B 41 -21.51 20.45 -19.05
N TYR B 42 -21.50 19.13 -18.97
CA TYR B 42 -21.37 18.47 -17.67
C TYR B 42 -19.99 18.69 -17.07
N LEU B 43 -18.94 18.64 -17.90
CA LEU B 43 -17.58 18.75 -17.39
C LEU B 43 -17.22 20.18 -17.00
N LYS B 44 -17.67 21.18 -17.77
CA LYS B 44 -17.35 22.57 -17.51
C LYS B 44 -18.40 23.29 -16.68
N ASN B 45 -19.46 22.61 -16.26
CA ASN B 45 -20.49 23.16 -15.38
C ASN B 45 -21.14 24.41 -15.98
N THR B 46 -21.71 24.24 -17.18
CA THR B 46 -22.34 25.36 -17.86
C THR B 46 -23.65 25.76 -17.19
N TYR B 47 -24.47 24.78 -16.83
CA TYR B 47 -25.76 25.04 -16.17
C TYR B 47 -25.59 24.78 -14.68
N ARG B 48 -25.91 25.77 -13.86
CA ARG B 48 -25.66 25.72 -12.43
C ARG B 48 -26.97 25.82 -11.65
N LEU B 49 -27.01 25.14 -10.51
CA LEU B 49 -28.12 25.24 -9.57
C LEU B 49 -27.71 26.18 -8.44
N LYS B 50 -28.59 27.14 -8.13
CA LYS B 50 -28.32 28.11 -7.09
C LYS B 50 -28.86 27.63 -5.75
N LEU B 51 -28.15 28.02 -4.68
CA LEU B 51 -28.46 27.58 -3.33
C LEU B 51 -28.67 28.78 -2.44
N TYR B 52 -29.23 28.53 -1.25
CA TYR B 52 -29.44 29.56 -0.24
C TYR B 52 -29.04 28.97 1.11
N SER B 53 -27.83 29.27 1.57
CA SER B 53 -27.30 28.74 2.82
C SER B 53 -27.33 29.83 3.88
N LEU B 54 -27.89 29.50 5.05
CA LEU B 54 -28.02 30.45 6.14
C LEU B 54 -27.62 29.80 7.45
N ARG B 55 -27.21 30.64 8.41
CA ARG B 55 -26.85 30.21 9.75
C ARG B 55 -27.68 30.98 10.76
N TRP B 56 -28.46 30.26 11.56
CA TRP B 56 -29.27 30.89 12.59
C TRP B 56 -28.39 31.30 13.77
N ILE B 57 -28.53 32.54 14.21
CA ILE B 57 -27.79 33.04 15.37
C ILE B 57 -28.68 33.45 16.53
N SER B 58 -29.98 33.55 16.32
CA SER B 58 -30.93 33.90 17.38
C SER B 58 -32.25 33.22 17.05
N ASP B 59 -33.31 33.67 17.72
CA ASP B 59 -34.64 33.15 17.43
C ASP B 59 -35.29 33.83 16.24
N HIS B 60 -34.75 34.97 15.77
CA HIS B 60 -35.36 35.67 14.65
C HIS B 60 -34.35 36.28 13.68
N GLU B 61 -33.08 35.87 13.72
CA GLU B 61 -32.08 36.44 12.83
C GLU B 61 -31.18 35.33 12.29
N TYR B 62 -30.63 35.58 11.10
CA TYR B 62 -29.68 34.65 10.49
C TYR B 62 -28.68 35.45 9.67
N LEU B 63 -27.68 34.75 9.15
CA LEU B 63 -26.58 35.36 8.40
C LEU B 63 -26.52 34.79 6.99
N TYR B 64 -26.06 35.63 6.06
CA TYR B 64 -25.97 35.28 4.65
C TYR B 64 -24.75 35.95 4.06
N LYS B 65 -24.26 35.41 2.95
CA LYS B 65 -23.07 35.91 2.29
C LYS B 65 -23.43 36.33 0.87
N GLN B 66 -23.36 37.62 0.60
CA GLN B 66 -23.61 38.18 -0.73
C GLN B 66 -22.41 39.01 -1.14
N GLU B 67 -21.80 38.66 -2.27
CA GLU B 67 -20.66 39.38 -2.82
C GLU B 67 -19.55 39.54 -1.80
N ASN B 68 -19.25 38.45 -1.10
CA ASN B 68 -18.20 38.40 -0.09
C ASN B 68 -18.44 39.38 1.05
N ASN B 69 -19.71 39.63 1.37
CA ASN B 69 -20.10 40.43 2.51
C ASN B 69 -21.06 39.62 3.38
N ILE B 70 -20.94 39.79 4.69
CA ILE B 70 -21.78 39.10 5.65
C ILE B 70 -22.93 40.04 6.04
N LEU B 71 -24.16 39.55 5.92
CA LEU B 71 -25.34 40.35 6.18
C LEU B 71 -26.20 39.71 7.26
N VAL B 72 -27.02 40.53 7.90
CA VAL B 72 -27.91 40.08 8.97
C VAL B 72 -29.36 40.35 8.53
N PHE B 73 -30.19 39.33 8.63
CA PHE B 73 -31.59 39.39 8.21
C PHE B 73 -32.49 39.14 9.42
N ASN B 74 -33.65 39.79 9.42
CA ASN B 74 -34.70 39.51 10.41
C ASN B 74 -35.81 38.75 9.70
N ALA B 75 -36.17 37.59 10.26
CA ALA B 75 -37.10 36.70 9.57
C ALA B 75 -38.51 37.27 9.51
N GLU B 76 -38.83 38.21 10.41
CA GLU B 76 -40.21 38.69 10.47
C GLU B 76 -40.54 39.63 9.32
N TYR B 77 -39.59 40.50 8.93
CA TYR B 77 -39.88 41.56 7.98
C TYR B 77 -39.07 41.51 6.69
N GLY B 78 -37.83 41.02 6.72
CA GLY B 78 -37.00 41.01 5.54
C GLY B 78 -36.00 42.14 5.44
N ASN B 79 -35.93 43.00 6.44
CA ASN B 79 -34.90 44.04 6.50
C ASN B 79 -33.51 43.43 6.34
N SER B 80 -32.54 44.25 5.94
CA SER B 80 -31.17 43.80 5.77
C SER B 80 -30.20 44.82 6.36
N SER B 81 -29.03 44.33 6.74
CA SER B 81 -27.97 45.17 7.28
C SER B 81 -26.63 44.51 6.98
N VAL B 82 -25.57 45.30 7.07
CA VAL B 82 -24.22 44.82 6.78
C VAL B 82 -23.52 44.52 8.10
N PHE B 83 -23.01 43.30 8.23
CA PHE B 83 -22.31 42.85 9.42
C PHE B 83 -20.80 42.90 9.28
N LEU B 84 -20.29 42.67 8.07
CA LEU B 84 -18.85 42.72 7.81
C LEU B 84 -18.64 42.95 6.32
N GLU B 85 -17.89 43.99 5.99
CA GLU B 85 -17.67 44.39 4.61
C GLU B 85 -16.42 43.72 4.05
N ASN B 86 -16.38 43.62 2.72
CA ASN B 86 -15.30 42.86 2.07
C ASN B 86 -13.97 43.60 2.05
N SER B 87 -13.94 44.89 2.39
CA SER B 87 -12.66 45.59 2.48
C SER B 87 -11.83 45.07 3.64
N THR B 88 -12.48 44.67 4.74
CA THR B 88 -11.76 44.14 5.88
C THR B 88 -11.04 42.83 5.53
N PHE B 89 -11.68 41.99 4.71
CA PHE B 89 -11.07 40.73 4.32
C PHE B 89 -9.75 40.96 3.58
N ASP B 90 -9.72 41.94 2.68
CA ASP B 90 -8.53 42.15 1.85
C ASP B 90 -7.37 42.71 2.65
N GLU B 91 -7.63 43.28 3.83
CA GLU B 91 -6.56 43.87 4.62
C GLU B 91 -5.70 42.81 5.29
N PHE B 92 -6.24 41.61 5.49
CA PHE B 92 -5.52 40.57 6.23
C PHE B 92 -4.24 40.15 5.51
N GLY B 93 -4.32 39.95 4.20
CA GLY B 93 -3.16 39.56 3.41
C GLY B 93 -3.08 38.09 3.06
N HIS B 94 -4.01 37.27 3.55
CA HIS B 94 -4.03 35.84 3.26
C HIS B 94 -5.40 35.47 2.69
N SER B 95 -5.44 34.34 2.00
CA SER B 95 -6.70 33.82 1.48
C SER B 95 -7.44 33.12 2.60
N ILE B 96 -8.65 33.57 2.90
CA ILE B 96 -9.41 33.07 4.04
C ILE B 96 -10.35 31.97 3.55
N ASN B 97 -10.16 30.76 4.07
CA ASN B 97 -10.93 29.61 3.61
C ASN B 97 -12.34 29.58 4.19
N ASP B 98 -12.50 29.92 5.47
CA ASP B 98 -13.80 29.87 6.11
C ASP B 98 -13.77 30.76 7.34
N TYR B 99 -14.96 31.01 7.90
CA TYR B 99 -15.11 31.89 9.04
C TYR B 99 -16.07 31.28 10.06
N SER B 100 -15.88 31.65 11.32
CA SER B 100 -16.77 31.28 12.41
C SER B 100 -16.96 32.48 13.34
N ILE B 101 -18.16 32.59 13.90
CA ILE B 101 -18.52 33.73 14.73
C ILE B 101 -18.99 33.21 16.10
N SER B 102 -18.51 33.87 17.16
CA SER B 102 -18.86 33.47 18.51
C SER B 102 -20.34 33.71 18.78
N PRO B 103 -20.94 32.93 19.69
CA PRO B 103 -22.38 33.11 19.97
C PRO B 103 -22.74 34.49 20.48
N ASP B 104 -21.84 35.17 21.20
CA ASP B 104 -22.13 36.51 21.70
C ASP B 104 -21.93 37.59 20.63
N GLY B 105 -21.30 37.26 19.51
CA GLY B 105 -21.13 38.22 18.44
C GLY B 105 -20.03 39.23 18.63
N GLN B 106 -18.98 38.89 19.37
CA GLN B 106 -17.89 39.83 19.65
C GLN B 106 -16.59 39.48 18.93
N PHE B 107 -16.38 38.22 18.55
CA PHE B 107 -15.16 37.79 17.89
C PHE B 107 -15.50 36.95 16.67
N ILE B 108 -14.59 36.96 15.69
CA ILE B 108 -14.72 36.18 14.47
C ILE B 108 -13.42 35.43 14.25
N LEU B 109 -13.52 34.16 13.84
CA LEU B 109 -12.38 33.28 13.68
C LEU B 109 -12.12 33.06 12.19
N LEU B 110 -10.87 33.27 11.78
CA LEU B 110 -10.47 33.18 10.38
C LEU B 110 -9.53 32.00 10.19
N GLU B 111 -9.66 31.33 9.05
CA GLU B 111 -8.91 30.12 8.77
C GLU B 111 -8.19 30.24 7.42
N TYR B 112 -6.94 29.80 7.39
CA TYR B 112 -6.16 29.79 6.15
C TYR B 112 -5.13 28.67 6.24
N ASN B 113 -4.41 28.47 5.13
CA ASN B 113 -3.44 27.39 4.97
C ASN B 113 -4.10 26.02 5.16
N TYR B 114 -5.02 25.72 4.26
CA TYR B 114 -5.83 24.51 4.32
C TYR B 114 -5.10 23.36 3.64
N VAL B 115 -4.96 22.25 4.36
CA VAL B 115 -4.39 21.01 3.81
C VAL B 115 -5.29 19.86 4.21
N LYS B 116 -5.75 19.09 3.23
CA LYS B 116 -6.70 18.00 3.46
C LYS B 116 -5.95 16.71 3.76
N GLN B 117 -6.50 15.91 4.68
CA GLN B 117 -5.91 14.62 5.03
C GLN B 117 -6.78 13.44 4.62
N TRP B 118 -8.00 13.35 5.16
CA TRP B 118 -8.93 12.28 4.81
C TRP B 118 -10.26 12.96 4.44
N ARG B 119 -11.33 12.17 4.40
CA ARG B 119 -12.62 12.69 3.98
C ARG B 119 -13.11 13.80 4.91
N HIS B 120 -12.90 13.64 6.22
CA HIS B 120 -13.39 14.62 7.19
C HIS B 120 -12.28 15.30 7.98
N SER B 121 -11.03 15.15 7.58
CA SER B 121 -9.90 15.66 8.35
C SER B 121 -9.09 16.65 7.54
N TYR B 122 -8.51 17.64 8.23
CA TYR B 122 -7.64 18.62 7.60
C TYR B 122 -6.82 19.33 8.67
N THR B 123 -5.95 20.24 8.21
CA THR B 123 -5.07 21.01 9.07
C THR B 123 -4.98 22.43 8.52
N ALA B 124 -4.96 23.43 9.40
CA ALA B 124 -4.97 24.82 8.97
C ALA B 124 -4.45 25.72 10.09
N SER B 125 -4.35 27.01 9.79
CA SER B 125 -3.95 28.05 10.73
C SER B 125 -5.12 29.01 10.98
N TYR B 126 -5.08 29.70 12.13
CA TYR B 126 -6.22 30.50 12.55
C TYR B 126 -5.77 31.84 13.13
N ASP B 127 -6.66 32.82 13.04
CA ASP B 127 -6.47 34.13 13.64
C ASP B 127 -7.81 34.65 14.13
N ILE B 128 -7.76 35.56 15.11
CA ILE B 128 -8.95 36.06 15.78
C ILE B 128 -9.04 37.57 15.58
N TYR B 129 -10.20 38.05 15.13
CA TYR B 129 -10.43 39.44 14.85
C TYR B 129 -11.56 39.96 15.75
N ASP B 130 -11.28 41.04 16.48
CA ASP B 130 -12.24 41.62 17.39
C ASP B 130 -13.13 42.62 16.66
N LEU B 131 -14.45 42.49 16.84
CA LEU B 131 -15.38 43.32 16.10
C LEU B 131 -15.71 44.62 16.83
N ASN B 132 -15.70 44.61 18.16
CA ASN B 132 -16.08 45.81 18.90
C ASN B 132 -15.04 46.92 18.75
N LYS B 133 -13.77 46.58 18.96
CA LYS B 133 -12.70 47.57 18.89
C LYS B 133 -11.87 47.47 17.62
N ARG B 134 -12.24 46.57 16.70
CA ARG B 134 -11.81 46.60 15.31
C ARG B 134 -10.29 46.53 15.15
N GLN B 135 -9.72 45.40 15.57
CA GLN B 135 -8.34 45.09 15.21
C GLN B 135 -8.10 43.60 15.38
N LEU B 136 -6.92 43.17 14.94
CA LEU B 136 -6.52 41.76 14.95
C LEU B 136 -5.68 41.50 16.20
N ILE B 137 -6.01 40.43 16.90
CA ILE B 137 -5.33 40.10 18.15
C ILE B 137 -3.96 39.51 17.83
N THR B 138 -2.92 40.06 18.44
CA THR B 138 -1.55 39.66 18.17
C THR B 138 -0.84 39.06 19.38
N GLU B 139 -1.56 38.76 20.46
CA GLU B 139 -0.98 38.18 21.65
C GLU B 139 -1.56 36.78 21.87
N GLU B 140 -0.67 35.82 22.18
CA GLU B 140 -1.06 34.45 22.48
C GLU B 140 -1.85 33.83 21.31
N ARG B 141 -1.16 33.73 20.17
CA ARG B 141 -1.79 33.28 18.95
C ARG B 141 -1.97 31.76 18.95
N ILE B 142 -3.00 31.30 18.26
CA ILE B 142 -3.24 29.86 18.09
C ILE B 142 -2.12 29.27 17.23
N PRO B 143 -1.51 28.16 17.64
CA PRO B 143 -0.35 27.65 16.91
C PRO B 143 -0.70 27.17 15.51
N ASN B 144 0.33 27.13 14.67
CA ASN B 144 0.19 26.56 13.34
C ASN B 144 -0.06 25.06 13.43
N ASN B 145 -0.51 24.48 12.32
CA ASN B 145 -0.78 23.05 12.23
C ASN B 145 -1.80 22.59 13.28
N THR B 146 -2.85 23.38 13.46
CA THR B 146 -3.91 23.02 14.39
C THR B 146 -4.88 22.04 13.74
N GLN B 147 -5.40 21.11 14.53
CA GLN B 147 -6.22 20.01 14.02
C GLN B 147 -7.72 20.24 14.16
N TRP B 148 -8.17 20.89 15.23
CA TRP B 148 -9.60 21.14 15.42
C TRP B 148 -9.78 22.30 16.38
N VAL B 149 -10.75 23.16 16.08
CA VAL B 149 -11.09 24.31 16.92
C VAL B 149 -12.61 24.41 17.00
N THR B 150 -13.12 24.73 18.20
CA THR B 150 -14.55 24.89 18.39
C THR B 150 -14.83 25.93 19.46
N TRP B 151 -15.97 26.62 19.32
CA TRP B 151 -16.44 27.60 20.29
C TRP B 151 -17.31 26.91 21.34
N SER B 152 -17.52 27.61 22.44
CA SER B 152 -18.48 27.15 23.44
C SER B 152 -19.89 27.57 23.02
N PRO B 153 -20.92 26.83 23.45
CA PRO B 153 -22.29 27.19 23.08
C PRO B 153 -22.71 28.57 23.58
N VAL B 154 -22.23 28.98 24.75
CA VAL B 154 -22.54 30.27 25.33
C VAL B 154 -21.23 30.93 25.76
N GLY B 155 -21.05 32.19 25.37
CA GLY B 155 -19.84 32.92 25.73
C GLY B 155 -18.81 32.96 24.63
N HIS B 156 -17.54 33.11 24.98
CA HIS B 156 -16.47 33.16 24.00
C HIS B 156 -15.27 32.33 24.44
N LYS B 157 -15.53 31.11 24.93
CA LYS B 157 -14.44 30.19 25.22
C LYS B 157 -14.02 29.44 23.97
N LEU B 158 -12.78 28.95 23.98
CA LEU B 158 -12.21 28.22 22.86
C LEU B 158 -11.53 26.96 23.35
N ALA B 159 -11.55 25.93 22.51
CA ALA B 159 -10.84 24.68 22.77
C ALA B 159 -10.31 24.13 21.47
N TYR B 160 -9.00 23.89 21.42
CA TYR B 160 -8.37 23.43 20.19
C TYR B 160 -7.43 22.27 20.47
N VAL B 161 -7.15 21.49 19.43
CA VAL B 161 -6.30 20.31 19.51
C VAL B 161 -5.04 20.56 18.69
N TRP B 162 -3.89 20.31 19.30
CA TRP B 162 -2.59 20.50 18.64
C TRP B 162 -1.64 19.43 19.13
N ASN B 163 -1.03 18.70 18.19
CA ASN B 163 -0.14 17.58 18.49
C ASN B 163 -0.82 16.55 19.39
N ASN B 164 -2.09 16.25 19.08
CA ASN B 164 -2.87 15.23 19.77
C ASN B 164 -3.08 15.57 21.25
N ASP B 165 -3.13 16.87 21.55
CA ASP B 165 -3.38 17.36 22.91
C ASP B 165 -4.45 18.43 22.87
N ILE B 166 -5.13 18.60 24.01
CA ILE B 166 -6.26 19.52 24.12
C ILE B 166 -5.81 20.76 24.88
N TYR B 167 -6.17 21.93 24.35
CA TYR B 167 -5.91 23.21 24.99
C TYR B 167 -7.20 24.00 25.12
N VAL B 168 -7.27 24.86 26.13
CA VAL B 168 -8.46 25.67 26.40
C VAL B 168 -8.02 27.11 26.67
N LYS B 169 -8.69 28.06 26.03
CA LYS B 169 -8.48 29.49 26.27
C LYS B 169 -9.74 30.08 26.85
N ILE B 170 -9.64 30.67 28.04
CA ILE B 170 -10.79 31.34 28.65
C ILE B 170 -11.11 32.63 27.90
N GLU B 171 -10.10 33.40 27.55
CA GLU B 171 -10.25 34.61 26.77
C GLU B 171 -9.28 34.60 25.59
N PRO B 172 -9.65 35.23 24.48
CA PRO B 172 -8.78 35.20 23.30
C PRO B 172 -7.40 35.80 23.51
N ASN B 173 -7.25 36.78 24.39
CA ASN B 173 -5.97 37.45 24.58
C ASN B 173 -5.15 36.86 25.73
N LEU B 174 -5.63 35.80 26.36
CA LEU B 174 -4.96 35.21 27.51
C LEU B 174 -4.26 33.91 27.13
N PRO B 175 -3.27 33.47 27.92
CA PRO B 175 -2.58 32.22 27.61
C PRO B 175 -3.50 31.01 27.73
N SER B 176 -3.06 29.91 27.14
CA SER B 176 -3.83 28.68 27.09
C SER B 176 -3.51 27.79 28.29
N TYR B 177 -4.36 26.79 28.50
CA TYR B 177 -4.19 25.79 29.53
C TYR B 177 -4.07 24.41 28.87
N ARG B 178 -3.24 23.55 29.46
CA ARG B 178 -3.03 22.21 28.94
C ARG B 178 -3.78 21.20 29.78
N ILE B 179 -4.51 20.31 29.11
CA ILE B 179 -5.36 19.33 29.77
C ILE B 179 -4.78 17.92 29.67
N THR B 180 -4.21 17.56 28.51
CA THR B 180 -3.68 16.23 28.29
C THR B 180 -2.19 16.30 27.98
N TRP B 181 -1.47 15.26 28.41
CA TRP B 181 -0.03 15.18 28.21
C TRP B 181 0.43 13.87 27.58
N THR B 182 -0.48 12.99 27.18
CA THR B 182 -0.13 11.66 26.69
C THR B 182 -0.23 11.53 25.18
N GLY B 183 -0.42 12.62 24.45
CA GLY B 183 -0.59 12.52 23.02
C GLY B 183 0.70 12.16 22.32
N LYS B 184 0.58 11.25 21.34
CA LYS B 184 1.74 10.82 20.55
C LYS B 184 1.24 10.38 19.18
N GLU B 185 2.09 10.61 18.18
CA GLU B 185 1.67 10.44 16.79
C GLU B 185 1.40 8.97 16.47
N ASP B 186 0.28 8.72 15.81
CA ASP B 186 -0.14 7.41 15.30
C ASP B 186 -0.36 6.38 16.40
N ILE B 187 -0.32 6.78 17.67
CA ILE B 187 -0.57 5.85 18.76
C ILE B 187 -1.72 6.33 19.64
N ILE B 188 -1.55 7.49 20.27
CA ILE B 188 -2.51 8.03 21.22
C ILE B 188 -3.18 9.26 20.61
N TYR B 189 -4.51 9.26 20.60
CA TYR B 189 -5.30 10.37 20.10
C TYR B 189 -6.14 10.93 21.24
N ASN B 190 -6.07 12.24 21.46
CA ASN B 190 -6.86 12.93 22.46
C ASN B 190 -7.69 14.00 21.77
N GLY B 191 -9.01 13.86 21.83
CA GLY B 191 -9.91 14.85 21.26
C GLY B 191 -10.20 14.69 19.79
N ILE B 192 -9.55 13.75 19.10
CA ILE B 192 -9.80 13.51 17.69
C ILE B 192 -9.88 12.01 17.46
N THR B 193 -10.48 11.62 16.35
CA THR B 193 -10.70 10.23 16.00
C THR B 193 -9.61 9.70 15.09
N ASP B 194 -9.47 8.38 15.08
CA ASP B 194 -8.56 7.70 14.17
C ASP B 194 -9.30 7.39 12.87
N TRP B 195 -8.69 6.56 12.02
CA TRP B 195 -9.26 6.32 10.70
C TRP B 195 -10.60 5.59 10.78
N VAL B 196 -10.65 4.49 11.55
CA VAL B 196 -11.83 3.63 11.51
C VAL B 196 -13.01 4.31 12.18
N TYR B 197 -12.78 5.06 13.27
CA TYR B 197 -13.87 5.76 13.93
C TYR B 197 -14.40 6.91 13.08
N GLU B 198 -13.50 7.60 12.39
CA GLU B 198 -13.91 8.74 11.57
C GLU B 198 -14.76 8.29 10.38
N GLU B 199 -14.43 7.13 9.80
CA GLU B 199 -15.08 6.73 8.56
C GLU B 199 -16.38 5.97 8.79
N GLU B 200 -16.43 5.12 9.82
CA GLU B 200 -17.52 4.16 9.96
C GLU B 200 -18.40 4.35 11.18
N VAL B 201 -17.95 5.07 12.21
CA VAL B 201 -18.71 5.20 13.46
C VAL B 201 -19.28 6.60 13.63
N PHE B 202 -18.43 7.63 13.68
CA PHE B 202 -18.88 8.96 14.01
C PHE B 202 -19.15 9.83 12.78
N SER B 203 -18.53 9.53 11.63
CA SER B 203 -18.63 10.36 10.44
C SER B 203 -18.20 11.80 10.75
N ALA B 204 -17.18 11.95 11.58
CA ALA B 204 -16.66 13.25 11.95
C ALA B 204 -15.25 13.08 12.49
N TYR B 205 -14.50 14.18 12.50
CA TYR B 205 -13.14 14.18 13.02
C TYR B 205 -13.07 14.67 14.46
N SER B 206 -14.12 15.32 14.95
CA SER B 206 -14.13 15.88 16.29
C SER B 206 -14.51 14.84 17.33
N ALA B 207 -13.96 15.01 18.53
CA ALA B 207 -14.33 14.20 19.68
C ALA B 207 -14.40 15.03 20.95
N LEU B 208 -14.79 16.30 20.83
CA LEU B 208 -14.98 17.20 21.95
C LEU B 208 -16.45 17.58 22.05
N TRP B 209 -17.00 17.55 23.26
CA TRP B 209 -18.39 17.89 23.51
C TRP B 209 -18.47 18.88 24.66
N TRP B 210 -19.15 19.99 24.42
CA TRP B 210 -19.32 21.04 25.43
C TRP B 210 -20.63 20.85 26.17
N SER B 211 -20.68 21.33 27.41
CA SER B 211 -21.91 21.36 28.17
C SER B 211 -22.85 22.42 27.60
N PRO B 212 -24.14 22.33 27.89
CA PRO B 212 -25.09 23.32 27.33
C PRO B 212 -24.75 24.77 27.66
N ASN B 213 -24.16 25.04 28.82
CA ASN B 213 -23.83 26.42 29.19
C ASN B 213 -22.33 26.61 29.41
N GLY B 214 -21.50 25.71 28.90
CA GLY B 214 -20.07 25.92 28.85
C GLY B 214 -19.29 25.56 30.10
N THR B 215 -19.91 24.96 31.10
CA THR B 215 -19.19 24.65 32.33
C THR B 215 -18.24 23.47 32.15
N PHE B 216 -18.67 22.42 31.47
CA PHE B 216 -17.92 21.18 31.36
C PHE B 216 -17.43 20.96 29.93
N LEU B 217 -16.49 20.04 29.79
CA LEU B 217 -15.96 19.61 28.50
C LEU B 217 -15.68 18.12 28.55
N ALA B 218 -16.18 17.38 27.56
CA ALA B 218 -16.04 15.94 27.50
C ALA B 218 -15.28 15.51 26.25
N TYR B 219 -14.41 14.54 26.39
CA TYR B 219 -13.59 14.08 25.27
C TYR B 219 -13.34 12.58 25.40
N ALA B 220 -12.79 12.01 24.32
CA ALA B 220 -12.48 10.59 24.25
C ALA B 220 -11.03 10.41 23.83
N GLN B 221 -10.48 9.23 24.16
CA GLN B 221 -9.07 8.92 23.91
C GLN B 221 -8.96 7.53 23.30
N PHE B 222 -8.06 7.38 22.33
CA PHE B 222 -7.82 6.11 21.65
C PHE B 222 -6.33 5.79 21.61
N ASN B 223 -5.96 4.54 21.91
CA ASN B 223 -4.68 3.98 21.49
C ASN B 223 -4.83 3.02 20.32
N ASP B 224 -3.80 2.99 19.48
CA ASP B 224 -3.67 2.09 18.33
C ASP B 224 -2.37 1.30 18.42
N THR B 225 -2.00 0.89 19.64
CA THR B 225 -0.67 0.32 19.85
C THR B 225 -0.50 -1.02 19.13
N GLU B 226 -1.53 -1.86 19.14
CA GLU B 226 -1.44 -3.18 18.55
C GLU B 226 -2.16 -3.32 17.21
N VAL B 227 -2.65 -2.22 16.65
CA VAL B 227 -3.37 -2.27 15.38
C VAL B 227 -2.36 -2.36 14.24
N PRO B 228 -2.54 -3.27 13.29
CA PRO B 228 -1.59 -3.38 12.17
C PRO B 228 -1.63 -2.14 11.28
N LEU B 229 -0.64 -2.07 10.38
CA LEU B 229 -0.45 -0.94 9.50
C LEU B 229 -0.58 -1.36 8.04
N ILE B 230 -1.07 -0.47 7.20
CA ILE B 230 -1.14 -0.66 5.76
C ILE B 230 -0.19 0.31 5.09
N GLU B 231 0.50 -0.16 4.05
CA GLU B 231 1.56 0.60 3.40
C GLU B 231 1.32 0.64 1.90
N TYR B 232 1.39 1.84 1.32
CA TYR B 232 1.38 2.03 -0.12
C TYR B 232 2.36 3.14 -0.47
N SER B 233 2.52 3.39 -1.77
CA SER B 233 3.57 4.28 -2.26
C SER B 233 2.98 5.59 -2.77
N PHE B 234 3.71 6.68 -2.53
CA PHE B 234 3.35 8.01 -3.00
C PHE B 234 4.52 8.56 -3.82
N TYR B 235 4.20 9.19 -4.95
CA TYR B 235 5.23 9.60 -5.91
C TYR B 235 5.57 11.08 -5.84
N SER B 236 4.58 11.96 -5.68
CA SER B 236 4.79 13.34 -5.23
C SER B 236 5.70 14.12 -6.19
N ASP B 237 5.17 14.36 -7.39
CA ASP B 237 5.75 15.31 -8.33
C ASP B 237 7.02 14.78 -9.00
N GLU B 238 7.44 15.45 -10.08
CA GLU B 238 8.57 14.97 -10.87
C GLU B 238 9.91 15.18 -10.17
N SER B 239 10.03 16.26 -9.39
CA SER B 239 11.32 16.60 -8.81
C SER B 239 11.77 15.59 -7.77
N LEU B 240 10.83 14.87 -7.15
CA LEU B 240 11.19 13.88 -6.14
C LEU B 240 11.91 12.70 -6.79
N GLN B 241 12.97 12.23 -6.15
CA GLN B 241 13.81 11.17 -6.71
C GLN B 241 13.46 9.80 -6.15
N TYR B 242 13.15 9.69 -4.87
CA TYR B 242 12.76 8.43 -4.27
C TYR B 242 11.31 8.52 -3.80
N PRO B 243 10.46 7.55 -4.17
CA PRO B 243 9.06 7.60 -3.72
C PRO B 243 8.94 7.42 -2.21
N LYS B 244 7.86 7.95 -1.65
CA LYS B 244 7.59 7.90 -0.24
C LYS B 244 6.60 6.79 0.09
N THR B 245 6.73 6.23 1.30
CA THR B 245 5.87 5.17 1.79
C THR B 245 4.96 5.71 2.87
N VAL B 246 3.67 5.44 2.76
CA VAL B 246 2.65 5.93 3.68
C VAL B 246 2.17 4.78 4.54
N ARG B 247 2.21 4.95 5.86
CA ARG B 247 1.77 3.94 6.80
C ARG B 247 0.58 4.47 7.60
N VAL B 248 -0.52 3.74 7.57
CA VAL B 248 -1.76 4.14 8.26
C VAL B 248 -2.28 2.97 9.08
N PRO B 249 -2.58 3.16 10.36
CA PRO B 249 -3.21 2.09 11.16
C PRO B 249 -4.59 1.76 10.63
N TYR B 250 -4.79 0.52 10.23
CA TYR B 250 -6.01 0.09 9.54
C TYR B 250 -6.38 -1.33 9.94
N PRO B 251 -7.47 -1.51 10.68
CA PRO B 251 -7.86 -2.86 11.08
C PRO B 251 -8.72 -3.56 10.03
N LYS B 252 -8.29 -4.72 9.57
CA LYS B 252 -9.06 -5.50 8.61
C LYS B 252 -9.91 -6.53 9.36
N ALA B 253 -10.62 -7.36 8.60
CA ALA B 253 -11.58 -8.28 9.20
C ALA B 253 -10.88 -9.29 10.08
N GLY B 254 -11.23 -9.32 11.36
CA GLY B 254 -10.66 -10.25 12.31
C GLY B 254 -9.39 -9.80 12.97
N ALA B 255 -8.92 -8.57 12.71
CA ALA B 255 -7.70 -8.08 13.30
C ALA B 255 -8.00 -7.44 14.66
N VAL B 256 -7.03 -6.71 15.21
CA VAL B 256 -7.17 -6.07 16.51
C VAL B 256 -7.68 -4.65 16.32
N ASN B 257 -8.70 -4.28 17.09
CA ASN B 257 -9.33 -2.97 17.05
C ASN B 257 -8.80 -2.08 18.16
N PRO B 258 -8.93 -0.75 18.02
CA PRO B 258 -8.48 0.16 19.08
C PRO B 258 -9.37 0.07 20.32
N THR B 259 -8.92 0.78 21.36
CA THR B 259 -9.63 0.86 22.63
C THR B 259 -9.98 2.31 22.90
N VAL B 260 -11.03 2.53 23.69
CA VAL B 260 -11.60 3.86 23.91
C VAL B 260 -11.77 4.11 25.40
N LYS B 261 -11.53 5.35 25.81
CA LYS B 261 -11.80 5.83 27.15
C LYS B 261 -12.56 7.15 27.07
N PHE B 262 -13.22 7.51 28.18
CA PHE B 262 -14.06 8.70 28.24
C PHE B 262 -13.74 9.48 29.50
N PHE B 263 -13.57 10.81 29.36
CA PHE B 263 -13.22 11.69 30.46
C PHE B 263 -14.08 12.94 30.43
N VAL B 264 -14.26 13.56 31.59
CA VAL B 264 -15.00 14.81 31.73
C VAL B 264 -14.19 15.76 32.61
N VAL B 265 -14.10 17.02 32.20
CA VAL B 265 -13.27 18.02 32.87
C VAL B 265 -14.12 19.25 33.18
N ASN B 266 -13.72 19.98 34.21
CA ASN B 266 -14.40 21.19 34.65
C ASN B 266 -13.55 22.40 34.29
N THR B 267 -14.10 23.31 33.49
CA THR B 267 -13.35 24.45 32.99
C THR B 267 -13.42 25.69 33.86
N ASP B 268 -14.23 25.67 34.92
CA ASP B 268 -14.35 26.83 35.80
C ASP B 268 -13.34 26.81 36.95
N SER B 269 -12.59 25.73 37.12
CA SER B 269 -11.63 25.60 38.20
C SER B 269 -10.19 25.51 37.70
N LEU B 270 -9.94 25.92 36.47
CA LEU B 270 -8.58 25.88 35.93
C LEU B 270 -7.69 26.90 36.60
N SER B 271 -6.42 26.54 36.78
CA SER B 271 -5.46 27.43 37.40
C SER B 271 -4.10 27.20 36.78
N SER B 272 -3.24 28.22 36.84
CA SER B 272 -1.92 28.15 36.24
C SER B 272 -0.93 27.38 37.10
N VAL B 273 -1.09 27.41 38.42
CA VAL B 273 -0.11 26.78 39.31
C VAL B 273 -0.19 25.27 39.22
N THR B 274 -1.39 24.71 39.11
CA THR B 274 -1.60 23.28 39.21
C THR B 274 -2.15 22.71 37.91
N ASN B 275 -1.83 21.44 37.67
CA ASN B 275 -2.35 20.71 36.52
C ASN B 275 -3.84 20.42 36.73
N ALA B 276 -4.54 20.21 35.61
CA ALA B 276 -5.97 19.96 35.64
C ALA B 276 -6.25 18.54 36.12
N THR B 277 -7.52 18.30 36.45
CA THR B 277 -7.99 17.01 36.93
C THR B 277 -9.16 16.54 36.07
N SER B 278 -9.09 15.30 35.60
CA SER B 278 -10.11 14.72 34.74
C SER B 278 -10.72 13.50 35.41
N ILE B 279 -12.03 13.36 35.31
CA ILE B 279 -12.78 12.27 35.91
C ILE B 279 -13.22 11.33 34.80
N GLN B 280 -12.99 10.04 35.00
CA GLN B 280 -13.27 9.02 33.99
C GLN B 280 -14.62 8.35 34.26
N ILE B 281 -15.31 8.01 33.17
CA ILE B 281 -16.57 7.27 33.24
C ILE B 281 -16.35 5.92 32.57
N THR B 282 -16.61 4.84 33.31
CA THR B 282 -16.32 3.50 32.83
C THR B 282 -17.54 2.88 32.15
N ALA B 283 -17.28 2.00 31.20
CA ALA B 283 -18.34 1.31 30.48
C ALA B 283 -19.05 0.31 31.40
N PRO B 284 -20.30 -0.02 31.10
CA PRO B 284 -21.03 -0.96 31.95
C PRO B 284 -20.43 -2.36 31.90
N ALA B 285 -20.71 -3.12 32.96
CA ALA B 285 -20.12 -4.44 33.11
C ALA B 285 -20.52 -5.41 32.00
N SER B 286 -21.67 -5.18 31.37
CA SER B 286 -22.08 -6.03 30.25
C SER B 286 -21.24 -5.77 29.00
N MET B 287 -20.41 -4.73 28.99
CA MET B 287 -19.56 -4.42 27.86
C MET B 287 -18.09 -4.69 28.11
N LEU B 288 -17.67 -4.82 29.37
CA LEU B 288 -16.25 -4.99 29.69
C LEU B 288 -15.76 -6.42 29.53
N ILE B 289 -16.66 -7.39 29.32
CA ILE B 289 -16.25 -8.77 29.14
C ILE B 289 -15.68 -9.05 27.76
N GLY B 290 -15.68 -8.08 26.87
CA GLY B 290 -15.13 -8.26 25.55
C GLY B 290 -14.88 -6.94 24.86
N ASP B 291 -14.73 -7.00 23.55
CA ASP B 291 -14.53 -5.81 22.75
C ASP B 291 -15.83 -5.02 22.61
N HIS B 292 -15.69 -3.71 22.47
CA HIS B 292 -16.85 -2.83 22.39
C HIS B 292 -16.46 -1.52 21.72
N TYR B 293 -17.46 -0.72 21.37
CA TYR B 293 -17.28 0.58 20.76
C TYR B 293 -18.07 1.63 21.54
N LEU B 294 -17.79 2.89 21.25
CA LEU B 294 -18.57 4.03 21.70
C LEU B 294 -19.19 4.69 20.49
N CYS B 295 -20.51 4.86 20.51
CA CYS B 295 -21.23 5.27 19.32
C CYS B 295 -22.03 6.56 19.44
N ASP B 296 -22.32 7.04 20.64
CA ASP B 296 -23.10 8.26 20.77
C ASP B 296 -22.83 8.94 22.10
N VAL B 297 -22.77 10.28 22.06
CA VAL B 297 -22.65 11.10 23.26
C VAL B 297 -23.66 12.24 23.15
N THR B 298 -24.43 12.46 24.21
CA THR B 298 -25.45 13.51 24.22
C THR B 298 -25.59 14.07 25.64
N TRP B 299 -25.82 15.37 25.72
CA TRP B 299 -26.05 16.06 26.98
C TRP B 299 -27.55 16.20 27.23
N ALA B 300 -27.98 15.89 28.44
CA ALA B 300 -29.39 16.00 28.80
C ALA B 300 -29.71 17.35 29.44
N THR B 301 -28.99 17.70 30.51
CA THR B 301 -29.14 18.98 31.18
C THR B 301 -27.75 19.50 31.51
N GLN B 302 -27.68 20.49 32.39
CA GLN B 302 -26.38 21.07 32.75
C GLN B 302 -25.51 20.09 33.51
N GLU B 303 -26.11 19.11 34.19
CA GLU B 303 -25.37 18.16 35.01
C GLU B 303 -25.77 16.72 34.73
N ARG B 304 -26.16 16.41 33.49
CA ARG B 304 -26.53 15.05 33.12
C ARG B 304 -26.06 14.77 31.70
N ILE B 305 -25.49 13.57 31.50
CA ILE B 305 -24.98 13.15 30.21
C ILE B 305 -25.46 11.73 29.93
N SER B 306 -25.54 11.39 28.64
CA SER B 306 -25.98 10.06 28.21
C SER B 306 -24.98 9.49 27.22
N LEU B 307 -24.62 8.22 27.39
CA LEU B 307 -23.67 7.54 26.54
C LEU B 307 -24.27 6.25 26.01
N GLN B 308 -23.83 5.84 24.83
CA GLN B 308 -24.29 4.60 24.20
C GLN B 308 -23.09 3.73 23.87
N TRP B 309 -23.24 2.43 24.10
CA TRP B 309 -22.17 1.47 23.88
C TRP B 309 -22.67 0.35 22.97
N LEU B 310 -21.74 -0.24 22.22
CA LEU B 310 -22.07 -1.29 21.26
C LEU B 310 -21.01 -2.38 21.30
N ARG B 311 -21.46 -3.63 21.25
CA ARG B 311 -20.56 -4.77 21.27
C ARG B 311 -19.91 -4.97 19.91
N ARG B 312 -18.84 -5.76 19.88
CA ARG B 312 -18.18 -6.07 18.62
C ARG B 312 -19.10 -6.87 17.70
N ILE B 313 -19.85 -7.80 18.27
CA ILE B 313 -20.96 -8.45 17.55
C ILE B 313 -22.14 -7.49 17.64
N GLN B 314 -22.42 -6.79 16.55
CA GLN B 314 -23.28 -5.60 16.58
C GLN B 314 -24.77 -5.97 16.53
N ASN B 315 -25.21 -6.66 17.59
CA ASN B 315 -26.64 -6.88 17.79
C ASN B 315 -27.03 -6.72 19.25
N TYR B 316 -26.27 -5.96 20.02
CA TYR B 316 -26.56 -5.71 21.44
C TYR B 316 -25.99 -4.35 21.81
N SER B 317 -26.84 -3.48 22.35
CA SER B 317 -26.44 -2.12 22.70
C SER B 317 -27.02 -1.74 24.05
N VAL B 318 -26.34 -0.83 24.74
CA VAL B 318 -26.73 -0.36 26.07
C VAL B 318 -26.59 1.15 26.11
N MET B 319 -27.57 1.82 26.70
CA MET B 319 -27.53 3.27 26.91
C MET B 319 -27.45 3.56 28.40
N ASP B 320 -26.56 4.48 28.78
CA ASP B 320 -26.33 4.83 30.17
C ASP B 320 -26.63 6.31 30.40
N ILE B 321 -27.14 6.62 31.59
CA ILE B 321 -27.38 8.00 32.02
C ILE B 321 -26.62 8.23 33.32
N CYS B 322 -25.81 9.28 33.34
CA CYS B 322 -24.91 9.53 34.46
C CYS B 322 -25.06 10.97 34.93
N ASP B 323 -24.93 11.15 36.24
CA ASP B 323 -25.15 12.44 36.89
C ASP B 323 -23.88 12.89 37.62
N TYR B 324 -23.96 14.08 38.20
CA TYR B 324 -22.83 14.73 38.85
C TYR B 324 -23.10 14.91 40.34
N ASP B 325 -22.10 14.60 41.16
CA ASP B 325 -22.19 14.70 42.60
C ASP B 325 -21.33 15.87 43.08
N GLU B 326 -21.94 16.82 43.77
CA GLU B 326 -21.21 17.99 44.24
C GLU B 326 -20.35 17.67 45.46
N SER B 327 -20.80 16.76 46.31
CA SER B 327 -20.06 16.44 47.52
C SER B 327 -18.72 15.80 47.20
N SER B 328 -18.69 14.88 46.24
CA SER B 328 -17.47 14.14 45.92
C SER B 328 -16.76 14.63 44.68
N GLY B 329 -17.46 15.29 43.76
CA GLY B 329 -16.86 15.70 42.51
C GLY B 329 -16.72 14.60 41.49
N ARG B 330 -17.42 13.49 41.66
CA ARG B 330 -17.37 12.36 40.76
C ARG B 330 -18.65 12.29 39.94
N TRP B 331 -18.71 11.28 39.06
CA TRP B 331 -19.88 11.03 38.22
C TRP B 331 -20.42 9.65 38.53
N ASN B 332 -21.71 9.57 38.84
CA ASN B 332 -22.35 8.34 39.27
C ASN B 332 -23.31 7.85 38.19
N CYS B 333 -23.20 6.57 37.84
CA CYS B 333 -24.05 5.94 36.85
C CYS B 333 -24.83 4.81 37.50
N LEU B 334 -26.16 4.87 37.40
CA LEU B 334 -27.03 3.95 38.12
C LEU B 334 -27.48 2.80 37.21
N VAL B 335 -27.56 1.61 37.80
CA VAL B 335 -28.00 0.42 37.07
C VAL B 335 -29.46 0.51 36.68
N ALA B 336 -30.31 1.10 37.52
CA ALA B 336 -31.72 1.21 37.23
C ALA B 336 -32.04 2.16 36.08
N ARG B 337 -31.05 2.93 35.62
CA ARG B 337 -31.24 3.89 34.54
C ARG B 337 -30.62 3.43 33.22
N GLN B 338 -30.50 2.13 33.01
CA GLN B 338 -29.93 1.60 31.79
C GLN B 338 -31.02 1.02 30.89
N HIS B 339 -30.82 1.18 29.58
CA HIS B 339 -31.76 0.70 28.57
C HIS B 339 -31.02 -0.18 27.58
N ILE B 340 -31.66 -1.28 27.18
CA ILE B 340 -31.06 -2.31 26.35
C ILE B 340 -31.80 -2.37 25.03
N GLU B 341 -31.05 -2.43 23.93
CA GLU B 341 -31.60 -2.59 22.59
C GLU B 341 -30.99 -3.82 21.94
N MET B 342 -31.85 -4.72 21.46
CA MET B 342 -31.41 -5.98 20.88
C MET B 342 -32.09 -6.20 19.53
N SER B 343 -31.45 -7.01 18.69
CA SER B 343 -32.03 -7.42 17.42
C SER B 343 -31.79 -8.91 17.25
N THR B 344 -32.81 -9.64 16.83
CA THR B 344 -32.72 -11.07 16.58
C THR B 344 -32.53 -11.40 15.11
N THR B 345 -33.09 -10.59 14.22
CA THR B 345 -32.99 -10.86 12.78
C THR B 345 -31.68 -10.33 12.19
N GLY B 346 -31.12 -9.27 12.78
CA GLY B 346 -29.92 -8.68 12.23
C GLY B 346 -29.18 -7.76 13.19
N TRP B 347 -28.71 -6.62 12.68
CA TRP B 347 -27.95 -5.67 13.47
C TRP B 347 -28.87 -4.63 14.08
N VAL B 348 -28.30 -3.73 14.89
CA VAL B 348 -29.05 -2.70 15.61
C VAL B 348 -28.90 -1.38 14.86
N GLY B 349 -30.03 -0.77 14.53
CA GLY B 349 -30.03 0.50 13.83
C GLY B 349 -29.85 0.34 12.32
N ARG B 350 -29.99 1.46 11.62
CA ARG B 350 -29.74 1.46 10.18
C ARG B 350 -28.25 1.29 9.89
N PHE B 351 -27.44 2.26 10.34
CA PHE B 351 -25.99 2.12 10.36
C PHE B 351 -25.43 2.09 11.77
N ARG B 352 -26.08 2.77 12.71
CA ARG B 352 -25.68 2.78 14.11
C ARG B 352 -26.91 3.17 14.93
N PRO B 353 -26.90 2.91 16.24
CA PRO B 353 -28.05 3.26 17.07
C PRO B 353 -28.36 4.75 17.00
N SER B 354 -29.65 5.07 17.05
CA SER B 354 -30.10 6.45 16.90
C SER B 354 -29.81 7.27 18.16
N GLU B 355 -30.07 8.59 18.06
CA GLU B 355 -29.78 9.53 19.13
C GLU B 355 -31.05 9.95 19.86
N PRO B 356 -30.95 10.22 21.15
CA PRO B 356 -32.12 10.64 21.92
C PRO B 356 -32.43 12.12 21.73
N HIS B 357 -33.62 12.51 22.18
CA HIS B 357 -34.06 13.90 22.18
C HIS B 357 -34.73 14.16 23.52
N PHE B 358 -34.01 14.80 24.45
CA PHE B 358 -34.49 14.99 25.80
C PHE B 358 -35.42 16.20 25.91
N THR B 359 -36.27 16.17 26.93
CA THR B 359 -37.14 17.30 27.24
C THR B 359 -36.34 18.35 28.02
N LEU B 360 -37.03 19.39 28.49
CA LEU B 360 -36.33 20.47 29.20
C LEU B 360 -35.84 20.03 30.56
N ASP B 361 -36.66 19.30 31.31
CA ASP B 361 -36.27 18.87 32.65
C ASP B 361 -35.34 17.67 32.65
N GLY B 362 -35.20 16.98 31.52
CA GLY B 362 -34.30 15.85 31.43
C GLY B 362 -34.78 14.58 32.08
N ASN B 363 -36.08 14.42 32.27
CA ASN B 363 -36.64 13.22 32.87
C ASN B 363 -37.33 12.30 31.86
N SER B 364 -37.27 12.62 30.57
CA SER B 364 -37.85 11.78 29.53
C SER B 364 -37.21 12.14 28.20
N PHE B 365 -37.36 11.26 27.23
CA PHE B 365 -36.78 11.49 25.91
C PHE B 365 -37.54 10.69 24.87
N TYR B 366 -37.30 11.03 23.60
CA TYR B 366 -37.89 10.35 22.45
C TYR B 366 -36.79 9.73 21.60
N LYS B 367 -37.11 8.62 20.96
CA LYS B 367 -36.12 7.88 20.19
C LYS B 367 -36.83 7.07 19.10
N ILE B 368 -36.09 6.75 18.04
CA ILE B 368 -36.62 5.97 16.92
C ILE B 368 -36.19 4.52 17.09
N ILE B 369 -37.17 3.61 17.11
CA ILE B 369 -36.92 2.19 17.37
C ILE B 369 -37.87 1.36 16.52
N SER B 370 -37.36 0.25 16.00
CA SER B 370 -38.17 -0.70 15.23
C SER B 370 -39.20 -1.36 16.13
N ASN B 371 -40.41 -1.53 15.60
CA ASN B 371 -41.52 -2.10 16.36
C ASN B 371 -41.62 -3.61 16.12
N GLU B 372 -42.73 -4.20 16.59
CA GLU B 372 -42.91 -5.64 16.49
C GLU B 372 -43.10 -6.10 15.05
N GLU B 373 -43.54 -5.23 14.15
CA GLU B 373 -43.77 -5.59 12.76
C GLU B 373 -42.58 -5.27 11.86
N GLY B 374 -41.52 -4.70 12.40
CA GLY B 374 -40.34 -4.41 11.61
C GLY B 374 -40.27 -3.02 11.01
N TYR B 375 -41.11 -2.09 11.46
CA TYR B 375 -41.11 -0.72 10.97
C TYR B 375 -40.65 0.22 12.07
N ARG B 376 -39.90 1.26 11.69
CA ARG B 376 -39.27 2.15 12.65
C ARG B 376 -40.18 3.30 13.01
N HIS B 377 -40.37 3.53 14.30
CA HIS B 377 -41.27 4.56 14.81
C HIS B 377 -40.68 5.14 16.09
N ILE B 378 -41.49 5.91 16.81
CA ILE B 378 -41.01 6.69 17.96
C ILE B 378 -41.54 6.09 19.26
N CYS B 379 -40.64 5.79 20.19
CA CYS B 379 -40.99 5.49 21.57
C CYS B 379 -41.00 6.76 22.41
N TYR B 380 -41.64 6.67 23.57
CA TYR B 380 -41.57 7.67 24.61
C TYR B 380 -41.09 6.99 25.89
N PHE B 381 -39.91 7.39 26.37
CA PHE B 381 -39.26 6.75 27.50
C PHE B 381 -39.38 7.58 28.76
N GLN B 382 -39.39 6.91 29.90
CA GLN B 382 -39.11 7.51 31.20
C GLN B 382 -37.78 6.95 31.70
N ILE B 383 -36.93 7.82 32.22
CA ILE B 383 -35.56 7.42 32.55
C ILE B 383 -35.49 6.40 33.68
N ASP B 384 -36.62 6.05 34.30
CA ASP B 384 -36.64 5.06 35.35
C ASP B 384 -37.38 3.78 35.00
N LYS B 385 -38.12 3.76 33.89
CA LYS B 385 -38.93 2.62 33.49
C LYS B 385 -38.41 2.01 32.21
N LYS B 386 -38.64 0.72 32.03
CA LYS B 386 -38.05 -0.02 30.92
C LYS B 386 -38.88 0.08 29.64
N ASP B 387 -40.19 0.16 29.76
CA ASP B 387 -41.06 0.01 28.59
C ASP B 387 -41.14 1.31 27.77
N CYS B 388 -41.40 1.15 26.47
CA CYS B 388 -41.77 2.24 25.59
C CYS B 388 -43.26 2.54 25.67
N THR B 389 -43.67 3.50 24.85
CA THR B 389 -45.02 3.63 24.37
C THR B 389 -44.95 4.27 22.99
N PHE B 390 -45.40 3.54 21.97
CA PHE B 390 -45.30 4.02 20.59
C PHE B 390 -46.40 5.04 20.31
N ILE B 391 -46.00 6.16 19.71
CA ILE B 391 -46.93 7.22 19.35
C ILE B 391 -47.23 7.29 17.87
N THR B 392 -46.52 6.52 17.04
CA THR B 392 -46.81 6.42 15.62
C THR B 392 -46.82 4.96 15.21
N LYS B 393 -47.64 4.63 14.22
CA LYS B 393 -47.73 3.26 13.73
C LYS B 393 -48.18 3.27 12.28
N GLY B 394 -47.89 2.18 11.58
CA GLY B 394 -48.26 2.04 10.20
C GLY B 394 -47.22 1.34 9.35
N THR B 395 -47.50 1.17 8.06
CA THR B 395 -46.57 0.53 7.12
C THR B 395 -45.66 1.54 6.44
N TRP B 396 -44.99 2.36 7.24
CA TRP B 396 -44.05 3.35 6.75
C TRP B 396 -43.08 3.67 7.87
N GLU B 397 -41.97 4.33 7.52
CA GLU B 397 -40.88 4.56 8.45
C GLU B 397 -40.69 6.06 8.72
N VAL B 398 -40.27 6.38 9.93
CA VAL B 398 -39.90 7.74 10.30
C VAL B 398 -38.43 7.95 10.04
N ILE B 399 -38.09 9.00 9.29
CA ILE B 399 -36.72 9.20 8.85
C ILE B 399 -35.88 9.84 9.96
N GLY B 400 -36.42 10.88 10.60
CA GLY B 400 -35.69 11.54 11.67
C GLY B 400 -36.55 12.52 12.43
N ILE B 401 -36.00 12.99 13.55
CA ILE B 401 -36.64 13.97 14.42
C ILE B 401 -35.89 15.28 14.29
N GLU B 402 -36.62 16.37 14.07
CA GLU B 402 -36.02 17.66 13.74
C GLU B 402 -36.01 18.62 14.93
N ALA B 403 -37.15 18.88 15.54
CA ALA B 403 -37.22 19.84 16.65
C ALA B 403 -38.24 19.36 17.67
N LEU B 404 -38.03 19.76 18.92
CA LEU B 404 -38.90 19.40 20.02
C LEU B 404 -39.26 20.66 20.82
N THR B 405 -40.54 20.85 21.05
CA THR B 405 -41.09 21.96 21.82
C THR B 405 -42.02 21.42 22.88
N SER B 406 -42.37 22.25 23.86
CA SER B 406 -43.21 21.82 24.97
C SER B 406 -44.63 21.47 24.53
N ASP B 407 -45.01 21.80 23.31
CA ASP B 407 -46.36 21.49 22.81
C ASP B 407 -46.37 20.52 21.65
N TYR B 408 -45.40 20.61 20.74
CA TYR B 408 -45.42 19.83 19.51
C TYR B 408 -44.06 19.16 19.27
N LEU B 409 -44.08 18.15 18.41
CA LEU B 409 -42.88 17.46 17.96
C LEU B 409 -42.91 17.36 16.44
N TYR B 410 -41.76 17.58 15.80
CA TYR B 410 -41.64 17.61 14.36
C TYR B 410 -40.78 16.46 13.86
N TYR B 411 -41.17 15.88 12.72
CA TYR B 411 -40.43 14.76 12.15
C TYR B 411 -40.67 14.70 10.65
N ILE B 412 -39.90 13.84 9.98
CA ILE B 412 -39.98 13.63 8.55
C ILE B 412 -40.22 12.14 8.29
N SER B 413 -41.20 11.83 7.43
CA SER B 413 -41.55 10.46 7.11
C SER B 413 -41.85 10.34 5.63
N ASN B 414 -42.24 9.14 5.20
CA ASN B 414 -42.60 8.86 3.82
C ASN B 414 -43.97 8.20 3.73
N GLU B 415 -44.93 8.72 4.51
CA GLU B 415 -46.27 8.16 4.52
C GLU B 415 -47.09 8.56 3.30
N TYR B 416 -46.80 9.72 2.72
CA TYR B 416 -47.68 10.30 1.72
C TYR B 416 -47.71 9.46 0.44
N LYS B 417 -48.90 9.02 0.05
CA LYS B 417 -49.18 8.26 -1.16
C LYS B 417 -48.45 6.92 -1.22
N GLY B 418 -47.88 6.46 -0.11
CA GLY B 418 -47.18 5.18 -0.12
C GLY B 418 -45.97 5.15 -1.03
N MET B 419 -45.21 6.24 -1.07
CA MET B 419 -44.03 6.33 -1.91
C MET B 419 -42.79 6.31 -1.04
N PRO B 420 -42.00 5.24 -1.04
CA PRO B 420 -40.79 5.21 -0.20
C PRO B 420 -39.75 6.26 -0.58
N GLY B 421 -39.81 6.82 -1.78
CA GLY B 421 -38.87 7.83 -2.20
C GLY B 421 -39.23 9.26 -1.86
N GLY B 422 -40.34 9.49 -1.16
CA GLY B 422 -40.74 10.84 -0.83
C GLY B 422 -40.42 11.23 0.60
N ARG B 423 -40.40 12.54 0.85
CA ARG B 423 -40.13 13.10 2.17
C ARG B 423 -41.08 14.26 2.42
N ASN B 424 -41.59 14.34 3.65
CA ASN B 424 -42.49 15.44 4.02
C ASN B 424 -42.33 15.74 5.51
N LEU B 425 -42.79 16.91 5.91
CA LEU B 425 -42.69 17.38 7.28
C LEU B 425 -44.04 17.28 7.98
N TYR B 426 -44.04 16.72 9.19
CA TYR B 426 -45.26 16.50 9.96
C TYR B 426 -45.11 17.10 11.35
N LYS B 427 -46.25 17.35 12.00
CA LYS B 427 -46.31 17.88 13.35
C LYS B 427 -47.31 17.07 14.16
N ILE B 428 -46.94 16.75 15.40
CA ILE B 428 -47.77 15.92 16.28
C ILE B 428 -47.94 16.63 17.61
N GLN B 429 -49.15 16.56 18.16
CA GLN B 429 -49.46 17.20 19.43
C GLN B 429 -49.16 16.23 20.58
N LEU B 430 -48.46 16.72 21.60
CA LEU B 430 -48.02 15.86 22.68
C LEU B 430 -49.16 15.50 23.63
N SER B 431 -50.16 16.37 23.77
CA SER B 431 -51.28 16.06 24.67
C SER B 431 -52.14 14.92 24.11
N ASP B 432 -52.50 15.00 22.83
CA ASP B 432 -53.31 13.99 22.18
C ASP B 432 -52.58 13.54 20.93
N TYR B 433 -52.31 12.24 20.82
CA TYR B 433 -51.52 11.69 19.73
C TYR B 433 -52.35 11.40 18.49
N THR B 434 -53.66 11.63 18.53
CA THR B 434 -54.51 11.41 17.38
C THR B 434 -54.40 12.53 16.34
N LYS B 435 -53.97 13.72 16.74
CA LYS B 435 -53.97 14.90 15.88
C LYS B 435 -52.59 15.04 15.22
N VAL B 436 -52.54 14.71 13.92
CA VAL B 436 -51.33 14.83 13.13
C VAL B 436 -51.63 15.69 11.92
N THR B 437 -50.77 16.67 11.65
CA THR B 437 -50.94 17.61 10.56
C THR B 437 -49.70 17.63 9.67
N CYS B 438 -49.92 17.62 8.35
CA CYS B 438 -48.83 17.70 7.39
C CYS B 438 -48.63 19.16 6.98
N LEU B 439 -47.37 19.61 7.01
CA LEU B 439 -47.05 21.01 6.75
C LEU B 439 -46.52 21.27 5.35
N SER B 440 -46.13 20.23 4.62
CA SER B 440 -45.57 20.42 3.28
C SER B 440 -46.23 19.52 2.24
N CYS B 441 -47.36 18.90 2.56
CA CYS B 441 -47.97 17.96 1.62
C CYS B 441 -48.58 18.68 0.43
N GLU B 442 -49.34 19.75 0.67
CA GLU B 442 -50.09 20.42 -0.40
C GLU B 442 -49.58 21.83 -0.69
N LEU B 443 -48.33 22.13 -0.34
CA LEU B 443 -47.80 23.45 -0.67
C LEU B 443 -47.75 23.66 -2.19
N ASN B 444 -47.27 22.66 -2.92
CA ASN B 444 -47.35 22.63 -4.36
C ASN B 444 -47.26 21.16 -4.76
N PRO B 445 -48.38 20.52 -5.10
CA PRO B 445 -48.38 19.06 -5.24
C PRO B 445 -47.39 18.55 -6.26
N GLU B 446 -47.17 19.28 -7.34
CA GLU B 446 -46.13 18.94 -8.31
C GLU B 446 -44.84 19.67 -7.95
N ARG B 447 -43.76 19.29 -8.62
CA ARG B 447 -42.49 20.00 -8.53
C ARG B 447 -41.82 19.86 -7.17
N CYS B 448 -42.53 19.30 -6.18
CA CYS B 448 -41.98 19.20 -4.83
C CYS B 448 -42.60 17.99 -4.13
N GLN B 449 -41.80 16.94 -3.97
CA GLN B 449 -42.17 15.78 -3.18
C GLN B 449 -41.04 15.32 -2.27
N TYR B 450 -39.91 16.04 -2.25
CA TYR B 450 -38.75 15.73 -1.43
C TYR B 450 -38.39 16.98 -0.65
N TYR B 451 -38.31 16.88 0.67
CA TYR B 451 -38.19 18.05 1.52
C TYR B 451 -37.13 17.86 2.60
N SER B 452 -36.61 18.99 3.06
CA SER B 452 -35.71 19.06 4.22
C SER B 452 -36.00 20.36 4.96
N VAL B 453 -35.64 20.39 6.24
CA VAL B 453 -36.01 21.52 7.10
C VAL B 453 -34.80 21.98 7.90
N SER B 454 -34.85 23.24 8.34
CA SER B 454 -33.85 23.82 9.22
C SER B 454 -34.54 24.81 10.15
N PHE B 455 -34.50 24.54 11.45
CA PHE B 455 -35.24 25.32 12.44
C PHE B 455 -34.33 26.37 13.08
N SER B 456 -34.96 27.31 13.79
CA SER B 456 -34.26 28.34 14.52
C SER B 456 -33.95 27.86 15.93
N LYS B 457 -33.52 28.77 16.80
CA LYS B 457 -33.09 28.39 18.14
C LYS B 457 -34.26 27.89 18.98
N GLU B 458 -35.37 28.62 18.98
CA GLU B 458 -36.54 28.26 19.79
C GLU B 458 -37.65 27.63 18.96
N ALA B 459 -37.34 27.20 17.74
CA ALA B 459 -38.34 26.63 16.83
C ALA B 459 -39.46 27.62 16.56
N LYS B 460 -39.11 28.88 16.31
CA LYS B 460 -40.09 29.90 15.95
C LYS B 460 -40.22 30.07 14.44
N TYR B 461 -39.12 29.92 13.71
CA TYR B 461 -39.11 29.99 12.25
C TYR B 461 -38.38 28.78 11.70
N TYR B 462 -38.71 28.40 10.47
CA TYR B 462 -38.00 27.31 9.81
C TYR B 462 -37.94 27.56 8.32
N GLN B 463 -36.96 26.91 7.68
CA GLN B 463 -36.76 27.00 6.24
C GLN B 463 -37.00 25.63 5.61
N LEU B 464 -37.80 25.60 4.56
CA LEU B 464 -38.10 24.38 3.82
C LEU B 464 -37.30 24.36 2.53
N ARG B 465 -36.70 23.21 2.23
CA ARG B 465 -35.86 23.04 1.04
C ARG B 465 -36.42 21.91 0.20
N CYS B 466 -36.70 22.19 -1.06
CA CYS B 466 -37.29 21.18 -1.90
C CYS B 466 -36.34 20.77 -2.99
N SER B 467 -36.14 19.48 -3.17
CA SER B 467 -35.32 19.00 -4.25
C SER B 467 -36.23 17.97 -4.83
N GLY B 468 -37.37 18.43 -5.32
CA GLY B 468 -38.38 17.52 -5.82
C GLY B 468 -38.17 17.22 -7.27
N PRO B 469 -39.20 16.69 -7.92
CA PRO B 469 -39.07 16.33 -9.33
C PRO B 469 -38.71 17.55 -10.15
N GLY B 470 -39.29 18.71 -9.85
CA GLY B 470 -38.94 19.94 -10.53
C GLY B 470 -37.76 20.68 -9.96
N LEU B 471 -37.47 21.86 -10.49
CA LEU B 471 -36.33 22.65 -10.02
C LEU B 471 -36.43 23.04 -8.55
N PRO B 472 -35.30 23.02 -7.82
CA PRO B 472 -35.28 23.35 -6.39
C PRO B 472 -35.97 24.65 -5.97
N LEU B 473 -36.60 24.65 -4.79
CA LEU B 473 -37.30 25.83 -4.31
C LEU B 473 -37.05 25.99 -2.82
N TYR B 474 -36.81 27.23 -2.39
CA TYR B 474 -36.52 27.54 -0.98
C TYR B 474 -37.55 28.54 -0.48
N THR B 475 -38.13 28.25 0.69
CA THR B 475 -39.16 29.08 1.29
C THR B 475 -38.90 29.26 2.77
N LEU B 476 -39.51 30.30 3.34
CA LEU B 476 -39.40 30.61 4.76
C LEU B 476 -40.80 30.66 5.36
N HIS B 477 -40.95 30.11 6.57
CA HIS B 477 -42.25 29.97 7.21
C HIS B 477 -42.16 30.35 8.68
N SER B 478 -43.32 30.56 9.28
CA SER B 478 -43.46 30.79 10.71
C SER B 478 -44.12 29.59 11.37
N SER B 479 -43.98 29.51 12.70
CA SER B 479 -44.45 28.35 13.44
C SER B 479 -45.70 28.63 14.28
N VAL B 480 -46.02 29.89 14.55
CA VAL B 480 -47.19 30.20 15.37
C VAL B 480 -48.47 29.76 14.66
N ASN B 481 -48.58 30.05 13.37
CA ASN B 481 -49.78 29.73 12.60
C ASN B 481 -49.48 29.13 11.23
N ASP B 482 -48.21 28.85 10.91
CA ASP B 482 -47.81 28.16 9.69
C ASP B 482 -48.29 28.89 8.44
N LYS B 483 -47.76 30.11 8.26
CA LYS B 483 -48.01 30.90 7.06
C LYS B 483 -46.71 31.17 6.34
N GLY B 484 -46.73 31.04 5.02
CA GLY B 484 -45.54 31.28 4.22
C GLY B 484 -45.20 32.76 4.18
N LEU B 485 -43.99 33.12 4.58
CA LEU B 485 -43.59 34.52 4.61
C LEU B 485 -43.14 35.00 3.23
N ARG B 486 -42.11 34.37 2.67
CA ARG B 486 -41.58 34.82 1.39
C ARG B 486 -40.86 33.66 0.72
N VAL B 487 -40.48 33.88 -0.53
CA VAL B 487 -39.73 32.91 -1.32
C VAL B 487 -38.29 33.38 -1.41
N LEU B 488 -37.35 32.52 -1.00
CA LEU B 488 -35.95 32.91 -0.94
C LEU B 488 -35.21 32.63 -2.24
N GLU B 489 -35.56 31.55 -2.95
CA GLU B 489 -34.91 31.21 -4.20
C GLU B 489 -35.85 30.32 -5.02
N ASP B 490 -35.88 30.55 -6.33
CA ASP B 490 -36.76 29.79 -7.21
C ASP B 490 -36.10 29.29 -8.48
N ASN B 491 -34.82 29.58 -8.70
CA ASN B 491 -34.07 29.10 -9.86
C ASN B 491 -34.78 29.48 -11.18
N SER B 492 -35.24 30.72 -11.23
CA SER B 492 -35.91 31.21 -12.43
C SER B 492 -34.92 31.44 -13.56
N ALA B 493 -33.67 31.76 -13.22
CA ALA B 493 -32.65 31.99 -14.26
C ALA B 493 -32.36 30.71 -15.04
N LEU B 494 -32.24 29.58 -14.35
CA LEU B 494 -31.91 28.33 -15.03
C LEU B 494 -33.08 27.84 -15.88
N ASP B 495 -34.30 28.18 -15.49
CA ASP B 495 -35.48 27.75 -16.25
C ASP B 495 -35.46 28.35 -17.65
N LYS B 496 -35.10 29.63 -17.77
CA LYS B 496 -35.02 30.27 -19.08
C LYS B 496 -33.96 29.62 -19.95
N MET B 497 -32.80 29.30 -19.37
CA MET B 497 -31.73 28.68 -20.14
C MET B 497 -32.13 27.31 -20.68
N LEU B 498 -32.82 26.51 -19.88
CA LEU B 498 -33.19 25.16 -20.27
C LEU B 498 -34.39 25.12 -21.20
N GLN B 499 -35.03 26.26 -21.46
CA GLN B 499 -36.21 26.28 -22.30
C GLN B 499 -35.89 25.92 -23.76
N ASN B 500 -34.65 26.16 -24.19
CA ASN B 500 -34.24 25.89 -25.57
C ASN B 500 -33.28 24.71 -25.67
N VAL B 501 -33.28 23.83 -24.67
CA VAL B 501 -32.42 22.65 -24.66
C VAL B 501 -33.31 21.43 -24.44
N GLN B 502 -33.14 20.42 -25.29
CA GLN B 502 -33.87 19.17 -25.12
C GLN B 502 -33.35 18.43 -23.89
N MET B 503 -34.26 17.99 -23.03
CA MET B 503 -33.90 17.37 -21.77
C MET B 503 -34.67 16.07 -21.58
N PRO B 504 -34.09 15.11 -20.87
CA PRO B 504 -34.78 13.84 -20.64
C PRO B 504 -35.90 13.97 -19.62
N SER B 505 -36.69 12.91 -19.51
CA SER B 505 -37.73 12.78 -18.51
C SER B 505 -37.41 11.63 -17.58
N LYS B 506 -38.18 11.53 -16.49
CA LYS B 506 -37.96 10.52 -15.47
C LYS B 506 -39.29 9.84 -15.14
N LYS B 507 -39.23 8.53 -14.92
CA LYS B 507 -40.41 7.73 -14.58
C LYS B 507 -40.11 6.91 -13.33
N LEU B 508 -41.11 6.80 -12.45
CA LEU B 508 -40.99 6.06 -11.21
C LEU B 508 -42.19 5.14 -11.08
N ASP B 509 -41.96 3.84 -10.97
CA ASP B 509 -43.02 2.85 -10.91
C ASP B 509 -42.52 1.64 -10.15
N PHE B 510 -43.30 0.56 -10.16
CA PHE B 510 -42.99 -0.63 -9.39
C PHE B 510 -43.41 -1.89 -10.14
N ILE B 511 -42.81 -3.01 -9.76
CA ILE B 511 -43.15 -4.34 -10.25
C ILE B 511 -43.33 -5.26 -9.06
N ILE B 512 -43.99 -6.39 -9.31
CA ILE B 512 -44.38 -7.33 -8.26
C ILE B 512 -43.62 -8.63 -8.43
N LEU B 513 -42.91 -9.06 -7.38
CA LEU B 513 -42.23 -10.35 -7.33
C LEU B 513 -42.56 -11.03 -6.01
N ASN B 514 -43.13 -12.23 -6.10
CA ASN B 514 -43.52 -13.01 -4.93
C ASN B 514 -44.45 -12.21 -4.01
N GLU B 515 -45.43 -11.54 -4.62
CA GLU B 515 -46.42 -10.74 -3.90
C GLU B 515 -45.78 -9.63 -3.06
N THR B 516 -44.68 -9.06 -3.56
CA THR B 516 -44.00 -7.95 -2.92
C THR B 516 -43.65 -6.91 -3.98
N LYS B 517 -43.78 -5.64 -3.60
CA LYS B 517 -43.54 -4.53 -4.53
C LYS B 517 -42.11 -4.04 -4.42
N PHE B 518 -41.45 -3.87 -5.56
CA PHE B 518 -40.12 -3.30 -5.64
C PHE B 518 -40.14 -2.13 -6.61
N TRP B 519 -39.40 -1.07 -6.27
CA TRP B 519 -39.47 0.18 -7.00
C TRP B 519 -38.24 0.37 -7.89
N TYR B 520 -38.44 1.06 -9.01
CA TYR B 520 -37.39 1.32 -9.98
C TYR B 520 -37.62 2.69 -10.61
N GLN B 521 -36.59 3.20 -11.28
CA GLN B 521 -36.67 4.47 -11.99
C GLN B 521 -36.00 4.33 -13.35
N MET B 522 -36.41 5.18 -14.29
CA MET B 522 -35.89 5.16 -15.65
C MET B 522 -35.72 6.59 -16.15
N ILE B 523 -34.57 6.86 -16.76
CA ILE B 523 -34.31 8.12 -17.44
C ILE B 523 -34.54 7.90 -18.93
N LEU B 524 -35.42 8.69 -19.53
CA LEU B 524 -35.88 8.41 -20.88
C LEU B 524 -35.42 9.50 -21.85
N PRO B 525 -35.08 9.13 -23.07
CA PRO B 525 -34.63 10.13 -24.05
C PRO B 525 -35.78 11.01 -24.50
N PRO B 526 -35.49 12.18 -25.06
CA PRO B 526 -36.56 13.05 -25.56
C PRO B 526 -37.31 12.42 -26.71
N HIS B 527 -38.58 12.82 -26.84
CA HIS B 527 -39.48 12.29 -27.87
C HIS B 527 -39.54 10.76 -27.80
N PHE B 528 -39.81 10.26 -26.61
CA PHE B 528 -39.83 8.82 -26.38
C PHE B 528 -41.01 8.17 -27.08
N ASP B 529 -40.75 7.10 -27.83
CA ASP B 529 -41.78 6.35 -28.53
C ASP B 529 -41.67 4.90 -28.10
N LYS B 530 -42.81 4.30 -27.74
CA LYS B 530 -42.81 2.93 -27.25
C LYS B 530 -42.61 1.91 -28.36
N SER B 531 -42.80 2.30 -29.62
CA SER B 531 -42.66 1.35 -30.72
C SER B 531 -41.20 1.03 -30.99
N LYS B 532 -40.31 1.99 -30.80
CA LYS B 532 -38.90 1.82 -31.17
C LYS B 532 -38.17 1.00 -30.12
N LYS B 533 -36.90 0.70 -30.40
CA LYS B 533 -36.04 -0.07 -29.53
C LYS B 533 -34.84 0.77 -29.10
N TYR B 534 -34.49 0.70 -27.83
CA TYR B 534 -33.39 1.48 -27.28
C TYR B 534 -32.44 0.60 -26.50
N PRO B 535 -31.15 0.93 -26.50
CA PRO B 535 -30.22 0.26 -25.58
C PRO B 535 -30.47 0.67 -24.14
N LEU B 536 -30.08 -0.21 -23.22
CA LEU B 536 -30.34 -0.02 -21.80
C LEU B 536 -29.05 -0.14 -21.01
N LEU B 537 -28.86 0.77 -20.07
CA LEU B 537 -27.72 0.77 -19.15
C LEU B 537 -28.25 0.77 -17.73
N LEU B 538 -27.68 -0.09 -16.89
CA LEU B 538 -28.16 -0.28 -15.52
C LEU B 538 -27.13 0.26 -14.54
N ASP B 539 -27.55 1.20 -13.70
CA ASP B 539 -26.69 1.78 -12.67
C ASP B 539 -27.03 1.13 -11.34
N VAL B 540 -26.02 0.55 -10.69
CA VAL B 540 -26.24 -0.30 -9.52
C VAL B 540 -25.34 0.16 -8.38
N TYR B 541 -25.92 0.26 -7.18
CA TYR B 541 -25.17 0.33 -5.95
C TYR B 541 -25.48 -0.87 -5.05
N ALA B 542 -26.76 -1.09 -4.72
CA ALA B 542 -27.23 -2.32 -4.08
C ALA B 542 -26.51 -2.61 -2.77
N GLY B 543 -26.23 -1.56 -2.00
CA GLY B 543 -25.66 -1.72 -0.69
C GLY B 543 -26.74 -1.84 0.37
N PRO B 544 -26.36 -2.28 1.56
CA PRO B 544 -27.35 -2.39 2.64
C PRO B 544 -27.85 -1.01 3.07
N CYS B 545 -29.17 -0.89 3.22
CA CYS B 545 -29.83 0.36 3.58
C CYS B 545 -29.46 1.48 2.61
N SER B 546 -29.81 1.26 1.35
CA SER B 546 -29.52 2.21 0.29
C SER B 546 -30.76 2.39 -0.58
N GLN B 547 -30.83 3.52 -1.26
CA GLN B 547 -31.96 3.83 -2.12
C GLN B 547 -31.47 4.52 -3.38
N LYS B 548 -31.85 3.96 -4.54
CA LYS B 548 -31.51 4.54 -5.83
C LYS B 548 -32.73 4.94 -6.64
N ALA B 549 -33.93 4.76 -6.11
CA ALA B 549 -35.16 5.20 -6.75
C ALA B 549 -35.83 6.24 -5.86
N ASP B 550 -35.84 7.49 -6.31
CA ASP B 550 -36.41 8.58 -5.53
C ASP B 550 -36.89 9.67 -6.49
N THR B 551 -37.21 10.84 -5.94
CA THR B 551 -37.78 11.94 -6.70
C THR B 551 -36.86 13.16 -6.76
N VAL B 552 -35.56 12.96 -6.67
CA VAL B 552 -34.61 14.07 -6.63
C VAL B 552 -34.22 14.47 -8.04
N PHE B 553 -34.01 15.77 -8.24
CA PHE B 553 -33.61 16.32 -9.53
C PHE B 553 -32.09 16.43 -9.59
N ARG B 554 -31.49 15.86 -10.63
CA ARG B 554 -30.04 15.83 -10.77
C ARG B 554 -29.63 16.15 -12.20
N LEU B 555 -28.41 16.69 -12.33
CA LEU B 555 -27.75 16.86 -13.62
C LEU B 555 -26.39 16.18 -13.54
N ASN B 556 -26.25 15.04 -14.22
CA ASN B 556 -25.07 14.22 -14.05
C ASN B 556 -24.75 13.52 -15.37
N TRP B 557 -23.92 12.47 -15.31
CA TRP B 557 -23.52 11.75 -16.51
C TRP B 557 -24.71 11.05 -17.16
N ALA B 558 -25.70 10.67 -16.37
CA ALA B 558 -26.87 9.99 -16.92
C ALA B 558 -27.69 10.94 -17.79
N THR B 559 -27.66 12.24 -17.49
CA THR B 559 -28.37 13.21 -18.31
C THR B 559 -27.76 13.28 -19.70
N TYR B 560 -26.42 13.24 -19.79
CA TYR B 560 -25.75 13.24 -21.09
C TYR B 560 -26.13 12.05 -21.93
N LEU B 561 -26.16 10.85 -21.33
CA LEU B 561 -26.36 9.63 -22.11
C LEU B 561 -27.74 9.61 -22.75
N ALA B 562 -28.76 10.09 -22.02
CA ALA B 562 -30.11 10.05 -22.55
C ALA B 562 -30.34 11.15 -23.58
N SER B 563 -29.76 12.34 -23.35
CA SER B 563 -30.03 13.46 -24.24
C SER B 563 -29.37 13.29 -25.60
N THR B 564 -28.09 12.93 -25.62
CA THR B 564 -27.30 12.91 -26.85
C THR B 564 -27.22 11.54 -27.49
N GLU B 565 -26.93 10.51 -26.71
CA GLU B 565 -26.70 9.17 -27.25
C GLU B 565 -27.94 8.29 -27.30
N ASN B 566 -29.07 8.77 -26.78
CA ASN B 566 -30.34 8.04 -26.80
C ASN B 566 -30.21 6.67 -26.12
N ILE B 567 -29.91 6.72 -24.82
CA ILE B 567 -29.72 5.52 -24.01
C ILE B 567 -30.62 5.61 -22.78
N ILE B 568 -31.29 4.52 -22.45
CA ILE B 568 -32.09 4.44 -21.23
C ILE B 568 -31.18 4.05 -20.07
N VAL B 569 -31.27 4.79 -18.98
CA VAL B 569 -30.50 4.50 -17.76
C VAL B 569 -31.50 4.19 -16.65
N ALA B 570 -31.33 3.04 -16.00
CA ALA B 570 -32.29 2.54 -15.03
C ALA B 570 -31.58 2.13 -13.74
N SER B 571 -32.31 2.22 -12.63
CA SER B 571 -31.83 1.76 -11.33
C SER B 571 -32.95 1.00 -10.63
N PHE B 572 -32.57 0.00 -9.85
CA PHE B 572 -33.53 -0.90 -9.23
C PHE B 572 -33.16 -1.13 -7.77
N ASP B 573 -34.17 -1.13 -6.90
CA ASP B 573 -33.99 -1.38 -5.47
C ASP B 573 -34.61 -2.72 -5.12
N GLY B 574 -33.78 -3.65 -4.65
CA GLY B 574 -34.23 -4.98 -4.32
C GLY B 574 -34.06 -5.33 -2.86
N ARG B 575 -33.80 -6.60 -2.57
CA ARG B 575 -33.62 -7.04 -1.19
C ARG B 575 -32.34 -6.44 -0.61
N GLY B 576 -32.44 -5.93 0.61
CA GLY B 576 -31.37 -5.21 1.24
C GLY B 576 -31.53 -3.70 1.23
N SER B 577 -32.43 -3.17 0.42
CA SER B 577 -32.67 -1.73 0.38
C SER B 577 -33.41 -1.28 1.62
N GLY B 578 -33.21 -0.02 1.99
CA GLY B 578 -33.75 0.51 3.22
C GLY B 578 -35.04 1.28 3.05
N TYR B 579 -35.54 1.79 4.17
CA TYR B 579 -36.75 2.62 4.22
C TYR B 579 -37.99 1.87 3.78
N GLN B 580 -38.00 0.55 3.95
CA GLN B 580 -39.18 -0.25 3.61
C GLN B 580 -39.56 -1.29 4.65
N GLY B 581 -38.69 -1.63 5.59
CA GLY B 581 -39.00 -2.61 6.61
C GLY B 581 -37.81 -3.50 6.91
N ASP B 582 -37.84 -4.13 8.08
CA ASP B 582 -36.75 -5.02 8.47
C ASP B 582 -36.80 -6.35 7.73
N LYS B 583 -37.97 -6.72 7.21
CA LYS B 583 -38.07 -7.96 6.44
C LYS B 583 -37.25 -7.87 5.16
N ILE B 584 -37.28 -6.72 4.49
CA ILE B 584 -36.53 -6.56 3.25
C ILE B 584 -35.08 -6.21 3.54
N MET B 585 -34.83 -5.40 4.57
CA MET B 585 -33.47 -4.93 4.85
C MET B 585 -32.58 -6.06 5.37
N HIS B 586 -33.12 -6.93 6.20
CA HIS B 586 -32.32 -7.95 6.88
C HIS B 586 -32.24 -9.27 6.11
N ALA B 587 -32.75 -9.32 4.90
CA ALA B 587 -32.72 -10.55 4.12
C ALA B 587 -31.31 -10.99 3.75
N ILE B 588 -30.35 -10.06 3.74
CA ILE B 588 -28.98 -10.37 3.35
C ILE B 588 -28.06 -10.52 4.55
N ASN B 589 -28.62 -10.85 5.71
CA ASN B 589 -27.80 -10.98 6.92
C ASN B 589 -26.93 -12.23 6.83
N ARG B 590 -25.62 -12.03 7.00
CA ARG B 590 -24.59 -13.07 6.94
C ARG B 590 -24.49 -13.73 5.57
N ARG B 591 -25.19 -13.19 4.56
CA ARG B 591 -25.12 -13.69 3.19
C ARG B 591 -24.96 -12.47 2.28
N LEU B 592 -23.72 -12.07 2.03
CA LEU B 592 -23.42 -10.96 1.15
C LEU B 592 -22.96 -11.49 -0.21
N GLY B 593 -23.53 -10.93 -1.27
CA GLY B 593 -23.24 -11.40 -2.60
C GLY B 593 -24.14 -12.51 -3.10
N THR B 594 -25.28 -12.74 -2.46
CA THR B 594 -26.19 -13.80 -2.86
C THR B 594 -27.52 -13.28 -3.38
N PHE B 595 -28.26 -12.53 -2.59
CA PHE B 595 -29.61 -12.13 -2.97
C PHE B 595 -29.64 -10.83 -3.77
N GLU B 596 -28.78 -9.87 -3.43
CA GLU B 596 -28.77 -8.60 -4.16
C GLU B 596 -28.23 -8.79 -5.57
N VAL B 597 -27.39 -9.80 -5.79
CA VAL B 597 -26.86 -10.06 -7.13
C VAL B 597 -27.95 -10.63 -8.04
N GLU B 598 -28.73 -11.59 -7.52
CA GLU B 598 -29.76 -12.21 -8.35
C GLU B 598 -30.91 -11.25 -8.62
N ASP B 599 -31.16 -10.31 -7.70
CA ASP B 599 -32.22 -9.34 -7.90
C ASP B 599 -31.96 -8.46 -9.12
N GLN B 600 -30.70 -8.04 -9.30
CA GLN B 600 -30.37 -7.20 -10.44
C GLN B 600 -30.55 -7.94 -11.75
N ILE B 601 -30.20 -9.23 -11.78
CA ILE B 601 -30.35 -10.02 -13.00
C ILE B 601 -31.82 -10.16 -13.37
N GLU B 602 -32.67 -10.44 -12.38
CA GLU B 602 -34.09 -10.61 -12.67
C GLU B 602 -34.74 -9.32 -13.14
N ALA B 603 -34.25 -8.17 -12.64
CA ALA B 603 -34.79 -6.89 -13.08
C ALA B 603 -34.51 -6.65 -14.56
N ALA B 604 -33.32 -7.04 -15.03
CA ALA B 604 -32.99 -6.87 -16.45
C ALA B 604 -33.88 -7.73 -17.33
N ARG B 605 -34.20 -8.95 -16.88
CA ARG B 605 -35.11 -9.81 -17.63
C ARG B 605 -36.50 -9.18 -17.71
N GLN B 606 -36.97 -8.58 -16.62
CA GLN B 606 -38.27 -7.92 -16.63
C GLN B 606 -38.27 -6.71 -17.55
N PHE B 607 -37.18 -5.95 -17.55
CA PHE B 607 -37.09 -4.78 -18.43
C PHE B 607 -37.13 -5.20 -19.90
N SER B 608 -36.53 -6.35 -20.22
CA SER B 608 -36.47 -6.79 -21.61
C SER B 608 -37.84 -7.12 -22.16
N LYS B 609 -38.75 -7.58 -21.30
CA LYS B 609 -40.08 -8.00 -21.74
C LYS B 609 -41.06 -6.86 -21.90
N MET B 610 -40.69 -5.63 -21.51
CA MET B 610 -41.61 -4.51 -21.63
C MET B 610 -41.91 -4.19 -23.09
N GLY B 611 -40.89 -4.21 -23.94
CA GLY B 611 -41.14 -4.05 -25.37
C GLY B 611 -40.25 -3.05 -26.09
N PHE B 612 -39.72 -2.06 -25.36
CA PHE B 612 -38.95 -0.99 -25.97
C PHE B 612 -37.46 -1.07 -25.64
N VAL B 613 -36.96 -2.28 -25.38
CA VAL B 613 -35.56 -2.50 -25.05
C VAL B 613 -34.99 -3.53 -26.01
N ASP B 614 -33.82 -3.24 -26.57
CA ASP B 614 -33.10 -4.17 -27.43
C ASP B 614 -32.37 -5.19 -26.57
N ASN B 615 -32.64 -6.47 -26.80
CA ASN B 615 -32.07 -7.53 -25.97
C ASN B 615 -30.57 -7.65 -26.15
N LYS B 616 -30.05 -7.24 -27.30
CA LYS B 616 -28.64 -7.49 -27.61
C LYS B 616 -27.70 -6.43 -27.06
N ARG B 617 -28.21 -5.33 -26.51
CA ARG B 617 -27.39 -4.23 -26.01
C ARG B 617 -27.83 -3.85 -24.61
N ILE B 618 -27.28 -4.53 -23.60
CA ILE B 618 -27.54 -4.23 -22.19
C ILE B 618 -26.21 -4.23 -21.46
N ALA B 619 -25.99 -3.21 -20.63
CA ALA B 619 -24.73 -3.04 -19.91
C ALA B 619 -25.00 -2.66 -18.46
N ILE B 620 -23.94 -2.67 -17.66
CA ILE B 620 -24.04 -2.42 -16.22
C ILE B 620 -22.74 -1.77 -15.75
N TRP B 621 -22.82 -0.89 -14.76
CA TRP B 621 -21.62 -0.30 -14.19
C TRP B 621 -21.92 0.13 -12.76
N GLY B 622 -20.87 0.36 -11.99
CA GLY B 622 -21.06 0.67 -10.58
C GLY B 622 -19.82 1.26 -9.95
N TRP B 623 -19.98 1.69 -8.70
CA TRP B 623 -18.97 2.38 -7.93
C TRP B 623 -18.81 1.69 -6.59
N SER B 624 -17.55 1.47 -6.18
CA SER B 624 -17.25 0.92 -4.86
C SER B 624 -17.96 -0.42 -4.63
N TYR B 625 -18.99 -0.42 -3.78
CA TYR B 625 -19.83 -1.61 -3.61
C TYR B 625 -20.50 -1.98 -4.93
N GLY B 626 -20.91 -0.98 -5.71
CA GLY B 626 -21.48 -1.25 -7.01
C GLY B 626 -20.51 -1.95 -7.94
N GLY B 627 -19.23 -1.66 -7.81
CA GLY B 627 -18.23 -2.40 -8.57
C GLY B 627 -18.16 -3.87 -8.18
N TYR B 628 -18.36 -4.15 -6.88
CA TYR B 628 -18.39 -5.53 -6.43
C TYR B 628 -19.58 -6.28 -7.02
N VAL B 629 -20.75 -5.64 -7.03
CA VAL B 629 -21.93 -6.29 -7.57
C VAL B 629 -21.82 -6.45 -9.08
N THR B 630 -21.26 -5.44 -9.76
CA THR B 630 -21.10 -5.52 -11.20
C THR B 630 -20.21 -6.69 -11.60
N SER B 631 -19.11 -6.89 -10.89
CA SER B 631 -18.21 -8.00 -11.20
C SER B 631 -18.86 -9.34 -10.95
N MET B 632 -19.62 -9.47 -9.86
CA MET B 632 -20.29 -10.73 -9.57
C MET B 632 -21.39 -11.03 -10.58
N VAL B 633 -22.09 -10.00 -11.05
CA VAL B 633 -23.12 -10.20 -12.06
C VAL B 633 -22.51 -10.68 -13.37
N LEU B 634 -21.39 -10.08 -13.77
CA LEU B 634 -20.74 -10.46 -15.03
C LEU B 634 -20.23 -11.90 -14.97
N GLY B 635 -19.72 -12.32 -13.82
CA GLY B 635 -19.19 -13.66 -13.66
C GLY B 635 -20.21 -14.73 -13.35
N SER B 636 -21.50 -14.41 -13.33
CA SER B 636 -22.51 -15.42 -13.02
C SER B 636 -22.75 -16.36 -14.19
N GLY B 637 -22.59 -15.86 -15.41
CA GLY B 637 -22.85 -16.66 -16.59
C GLY B 637 -24.29 -16.65 -17.07
N SER B 638 -25.05 -15.61 -16.73
CA SER B 638 -26.46 -15.56 -17.13
C SER B 638 -26.62 -15.32 -18.62
N GLY B 639 -25.72 -14.54 -19.21
CA GLY B 639 -25.82 -14.21 -20.62
C GLY B 639 -26.73 -13.04 -20.94
N VAL B 640 -27.20 -12.30 -19.94
CA VAL B 640 -28.09 -11.17 -20.19
C VAL B 640 -27.29 -9.93 -20.57
N PHE B 641 -26.11 -9.75 -19.98
CA PHE B 641 -25.32 -8.55 -20.18
C PHE B 641 -24.20 -8.78 -21.19
N LYS B 642 -23.72 -7.68 -21.77
CA LYS B 642 -22.69 -7.71 -22.80
C LYS B 642 -21.38 -7.09 -22.35
N CYS B 643 -21.42 -5.90 -21.75
CA CYS B 643 -20.22 -5.22 -21.29
C CYS B 643 -20.49 -4.57 -19.94
N GLY B 644 -19.43 -4.30 -19.20
CA GLY B 644 -19.57 -3.70 -17.88
C GLY B 644 -18.33 -2.97 -17.45
N ILE B 645 -18.53 -1.99 -16.56
CA ILE B 645 -17.45 -1.16 -16.02
C ILE B 645 -17.48 -1.26 -14.50
N ALA B 646 -16.32 -1.49 -13.90
CA ALA B 646 -16.18 -1.53 -12.45
C ALA B 646 -15.06 -0.58 -12.03
N VAL B 647 -15.39 0.38 -11.17
CA VAL B 647 -14.45 1.40 -10.71
C VAL B 647 -14.27 1.24 -9.21
N ALA B 648 -13.04 1.05 -8.78
CA ALA B 648 -12.69 0.87 -7.37
C ALA B 648 -13.53 -0.21 -6.69
N PRO B 649 -13.43 -1.46 -7.14
CA PRO B 649 -14.29 -2.52 -6.59
C PRO B 649 -13.73 -3.09 -5.30
N VAL B 650 -14.58 -3.90 -4.65
CA VAL B 650 -14.19 -4.73 -3.53
C VAL B 650 -14.08 -6.16 -4.02
N SER B 651 -12.95 -6.81 -3.73
CA SER B 651 -12.67 -8.15 -4.22
C SER B 651 -13.01 -9.23 -3.20
N ARG B 652 -12.39 -9.17 -2.03
CA ARG B 652 -12.57 -10.15 -0.97
C ARG B 652 -12.88 -9.42 0.32
N TRP B 653 -13.84 -9.94 1.09
CA TRP B 653 -14.29 -9.25 2.29
C TRP B 653 -13.28 -9.31 3.41
N GLU B 654 -12.21 -10.08 3.27
CA GLU B 654 -11.13 -10.08 4.26
C GLU B 654 -10.14 -8.94 4.05
N TYR B 655 -10.26 -8.19 2.96
CA TYR B 655 -9.40 -7.04 2.71
C TYR B 655 -10.03 -5.72 3.17
N TYR B 656 -11.22 -5.75 3.76
CA TYR B 656 -11.95 -4.54 4.10
C TYR B 656 -12.04 -4.40 5.62
N ASP B 657 -12.39 -3.21 6.07
CA ASP B 657 -12.29 -2.85 7.48
C ASP B 657 -13.26 -3.66 8.33
N SER B 658 -12.94 -3.75 9.63
CA SER B 658 -13.64 -4.67 10.51
C SER B 658 -15.04 -4.16 10.88
N VAL B 659 -15.17 -2.88 11.17
CA VAL B 659 -16.45 -2.36 11.68
C VAL B 659 -17.55 -2.52 10.64
N TYR B 660 -17.24 -2.20 9.38
CA TYR B 660 -18.24 -2.34 8.32
C TYR B 660 -18.52 -3.80 8.01
N THR B 661 -17.46 -4.61 7.86
CA THR B 661 -17.63 -5.98 7.39
C THR B 661 -18.30 -6.86 8.43
N GLU B 662 -17.86 -6.75 9.69
CA GLU B 662 -18.40 -7.61 10.75
C GLU B 662 -19.84 -7.26 11.10
N ARG B 663 -20.34 -6.10 10.65
CA ARG B 663 -21.73 -5.77 10.91
C ARG B 663 -22.68 -6.66 10.14
N TYR B 664 -22.30 -7.08 8.93
CA TYR B 664 -23.16 -7.89 8.09
C TYR B 664 -22.69 -9.32 7.90
N MET B 665 -21.45 -9.64 8.29
CA MET B 665 -20.88 -10.95 8.00
C MET B 665 -20.40 -11.72 9.22
N GLY B 666 -19.98 -11.04 10.27
CA GLY B 666 -19.41 -11.73 11.42
C GLY B 666 -17.92 -11.94 11.28
N LEU B 667 -17.36 -12.65 12.26
CA LEU B 667 -15.93 -12.91 12.27
C LEU B 667 -15.57 -13.96 11.23
N PRO B 668 -14.35 -13.91 10.68
CA PRO B 668 -13.89 -14.94 9.73
C PRO B 668 -13.17 -16.11 10.42
N THR B 669 -13.92 -16.92 11.15
CA THR B 669 -13.35 -18.02 11.90
C THR B 669 -14.10 -19.31 11.60
N PRO B 670 -13.44 -20.46 11.76
CA PRO B 670 -14.12 -21.73 11.49
C PRO B 670 -15.35 -21.96 12.35
N GLU B 671 -15.37 -21.42 13.56
CA GLU B 671 -16.53 -21.56 14.45
C GLU B 671 -17.65 -20.60 14.10
N ASP B 672 -17.41 -19.62 13.22
CA ASP B 672 -18.42 -18.61 12.90
C ASP B 672 -18.15 -18.07 11.51
N ASN B 673 -18.92 -18.55 10.53
CA ASN B 673 -19.05 -17.93 9.20
C ASN B 673 -17.69 -17.70 8.54
N LEU B 674 -17.00 -18.80 8.25
CA LEU B 674 -15.80 -18.76 7.42
C LEU B 674 -16.03 -19.34 6.04
N ASP B 675 -16.97 -20.27 5.89
CA ASP B 675 -17.24 -20.86 4.59
C ASP B 675 -17.77 -19.83 3.61
N HIS B 676 -18.64 -18.93 4.08
CA HIS B 676 -19.21 -17.92 3.18
C HIS B 676 -18.22 -16.83 2.84
N TYR B 677 -17.19 -16.63 3.67
CA TYR B 677 -16.13 -15.70 3.30
C TYR B 677 -15.40 -16.18 2.06
N ARG B 678 -15.15 -17.48 1.96
CA ARG B 678 -14.44 -18.04 0.81
C ARG B 678 -15.30 -18.12 -0.43
N ASN B 679 -16.61 -18.31 -0.27
CA ASN B 679 -17.51 -18.50 -1.40
C ASN B 679 -17.98 -17.20 -2.02
N SER B 680 -17.61 -16.04 -1.45
CA SER B 680 -18.11 -14.76 -1.91
C SER B 680 -17.01 -13.88 -2.51
N THR B 681 -16.00 -14.48 -3.13
CA THR B 681 -14.93 -13.73 -3.75
C THR B 681 -15.15 -13.63 -5.26
N VAL B 682 -14.64 -12.54 -5.85
CA VAL B 682 -14.74 -12.36 -7.29
C VAL B 682 -13.74 -13.23 -8.02
N MET B 683 -12.61 -13.57 -7.39
CA MET B 683 -11.56 -14.31 -8.06
C MET B 683 -11.93 -15.76 -8.32
N SER B 684 -13.02 -16.26 -7.76
CA SER B 684 -13.46 -17.63 -8.00
C SER B 684 -14.38 -17.74 -9.21
N ARG B 685 -14.67 -16.63 -9.89
CA ARG B 685 -15.54 -16.63 -11.05
C ARG B 685 -14.83 -16.14 -12.32
N ALA B 686 -13.51 -16.31 -12.39
CA ALA B 686 -12.75 -15.73 -13.50
C ALA B 686 -13.03 -16.42 -14.82
N GLU B 687 -13.42 -17.70 -14.79
CA GLU B 687 -13.61 -18.44 -16.03
C GLU B 687 -14.81 -17.93 -16.82
N ASN B 688 -15.81 -17.41 -16.13
CA ASN B 688 -17.03 -16.96 -16.80
C ASN B 688 -16.87 -15.60 -17.47
N PHE B 689 -15.72 -14.94 -17.32
CA PHE B 689 -15.51 -13.64 -17.92
C PHE B 689 -15.21 -13.71 -19.41
N LYS B 690 -15.05 -14.91 -19.97
CA LYS B 690 -14.75 -15.07 -21.39
C LYS B 690 -15.91 -14.71 -22.30
N GLN B 691 -17.10 -14.49 -21.74
CA GLN B 691 -18.30 -14.22 -22.52
C GLN B 691 -18.69 -12.75 -22.56
N VAL B 692 -17.98 -11.88 -21.84
CA VAL B 692 -18.34 -10.46 -21.72
C VAL B 692 -17.10 -9.61 -21.91
N GLU B 693 -17.33 -8.29 -21.98
CA GLU B 693 -16.26 -7.30 -22.01
C GLU B 693 -16.19 -6.59 -20.65
N TYR B 694 -14.98 -6.29 -20.21
CA TYR B 694 -14.76 -5.83 -18.84
C TYR B 694 -13.77 -4.67 -18.83
N LEU B 695 -14.03 -3.68 -17.99
CA LEU B 695 -13.15 -2.53 -17.79
C LEU B 695 -12.93 -2.32 -16.30
N LEU B 696 -11.68 -2.19 -15.89
CA LEU B 696 -11.31 -2.09 -14.48
C LEU B 696 -10.52 -0.80 -14.25
N ILE B 697 -10.98 0.00 -13.30
CA ILE B 697 -10.37 1.29 -12.98
C ILE B 697 -10.17 1.38 -11.48
N HIS B 698 -8.98 1.85 -11.08
CA HIS B 698 -8.67 1.98 -9.66
C HIS B 698 -7.65 3.10 -9.47
N GLY B 699 -7.61 3.64 -8.26
CA GLY B 699 -6.68 4.70 -7.90
C GLY B 699 -5.54 4.16 -7.06
N THR B 700 -4.34 4.69 -7.28
CA THR B 700 -3.15 4.13 -6.65
C THR B 700 -3.10 4.44 -5.16
N ALA B 701 -3.39 5.67 -4.77
CA ALA B 701 -3.27 6.12 -3.39
C ALA B 701 -4.60 6.04 -2.63
N ASP B 702 -5.44 5.06 -2.96
CA ASP B 702 -6.72 4.92 -2.29
C ASP B 702 -6.52 4.37 -0.88
N ASP B 703 -7.06 5.07 0.10
CA ASP B 703 -6.95 4.66 1.50
C ASP B 703 -8.19 3.93 2.01
N ASN B 704 -9.31 4.00 1.30
CA ASN B 704 -10.54 3.36 1.72
C ASN B 704 -10.63 1.93 1.20
N VAL B 705 -10.60 1.77 -0.12
CA VAL B 705 -10.51 0.47 -0.78
C VAL B 705 -9.15 0.41 -1.44
N HIS B 706 -8.24 -0.36 -0.87
CA HIS B 706 -6.84 -0.30 -1.28
C HIS B 706 -6.66 -0.85 -2.70
N PHE B 707 -5.53 -0.48 -3.31
CA PHE B 707 -5.18 -0.97 -4.63
C PHE B 707 -4.94 -2.47 -4.66
N GLN B 708 -4.80 -3.10 -3.49
CA GLN B 708 -4.59 -4.54 -3.42
C GLN B 708 -5.76 -5.30 -4.02
N GLN B 709 -6.99 -4.82 -3.78
CA GLN B 709 -8.17 -5.55 -4.21
C GLN B 709 -8.26 -5.65 -5.72
N SER B 710 -7.96 -4.57 -6.44
CA SER B 710 -8.00 -4.61 -7.89
C SER B 710 -6.81 -5.37 -8.46
N ALA B 711 -5.70 -5.39 -7.72
CA ALA B 711 -4.52 -6.11 -8.17
C ALA B 711 -4.77 -7.62 -8.19
N GLN B 712 -5.56 -8.12 -7.25
CA GLN B 712 -5.83 -9.56 -7.19
C GLN B 712 -6.79 -10.00 -8.29
N ILE B 713 -7.71 -9.12 -8.71
CA ILE B 713 -8.61 -9.46 -9.81
C ILE B 713 -7.82 -9.64 -11.10
N SER B 714 -6.87 -8.74 -11.36
CA SER B 714 -6.10 -8.80 -12.58
C SER B 714 -5.28 -10.09 -12.65
N LYS B 715 -4.69 -10.50 -11.53
CA LYS B 715 -3.87 -11.71 -11.52
C LYS B 715 -4.71 -12.95 -11.82
N ALA B 716 -5.92 -13.01 -11.25
CA ALA B 716 -6.78 -14.17 -11.48
C ALA B 716 -7.21 -14.27 -12.93
N LEU B 717 -7.57 -13.14 -13.55
CA LEU B 717 -8.02 -13.16 -14.93
C LEU B 717 -6.88 -13.54 -15.88
N VAL B 718 -5.67 -13.09 -15.58
CA VAL B 718 -4.52 -13.44 -16.41
C VAL B 718 -4.22 -14.94 -16.32
N ASP B 719 -4.43 -15.53 -15.14
CA ASP B 719 -4.12 -16.94 -14.96
C ASP B 719 -4.99 -17.83 -15.83
N VAL B 720 -6.27 -17.49 -15.98
CA VAL B 720 -7.18 -18.32 -16.77
C VAL B 720 -7.15 -17.95 -18.26
N GLY B 721 -6.62 -16.80 -18.62
CA GLY B 721 -6.52 -16.43 -20.02
C GLY B 721 -7.68 -15.64 -20.55
N VAL B 722 -8.03 -14.53 -19.90
CA VAL B 722 -9.14 -13.69 -20.28
C VAL B 722 -8.61 -12.32 -20.69
N ASP B 723 -9.17 -11.78 -21.77
CA ASP B 723 -8.77 -10.48 -22.29
C ASP B 723 -9.69 -9.39 -21.75
N PHE B 724 -9.11 -8.30 -21.27
CA PHE B 724 -9.87 -7.22 -20.66
C PHE B 724 -9.07 -5.93 -20.80
N GLN B 725 -9.57 -4.85 -20.19
CA GLN B 725 -8.95 -3.55 -20.23
C GLN B 725 -8.76 -3.02 -18.82
N ALA B 726 -7.79 -2.13 -18.65
CA ALA B 726 -7.47 -1.61 -17.34
C ALA B 726 -7.01 -0.16 -17.45
N MET B 727 -7.06 0.55 -16.32
CA MET B 727 -6.63 1.94 -16.24
C MET B 727 -6.35 2.27 -14.78
N TRP B 728 -5.18 2.83 -14.52
CA TRP B 728 -4.80 3.26 -13.18
C TRP B 728 -4.59 4.78 -13.18
N TYR B 729 -4.88 5.39 -12.03
CA TYR B 729 -4.72 6.82 -11.85
C TYR B 729 -3.74 7.07 -10.70
N THR B 730 -2.71 7.87 -10.97
CA THR B 730 -1.61 8.06 -10.03
C THR B 730 -1.98 9.10 -8.98
N ASP B 731 -1.70 8.78 -7.72
CA ASP B 731 -1.90 9.71 -6.59
C ASP B 731 -3.35 10.20 -6.51
N GLU B 732 -4.30 9.29 -6.75
CA GLU B 732 -5.71 9.60 -6.67
C GLU B 732 -6.33 8.79 -5.54
N ASP B 733 -7.27 9.41 -4.84
CA ASP B 733 -7.93 8.81 -3.68
C ASP B 733 -9.17 8.06 -4.14
N HIS B 734 -10.03 7.71 -3.18
CA HIS B 734 -11.23 6.95 -3.49
C HIS B 734 -12.14 7.71 -4.44
N GLY B 735 -12.32 9.01 -4.22
CA GLY B 735 -13.29 9.76 -4.99
C GLY B 735 -12.81 10.19 -6.37
N ILE B 736 -11.50 10.29 -6.57
CA ILE B 736 -10.92 10.81 -7.80
C ILE B 736 -11.55 12.16 -8.10
N ALA B 737 -11.29 13.15 -7.24
CA ALA B 737 -12.00 14.41 -7.26
C ALA B 737 -11.20 15.56 -7.85
N SER B 738 -9.95 15.34 -8.23
CA SER B 738 -9.17 16.40 -8.87
C SER B 738 -9.79 16.75 -10.21
N SER B 739 -9.68 18.03 -10.59
CA SER B 739 -10.36 18.52 -11.78
C SER B 739 -9.85 17.81 -13.03
N THR B 740 -8.54 17.60 -13.14
CA THR B 740 -7.98 16.97 -14.32
C THR B 740 -8.40 15.51 -14.41
N ALA B 741 -8.39 14.79 -13.29
CA ALA B 741 -8.73 13.37 -13.32
C ALA B 741 -10.23 13.16 -13.46
N HIS B 742 -11.03 14.11 -12.97
CA HIS B 742 -12.47 13.99 -13.10
C HIS B 742 -12.90 14.01 -14.57
N GLN B 743 -12.29 14.89 -15.36
CA GLN B 743 -12.67 14.99 -16.76
C GLN B 743 -12.14 13.81 -17.57
N HIS B 744 -11.01 13.25 -17.15
CA HIS B 744 -10.40 12.16 -17.91
C HIS B 744 -11.19 10.87 -17.77
N ILE B 745 -11.63 10.56 -16.55
CA ILE B 745 -12.28 9.28 -16.29
C ILE B 745 -13.64 9.20 -16.99
N TYR B 746 -14.36 10.32 -17.07
CA TYR B 746 -15.68 10.29 -17.69
C TYR B 746 -15.59 10.35 -19.21
N THR B 747 -14.47 10.86 -19.75
CA THR B 747 -14.26 10.77 -21.19
C THR B 747 -13.87 9.36 -21.61
N HIS B 748 -13.09 8.67 -20.78
CA HIS B 748 -12.68 7.31 -21.09
C HIS B 748 -13.86 6.34 -21.07
N MET B 749 -14.75 6.48 -20.08
CA MET B 749 -15.88 5.57 -20.00
C MET B 749 -16.87 5.80 -21.13
N SER B 750 -16.96 7.04 -21.63
CA SER B 750 -17.90 7.33 -22.72
C SER B 750 -17.50 6.60 -23.99
N HIS B 751 -16.20 6.52 -24.28
CA HIS B 751 -15.74 5.80 -25.46
C HIS B 751 -16.05 4.31 -25.35
N PHE B 752 -15.90 3.74 -24.15
CA PHE B 752 -16.15 2.31 -23.96
C PHE B 752 -17.61 1.97 -24.22
N ILE B 753 -18.53 2.81 -23.73
CA ILE B 753 -19.96 2.54 -23.92
C ILE B 753 -20.33 2.66 -25.38
N LYS B 754 -19.83 3.70 -26.07
CA LYS B 754 -20.17 3.91 -27.47
C LYS B 754 -19.65 2.78 -28.35
N GLN B 755 -18.44 2.29 -28.08
CA GLN B 755 -17.90 1.18 -28.85
C GLN B 755 -18.70 -0.10 -28.61
N CYS B 756 -19.13 -0.33 -27.36
CA CYS B 756 -19.89 -1.54 -27.05
C CYS B 756 -21.23 -1.56 -27.77
N PHE B 757 -21.87 -0.41 -27.89
CA PHE B 757 -23.17 -0.31 -28.55
C PHE B 757 -23.02 0.01 -30.04
N LYS C 19 4.02 -13.43 76.82
CA LYS C 19 3.90 -11.99 76.64
C LYS C 19 4.97 -11.45 75.70
N GLU C 20 5.35 -10.20 75.92
CA GLU C 20 6.38 -9.53 75.12
C GLU C 20 6.04 -9.59 73.63
N CYS C 21 4.78 -9.28 73.31
CA CYS C 21 4.34 -9.26 71.93
C CYS C 21 5.02 -8.13 71.17
N ASP C 22 5.44 -8.42 69.94
CA ASP C 22 6.26 -7.51 69.15
C ASP C 22 5.41 -6.79 68.12
N PHE C 23 5.62 -5.47 68.02
CA PHE C 23 5.05 -4.65 66.95
C PHE C 23 6.03 -4.44 65.81
N THR C 24 7.13 -5.18 65.79
CA THR C 24 8.14 -5.00 64.74
C THR C 24 7.62 -5.23 63.32
N PRO C 25 6.79 -6.24 63.01
CA PRO C 25 6.34 -6.39 61.62
C PRO C 25 5.56 -5.21 61.10
N MET C 26 4.96 -4.41 61.98
CA MET C 26 4.25 -3.21 61.53
C MET C 26 5.21 -2.21 60.89
N LEU C 27 6.44 -2.16 61.37
CA LEU C 27 7.44 -1.21 60.89
C LEU C 27 8.56 -1.86 60.10
N VAL C 28 8.38 -3.11 59.66
CA VAL C 28 9.39 -3.85 58.93
C VAL C 28 8.83 -4.23 57.57
N GLY C 29 9.58 -3.89 56.51
CA GLY C 29 9.22 -4.29 55.16
C GLY C 29 8.34 -3.27 54.45
N VAL C 30 8.03 -3.61 53.20
CA VAL C 30 7.18 -2.74 52.37
C VAL C 30 5.74 -2.82 52.87
N PRO C 31 5.04 -1.70 53.05
CA PRO C 31 3.66 -1.77 53.52
C PRO C 31 2.75 -2.30 52.43
N PRO C 32 1.64 -2.92 52.80
CA PRO C 32 0.69 -3.44 51.81
C PRO C 32 -0.32 -2.36 51.39
N GLN C 33 -1.18 -2.74 50.46
CA GLN C 33 -2.19 -1.84 49.94
C GLN C 33 -3.39 -1.77 50.88
N VAL C 34 -4.39 -0.96 50.51
CA VAL C 34 -5.54 -0.75 51.38
C VAL C 34 -6.41 -2.00 51.45
N TYR C 35 -6.68 -2.62 50.30
CA TYR C 35 -7.57 -3.76 50.29
C TYR C 35 -6.89 -5.04 50.80
N ASN C 36 -5.58 -5.15 50.64
CA ASN C 36 -4.83 -6.27 51.19
C ASN C 36 -4.21 -5.90 52.54
N PHE C 37 -5.07 -5.70 53.53
CA PHE C 37 -4.59 -5.36 54.86
C PHE C 37 -4.25 -6.61 55.65
N LYS C 38 -3.16 -6.53 56.41
CA LYS C 38 -2.67 -7.62 57.23
C LYS C 38 -3.14 -7.42 58.67
N ARG C 39 -3.58 -8.49 59.31
CA ARG C 39 -4.16 -8.44 60.65
C ARG C 39 -3.22 -9.10 61.65
N LEU C 40 -2.97 -8.40 62.76
CA LEU C 40 -2.18 -8.91 63.86
C LEU C 40 -3.05 -8.97 65.11
N VAL C 41 -3.07 -10.15 65.75
CA VAL C 41 -3.86 -10.36 66.96
C VAL C 41 -2.90 -10.54 68.13
N PHE C 42 -3.21 -9.88 69.24
CA PHE C 42 -2.39 -9.93 70.45
C PHE C 42 -3.21 -10.54 71.58
N THR C 43 -2.63 -11.51 72.27
CA THR C 43 -3.31 -12.19 73.37
C THR C 43 -2.30 -12.51 74.47
N ASN C 44 -2.61 -12.12 75.70
CA ASN C 44 -1.78 -12.37 76.87
C ASN C 44 -0.37 -11.83 76.66
N CYS C 45 -0.29 -10.51 76.49
CA CYS C 45 0.99 -9.84 76.24
C CYS C 45 0.91 -8.42 76.78
N ASN C 46 2.07 -7.81 76.90
CA ASN C 46 2.20 -6.43 77.35
C ASN C 46 2.50 -5.54 76.15
N TYR C 47 1.79 -4.41 76.06
CA TYR C 47 1.91 -3.51 74.93
C TYR C 47 2.37 -2.14 75.39
N ASN C 48 3.00 -1.42 74.46
CA ASN C 48 3.45 -0.04 74.69
C ASN C 48 2.95 0.78 73.50
N LEU C 49 1.72 1.29 73.61
CA LEU C 49 1.15 2.08 72.53
C LEU C 49 1.74 3.48 72.44
N THR C 50 2.28 3.99 73.56
CA THR C 50 2.83 5.35 73.56
C THR C 50 4.01 5.47 72.60
N LYS C 51 4.91 4.49 72.60
CA LYS C 51 6.08 4.58 71.73
C LYS C 51 5.68 4.49 70.26
N LEU C 52 4.70 3.64 69.94
CA LEU C 52 4.26 3.53 68.54
C LEU C 52 3.62 4.83 68.08
N LEU C 53 2.76 5.43 68.91
CA LEU C 53 2.14 6.70 68.54
C LEU C 53 3.16 7.82 68.46
N SER C 54 4.13 7.85 69.38
CA SER C 54 5.14 8.91 69.34
C SER C 54 6.11 8.71 68.18
N LEU C 55 6.28 7.47 67.72
CA LEU C 55 7.21 7.22 66.62
C LEU C 55 6.72 7.82 65.32
N PHE C 56 5.41 7.80 65.09
CA PHE C 56 4.80 8.32 63.87
C PHE C 56 4.18 9.68 64.13
N MET C 57 4.27 10.57 63.14
CA MET C 57 3.71 11.90 63.26
C MET C 57 2.20 11.79 63.02
N VAL C 58 1.43 11.85 64.10
CA VAL C 58 0.00 11.57 64.04
C VAL C 58 -0.71 12.79 63.46
N ASN C 59 -1.23 12.64 62.24
CA ASN C 59 -2.07 13.68 61.65
C ASN C 59 -3.47 13.68 62.26
N GLU C 60 -4.01 12.50 62.56
CA GLU C 60 -5.33 12.38 63.15
C GLU C 60 -5.38 11.17 64.06
N PHE C 61 -5.96 11.36 65.24
CA PHE C 61 -6.15 10.28 66.21
C PHE C 61 -7.57 10.39 66.76
N SER C 62 -8.40 9.39 66.47
CA SER C 62 -9.78 9.36 66.94
C SER C 62 -10.08 8.00 67.53
N CYS C 63 -10.89 7.99 68.59
CA CYS C 63 -11.30 6.77 69.25
C CYS C 63 -12.80 6.79 69.47
N ASN C 64 -13.46 5.67 69.18
CA ASN C 64 -14.90 5.52 69.34
C ASN C 64 -15.19 4.42 70.34
N GLY C 65 -15.99 4.74 71.36
CA GLY C 65 -16.36 3.78 72.38
C GLY C 65 -15.37 3.61 73.50
N ILE C 66 -14.21 4.28 73.44
CA ILE C 66 -13.20 4.17 74.48
C ILE C 66 -12.35 5.43 74.44
N SER C 67 -11.88 5.85 75.61
CA SER C 67 -11.03 7.03 75.69
C SER C 67 -9.62 6.71 75.19
N PRO C 68 -8.96 7.67 74.52
CA PRO C 68 -7.60 7.40 74.04
C PRO C 68 -6.62 7.04 75.14
N ASP C 69 -6.75 7.67 76.31
CA ASP C 69 -5.88 7.31 77.43
C ASP C 69 -6.29 6.00 78.07
N ALA C 70 -7.60 5.72 78.10
CA ALA C 70 -8.07 4.46 78.69
C ALA C 70 -7.58 3.27 77.90
N ILE C 71 -7.64 3.33 76.57
CA ILE C 71 -7.14 2.23 75.74
C ILE C 71 -5.63 2.12 75.83
N ALA C 72 -4.93 3.21 76.15
CA ALA C 72 -3.48 3.15 76.28
C ALA C 72 -3.05 2.50 77.58
N ARG C 73 -3.83 2.68 78.64
CA ARG C 73 -3.51 2.15 79.97
C ARG C 73 -4.68 1.33 80.51
N GLY C 74 -5.22 0.45 79.68
CA GLY C 74 -6.33 -0.39 80.09
C GLY C 74 -6.10 -1.83 79.71
N CYS C 75 -6.37 -2.73 80.65
CA CYS C 75 -6.22 -4.16 80.39
C CYS C 75 -7.35 -4.65 79.49
N TYR C 76 -7.01 -5.56 78.57
CA TYR C 76 -7.97 -6.08 77.61
C TYR C 76 -7.76 -7.57 77.46
N SER C 77 -8.72 -8.23 76.79
CA SER C 77 -8.63 -9.67 76.54
C SER C 77 -7.91 -9.96 75.22
N SER C 78 -8.45 -9.45 74.12
CA SER C 78 -7.85 -9.61 72.80
C SER C 78 -7.69 -8.25 72.16
N LEU C 79 -6.49 -7.98 71.65
CA LEU C 79 -6.18 -6.72 70.97
C LEU C 79 -5.79 -7.04 69.54
N THR C 80 -6.56 -6.53 68.59
CA THR C 80 -6.36 -6.80 67.17
C THR C 80 -6.09 -5.50 66.43
N VAL C 81 -5.05 -5.49 65.61
CA VAL C 81 -4.64 -4.32 64.84
C VAL C 81 -4.54 -4.72 63.37
N ASP C 82 -5.18 -3.96 62.50
CA ASP C 82 -5.08 -4.14 61.06
C ASP C 82 -4.53 -2.87 60.43
N TYR C 83 -3.53 -3.01 59.57
CA TYR C 83 -2.82 -1.87 59.01
C TYR C 83 -2.78 -1.95 57.49
N PHE C 84 -2.64 -0.77 56.88
CA PHE C 84 -2.59 -0.65 55.42
C PHE C 84 -2.01 0.72 55.08
N ALA C 85 -1.62 0.89 53.82
CA ALA C 85 -1.10 2.15 53.32
C ALA C 85 -2.24 2.96 52.71
N TYR C 86 -2.37 4.22 53.12
CA TYR C 86 -3.47 5.05 52.70
C TYR C 86 -2.99 6.49 52.49
N PRO C 87 -3.35 7.12 51.38
CA PRO C 87 -2.92 8.50 51.14
C PRO C 87 -3.58 9.48 52.10
N LEU C 88 -2.88 10.59 52.35
CA LEU C 88 -3.38 11.59 53.27
C LEU C 88 -4.49 12.44 52.67
N SER C 89 -4.48 12.63 51.34
CA SER C 89 -5.46 13.50 50.70
C SER C 89 -6.87 12.95 50.85
N MET C 90 -7.02 11.63 50.73
CA MET C 90 -8.34 10.99 50.75
C MET C 90 -8.83 10.73 52.17
N ARG C 91 -8.76 11.76 53.02
CA ARG C 91 -9.10 11.58 54.43
C ARG C 91 -10.59 11.42 54.64
N SER C 92 -11.40 12.15 53.87
CA SER C 92 -12.84 12.19 54.12
C SER C 92 -13.54 10.87 53.81
N TYR C 93 -12.90 9.98 53.03
CA TYR C 93 -13.58 8.76 52.63
C TYR C 93 -13.62 7.72 53.74
N ILE C 94 -12.58 7.64 54.57
CA ILE C 94 -12.56 6.72 55.70
C ILE C 94 -13.19 7.47 56.88
N GLN C 95 -14.51 7.42 56.94
CA GLN C 95 -15.29 8.01 58.01
C GLN C 95 -16.41 7.06 58.36
N PRO C 96 -16.98 7.18 59.57
CA PRO C 96 -18.10 6.27 59.93
C PRO C 96 -19.24 6.31 58.94
N GLY C 97 -19.54 7.48 58.37
CA GLY C 97 -20.55 7.57 57.34
C GLY C 97 -20.00 8.10 56.03
N SER C 98 -19.95 7.24 55.01
CA SER C 98 -19.42 7.63 53.71
C SER C 98 -19.99 6.71 52.65
N ALA C 99 -19.92 7.17 51.40
CA ALA C 99 -20.42 6.40 50.27
C ALA C 99 -19.39 6.28 49.15
N GLY C 100 -18.10 6.45 49.47
CA GLY C 100 -17.07 6.37 48.46
C GLY C 100 -16.73 4.94 48.07
N ASP C 101 -15.83 4.82 47.10
CA ASP C 101 -15.42 3.51 46.61
C ASP C 101 -14.60 2.73 47.64
N ILE C 102 -13.97 3.42 48.59
CA ILE C 102 -13.16 2.73 49.59
C ILE C 102 -14.04 1.83 50.46
N SER C 103 -15.16 2.37 50.93
CA SER C 103 -16.03 1.61 51.83
C SER C 103 -16.84 0.56 51.09
N LEU C 104 -17.24 0.82 49.85
CA LEU C 104 -18.12 -0.10 49.14
C LEU C 104 -17.40 -1.40 48.75
N TYR C 105 -16.17 -1.29 48.26
CA TYR C 105 -15.46 -2.46 47.76
C TYR C 105 -14.18 -2.76 48.52
N ASN C 106 -13.35 -1.75 48.80
CA ASN C 106 -12.01 -2.02 49.29
C ASN C 106 -12.02 -2.41 50.76
N TYR C 107 -12.47 -1.53 51.64
CA TYR C 107 -12.40 -1.78 53.08
C TYR C 107 -13.51 -1.03 53.78
N LYS C 108 -14.27 -1.73 54.62
CA LYS C 108 -15.34 -1.14 55.41
C LYS C 108 -15.04 -1.37 56.89
N GLN C 109 -15.07 -0.30 57.66
CA GLN C 109 -14.78 -0.39 59.09
C GLN C 109 -15.91 -1.11 59.82
N SER C 110 -15.57 -1.74 60.93
CA SER C 110 -16.51 -2.48 61.75
C SER C 110 -16.68 -1.78 63.10
N PHE C 111 -17.93 -1.65 63.55
CA PHE C 111 -18.25 -0.99 64.80
C PHE C 111 -18.81 -1.96 65.84
N ALA C 112 -18.47 -3.25 65.72
CA ALA C 112 -18.93 -4.23 66.69
C ALA C 112 -18.35 -3.96 68.07
N ASN C 113 -17.07 -3.58 68.12
CA ASN C 113 -16.37 -3.31 69.37
C ASN C 113 -15.68 -1.96 69.26
N PRO C 114 -15.41 -1.31 70.39
CA PRO C 114 -14.73 0.00 70.34
C PRO C 114 -13.38 -0.11 69.66
N THR C 115 -13.04 0.93 68.90
CA THR C 115 -11.82 0.92 68.11
C THR C 115 -11.31 2.34 67.94
N CYS C 116 -10.04 2.45 67.57
CA CYS C 116 -9.39 3.73 67.33
C CYS C 116 -8.79 3.75 65.92
N ARG C 117 -8.94 4.87 65.24
CA ARG C 117 -8.40 5.06 63.90
C ARG C 117 -7.29 6.09 63.95
N VAL C 118 -6.11 5.71 63.44
CA VAL C 118 -4.91 6.56 63.49
C VAL C 118 -4.43 6.76 62.08
N LEU C 119 -4.23 8.02 61.69
CA LEU C 119 -3.71 8.39 60.38
C LEU C 119 -2.44 9.21 60.58
N ALA C 120 -1.30 8.64 60.22
CA ALA C 120 -0.01 9.25 60.48
C ALA C 120 0.90 9.07 59.26
N THR C 121 2.08 9.68 59.34
CA THR C 121 3.07 9.62 58.28
C THR C 121 4.38 9.11 58.85
N ALA C 122 5.06 8.25 58.10
CA ALA C 122 6.37 7.75 58.51
C ALA C 122 7.40 8.87 58.42
N PRO C 123 8.26 9.04 59.43
CA PRO C 123 9.28 10.10 59.36
C PRO C 123 10.40 9.78 58.40
N ALA C 124 10.31 8.65 57.70
CA ALA C 124 11.24 8.18 56.68
C ALA C 124 12.60 7.79 57.24
N ASN C 125 12.80 7.88 58.55
CA ASN C 125 14.05 7.45 59.16
C ASN C 125 14.03 5.99 59.58
N LEU C 126 12.91 5.30 59.39
CA LEU C 126 12.76 3.93 59.86
C LEU C 126 13.02 2.95 58.71
N THR C 127 12.80 1.66 59.00
CA THR C 127 13.04 0.60 58.03
C THR C 127 11.78 0.32 57.21
N LEU C 128 11.34 1.33 56.48
CA LEU C 128 10.17 1.24 55.61
C LEU C 128 10.58 1.52 54.18
N THR C 129 10.11 0.66 53.26
CA THR C 129 10.37 0.80 51.84
C THR C 129 9.13 1.34 51.15
N LYS C 130 9.26 2.49 50.49
CA LYS C 130 8.10 3.12 49.86
C LYS C 130 7.67 2.30 48.65
N PRO C 131 6.40 1.90 48.56
CA PRO C 131 5.95 1.15 47.38
C PRO C 131 5.87 2.01 46.15
N SER C 132 5.52 1.42 45.01
CA SER C 132 5.49 2.16 43.75
C SER C 132 4.44 3.26 43.80
N ALA C 133 3.20 2.92 44.16
CA ALA C 133 2.12 3.89 44.21
C ALA C 133 0.97 3.31 45.00
N TYR C 134 0.05 4.18 45.42
CA TYR C 134 -1.17 3.74 46.05
C TYR C 134 -2.14 3.18 45.02
N GLY C 135 -3.16 2.48 45.50
CA GLY C 135 -4.16 1.93 44.62
C GLY C 135 -5.39 1.48 45.35
N TYR C 136 -6.51 1.41 44.62
CA TYR C 136 -7.76 0.90 45.15
C TYR C 136 -8.66 0.52 43.99
N PHE C 137 -9.77 -0.14 44.32
CA PHE C 137 -10.67 -0.69 43.32
C PHE C 137 -11.85 0.24 43.10
N GLN C 138 -12.05 0.67 41.84
CA GLN C 138 -13.18 1.52 41.52
C GLN C 138 -14.49 0.73 41.48
N LYS C 139 -14.46 -0.47 40.90
CA LYS C 139 -15.67 -1.24 40.68
C LYS C 139 -15.36 -2.73 40.79
N CYS C 140 -16.37 -3.50 41.20
CA CYS C 140 -16.25 -4.94 41.32
C CYS C 140 -17.67 -5.51 41.29
N SER C 141 -17.98 -6.29 40.25
CA SER C 141 -19.34 -6.75 40.02
C SER C 141 -19.33 -8.12 39.34
N ARG C 142 -20.51 -8.70 39.21
CA ARG C 142 -20.70 -10.01 38.63
C ARG C 142 -21.72 -9.94 37.50
N VAL C 143 -21.46 -10.67 36.42
CA VAL C 143 -22.26 -10.63 35.21
C VAL C 143 -22.80 -12.01 34.92
N SER C 144 -24.10 -12.10 34.65
CA SER C 144 -24.75 -13.35 34.28
C SER C 144 -26.03 -13.03 33.55
N GLY C 145 -26.79 -14.07 33.23
CA GLY C 145 -28.10 -13.91 32.62
C GLY C 145 -28.20 -14.61 31.29
N GLU C 146 -29.25 -14.27 30.55
CA GLU C 146 -29.49 -14.89 29.25
C GLU C 146 -28.45 -14.44 28.23
N HIS C 147 -28.21 -13.13 28.14
CA HIS C 147 -27.22 -12.57 27.24
C HIS C 147 -26.17 -11.75 27.99
N ASN C 148 -25.87 -12.16 29.22
CA ASN C 148 -24.95 -11.44 30.10
C ASN C 148 -25.43 -10.01 30.32
N SER C 149 -26.60 -9.88 30.97
CA SER C 149 -27.24 -8.59 31.15
C SER C 149 -27.79 -8.36 32.56
N VAL C 150 -27.53 -9.23 33.53
CA VAL C 150 -28.09 -9.04 34.87
C VAL C 150 -27.30 -7.98 35.63
N GLU C 151 -25.98 -8.15 35.73
CA GLU C 151 -25.08 -7.14 36.30
C GLU C 151 -25.42 -6.82 37.75
N THR C 152 -25.17 -7.80 38.61
CA THR C 152 -25.34 -7.61 40.06
C THR C 152 -24.05 -7.11 40.68
N PRO C 153 -24.05 -5.93 41.31
CA PRO C 153 -22.84 -5.47 42.01
C PRO C 153 -22.60 -6.27 43.28
N LEU C 154 -21.34 -6.27 43.72
CA LEU C 154 -20.92 -6.94 44.93
C LEU C 154 -20.39 -5.91 45.92
N TYR C 155 -20.84 -6.00 47.17
CA TYR C 155 -20.43 -5.08 48.22
C TYR C 155 -19.80 -5.87 49.36
N ILE C 156 -18.67 -5.39 49.87
CA ILE C 156 -17.93 -6.10 50.90
C ILE C 156 -18.58 -5.86 52.26
N ASN C 157 -18.69 -6.93 53.05
CA ASN C 157 -19.18 -6.83 54.42
C ASN C 157 -18.10 -6.25 55.32
N PRO C 158 -18.50 -5.58 56.41
CA PRO C 158 -17.49 -4.99 57.31
C PRO C 158 -16.57 -6.04 57.90
N GLY C 159 -15.30 -5.69 58.03
CA GLY C 159 -14.31 -6.60 58.57
C GLY C 159 -14.12 -7.86 57.76
N GLU C 160 -14.12 -7.75 56.44
CA GLU C 160 -14.01 -8.91 55.56
C GLU C 160 -13.04 -8.58 54.44
N TYR C 161 -12.99 -9.46 53.45
CA TYR C 161 -12.11 -9.31 52.29
C TYR C 161 -12.94 -9.20 51.03
N SER C 162 -12.37 -8.52 50.02
CA SER C 162 -13.04 -8.36 48.74
C SER C 162 -12.68 -9.51 47.80
N ILE C 163 -13.68 -9.93 47.01
CA ILE C 163 -13.45 -11.04 46.08
C ILE C 163 -12.49 -10.62 44.97
N CYS C 164 -12.48 -9.34 44.60
CA CYS C 164 -11.61 -8.83 43.55
C CYS C 164 -10.14 -8.80 43.96
N ARG C 165 -9.80 -9.05 45.22
CA ARG C 165 -8.43 -8.89 45.68
C ARG C 165 -7.49 -9.97 45.19
N SER C 166 -8.00 -11.09 44.67
CA SER C 166 -7.12 -12.18 44.24
C SER C 166 -6.17 -11.74 43.14
N PHE C 167 -6.67 -10.98 42.17
CA PHE C 167 -5.84 -10.37 41.15
C PHE C 167 -5.33 -9.00 41.59
N SER C 168 -4.16 -8.65 41.08
CA SER C 168 -3.44 -7.43 41.48
C SER C 168 -3.21 -7.36 42.99
N PRO C 169 -2.47 -8.32 43.56
CA PRO C 169 -2.25 -8.29 45.02
C PRO C 169 -1.39 -7.13 45.48
N TYR C 170 -0.46 -6.64 44.65
CA TYR C 170 0.54 -5.68 45.08
C TYR C 170 0.26 -4.26 44.57
N GLY C 171 -0.22 -4.12 43.35
CA GLY C 171 -0.48 -2.79 42.83
C GLY C 171 -0.87 -2.86 41.36
N PHE C 172 -1.09 -1.69 40.78
CA PHE C 172 -1.47 -1.54 39.39
C PHE C 172 -0.37 -0.87 38.61
N SER C 173 -0.11 -1.38 37.40
CA SER C 173 0.90 -0.77 36.54
C SER C 173 0.45 0.60 36.05
N GLU C 174 -0.83 0.75 35.73
CA GLU C 174 -1.36 2.00 35.23
C GLU C 174 -2.82 2.13 35.64
N ASP C 175 -3.30 3.37 35.67
CA ASP C 175 -4.68 3.63 36.06
C ASP C 175 -5.64 3.10 35.01
N GLY C 176 -6.79 2.61 35.46
CA GLY C 176 -7.82 2.15 34.57
C GLY C 176 -7.68 0.73 34.07
N GLU C 177 -6.96 -0.13 34.79
CA GLU C 177 -6.81 -1.51 34.39
C GLU C 177 -8.12 -2.27 34.58
N VAL C 178 -8.38 -3.21 33.66
CA VAL C 178 -9.61 -3.99 33.64
C VAL C 178 -9.23 -5.47 33.71
N PHE C 179 -9.91 -6.21 34.57
CA PHE C 179 -9.61 -7.61 34.82
C PHE C 179 -10.88 -8.46 34.74
N ARG C 180 -10.73 -9.68 34.23
CA ARG C 180 -11.83 -10.62 34.07
C ARG C 180 -11.43 -11.98 34.59
N ARG C 181 -12.41 -12.73 35.12
CA ARG C 181 -12.15 -14.04 35.67
C ARG C 181 -13.47 -14.82 35.68
N GLN C 182 -13.37 -16.14 35.51
CA GLN C 182 -14.53 -17.01 35.45
C GLN C 182 -14.79 -17.64 36.81
N LEU C 183 -16.03 -17.51 37.28
CA LEU C 183 -16.43 -17.98 38.60
C LEU C 183 -16.88 -19.43 38.54
N THR C 184 -16.67 -20.14 39.64
CA THR C 184 -17.04 -21.55 39.75
C THR C 184 -18.44 -21.69 40.34
N GLN C 185 -18.91 -22.94 40.43
CA GLN C 185 -20.25 -23.21 40.94
C GLN C 185 -20.37 -22.82 42.41
N TYR C 186 -19.35 -23.17 43.22
CA TYR C 186 -19.41 -22.86 44.64
C TYR C 186 -19.40 -21.37 44.89
N GLU C 187 -18.62 -20.62 44.12
CA GLU C 187 -18.56 -19.16 44.29
C GLU C 187 -19.90 -18.51 43.95
N GLY C 188 -20.59 -19.01 42.93
CA GLY C 188 -21.88 -18.46 42.57
C GLY C 188 -22.17 -18.46 41.08
N GLY C 189 -21.12 -18.57 40.26
CA GLY C 189 -21.28 -18.59 38.83
C GLY C 189 -21.23 -17.20 38.21
N GLY C 190 -21.03 -17.20 36.89
CA GLY C 190 -20.93 -15.95 36.16
C GLY C 190 -19.49 -15.55 35.88
N ILE C 191 -19.35 -14.30 35.45
CA ILE C 191 -18.05 -13.71 35.14
C ILE C 191 -17.85 -12.50 36.06
N LEU C 192 -16.68 -12.45 36.70
CA LEU C 192 -16.34 -11.35 37.59
C LEU C 192 -15.50 -10.32 36.85
N VAL C 193 -15.83 -9.04 37.03
CA VAL C 193 -15.14 -7.94 36.37
C VAL C 193 -14.82 -6.87 37.40
N GLY C 194 -13.65 -6.26 37.28
CA GLY C 194 -13.24 -5.22 38.21
C GLY C 194 -12.28 -4.24 37.55
N VAL C 195 -12.32 -3.01 38.05
CA VAL C 195 -11.48 -1.92 37.54
C VAL C 195 -10.78 -1.26 38.73
N GLY C 196 -9.52 -0.87 38.54
CA GLY C 196 -8.73 -0.27 39.59
C GLY C 196 -8.25 1.13 39.23
N ALA C 197 -7.76 1.84 40.24
CA ALA C 197 -7.27 3.21 40.11
C ALA C 197 -5.88 3.32 40.69
N LYS C 198 -5.23 4.46 40.42
CA LYS C 198 -3.86 4.67 40.82
C LYS C 198 -3.64 6.15 41.15
N LEU C 199 -2.88 6.42 42.21
CA LEU C 199 -2.52 7.77 42.60
C LEU C 199 -1.01 7.85 42.79
N ALA C 200 -0.47 9.04 42.52
CA ALA C 200 0.97 9.23 42.61
C ALA C 200 1.43 9.23 44.06
N MET C 201 2.70 8.90 44.26
CA MET C 201 3.27 8.82 45.60
C MET C 201 3.65 10.20 46.11
N THR C 202 3.43 10.42 47.40
CA THR C 202 3.78 11.68 48.03
C THR C 202 5.26 11.70 48.40
N ASP C 203 5.69 12.78 49.05
CA ASP C 203 7.09 12.92 49.45
C ASP C 203 7.47 11.89 50.50
N LYS C 204 6.58 11.64 51.47
CA LYS C 204 6.86 10.73 52.57
C LYS C 204 5.76 9.68 52.67
N LEU C 205 6.09 8.56 53.28
CA LEU C 205 5.13 7.46 53.42
C LEU C 205 4.00 7.87 54.35
N GLU C 206 2.78 7.46 53.99
CA GLU C 206 1.59 7.72 54.79
C GLU C 206 0.89 6.40 55.06
N MET C 207 0.50 6.17 56.30
CA MET C 207 -0.04 4.89 56.74
C MET C 207 -1.33 5.11 57.52
N GLY C 208 -2.12 4.06 57.60
CA GLY C 208 -3.34 4.08 58.38
C GLY C 208 -3.45 2.86 59.26
N PHE C 209 -3.80 3.08 60.52
CA PHE C 209 -3.87 2.02 61.52
C PHE C 209 -5.25 1.96 62.14
N ILE C 210 -5.77 0.74 62.28
CA ILE C 210 -7.05 0.49 62.94
C ILE C 210 -6.79 -0.53 64.04
N ILE C 211 -7.09 -0.14 65.28
CA ILE C 211 -6.91 -1.00 66.45
C ILE C 211 -8.26 -1.19 67.12
N SER C 212 -8.66 -2.44 67.30
CA SER C 212 -9.93 -2.79 67.92
C SER C 212 -9.69 -3.88 68.96
N VAL C 213 -10.46 -3.85 70.04
CA VAL C 213 -10.29 -4.76 71.16
C VAL C 213 -11.61 -5.46 71.45
N GLN C 214 -11.54 -6.76 71.67
CA GLN C 214 -12.65 -7.56 72.17
C GLN C 214 -12.25 -8.04 73.56
N TYR C 215 -12.80 -7.41 74.59
CA TYR C 215 -12.30 -7.59 75.96
C TYR C 215 -13.43 -8.04 76.87
N GLY C 216 -13.07 -8.89 77.84
CA GLY C 216 -13.98 -9.28 78.90
C GLY C 216 -13.42 -8.86 80.24
N THR C 217 -14.33 -8.59 81.20
CA THR C 217 -13.91 -8.10 82.50
C THR C 217 -13.03 -9.11 83.23
N ASP C 218 -13.41 -10.39 83.17
CA ASP C 218 -12.69 -11.43 83.89
C ASP C 218 -11.60 -12.10 83.07
N THR C 219 -11.41 -11.69 81.81
CA THR C 219 -10.43 -12.33 80.93
C THR C 219 -9.43 -11.30 80.38
N ASN C 220 -9.13 -10.26 81.15
CA ASN C 220 -8.22 -9.21 80.71
C ASN C 220 -6.78 -9.72 80.78
N SER C 221 -6.44 -10.56 79.80
CA SER C 221 -5.08 -11.10 79.76
C SER C 221 -4.09 -10.05 79.30
N VAL C 222 -4.42 -9.29 78.25
CA VAL C 222 -3.54 -8.25 77.74
C VAL C 222 -3.61 -7.05 78.66
N CYS C 223 -2.45 -6.58 79.12
CA CYS C 223 -2.38 -5.42 79.99
C CYS C 223 -1.27 -4.48 79.53
N PRO C 224 -1.44 -3.18 79.74
CA PRO C 224 -0.40 -2.23 79.31
C PRO C 224 0.89 -2.42 80.08
N MET C 225 1.99 -2.11 79.41
CA MET C 225 3.32 -2.20 80.01
C MET C 225 3.77 -0.85 80.57
#